data_6J5A
#
_entry.id   6J5A
#
_cell.length_a   1.00
_cell.length_b   1.00
_cell.length_c   1.00
_cell.angle_alpha   90.00
_cell.angle_beta   90.00
_cell.angle_gamma   90.00
#
_symmetry.space_group_name_H-M   'P 1'
#
loop_
_entity.id
_entity.type
_entity.pdbx_description
1 polymer 'ATP synthase peripheral stalk-membrane subunit b'
2 polymer 'ATP synthase subunit d, mitochondrial'
3 polymer 'ATP synthase subunit e, mitochondrial'
4 polymer 'ATP synthase subunit f, mitochondrial'
5 polymer 'ATP synthase subunit g, mitochondrial'
6 polymer 'ATP synthase membrane subunit DAPIT'
7 polymer 'subunit k analog'
8 polymer 'ATP synthase protein 8'
9 polymer 'ATP synthase subunit a'
10 polymer 'Mitochondrial H+ transporting ATP synthase subunit c isoform 1'
11 polymer 'ATP synthase membrane subunit 6.8PL'
#
loop_
_entity_poly.entity_id
_entity_poly.type
_entity_poly.pdbx_seq_one_letter_code
_entity_poly.pdbx_strand_id
1 'polypeptide(L)'
;PPLPEHGGKVRLGLIPEEFFQFLYPKTGVTGPYVLGTGLILYLLSKEIYVITAETFSAISTIGVLVYIVKKYGASIGAFA
DK
;
b
2 'polypeptide(L)' PFDQMTIEDLNEVFPETKLDKKKY d
3 'polypeptide(L)'
;(UNK)(UNK)(UNK)(UNK)(UNK)(UNK)(UNK)(UNK)(UNK)(UNK)(UNK)(UNK)(UNK)(UNK)(UNK)(UNK)
(UNK)(UNK)(UNK)(UNK)(UNK)(UNK)(UNK)(UNK)(UNK)(UNK)(UNK)(UNK)(UNK)(UNK)(UNK)(UNK)
(UNK)(UNK)(UNK)(UNK)(UNK)(UNK)(UNK)(UNK)(UNK)(UNK)(UNK)(UNK)(UNK)(UNK)(UNK)(UNK)
(UNK)(UNK)(UNK)(UNK)(UNK)(UNK)(UNK)(UNK)(UNK)(UNK)(UNK)(UNK)(UNK)(UNK)(UNK)
;
e
4 'polypeptide(L)'
;ASVVPLKDRRLLEVKLGELPSWILMRDFTPSGIAGAFQRGYYRYYNKYVNVKKGSVAGLSMVLAAYVVFNYCRSYKELKH
ERLRKYH
;
f
5 'polypeptide(L)'
;(UNK)(UNK)(UNK)(UNK)(UNK)(UNK)(UNK)(UNK)(UNK)(UNK)(UNK)(UNK)(UNK)(UNK)(UNK)(UNK)
(UNK)(UNK)(UNK)(UNK)(UNK)(UNK)(UNK)(UNK)(UNK)(UNK)(UNK)(UNK)(UNK)(UNK)(UNK)(UNK)
(UNK)(UNK)(UNK)(UNK)(UNK)(UNK)(UNK)(UNK)(UNK)(UNK)(UNK)(UNK)(UNK)(UNK)(UNK)(UNK)
(UNK)(UNK)(UNK)(UNK)(UNK)(UNK)(UNK)(UNK)(UNK)(UNK)(UNK)(UNK)(UNK)(UNK)(UNK)(UNK)
(UNK)(UNK)(UNK)(UNK)(UNK)(UNK)(UNK)(UNK)(UNK)(UNK)(UNK)(UNK)(UNK)(UNK)(UNK)(UNK)
(UNK)(UNK)(UNK)(UNK)
;
g
6 'polypeptide(L)' QFQFTGIKKYFNSYTLTGRMNCVLATYGGIALLVLYFKLRSK i
7 'polypeptide(L)'
;(UNK)(UNK)(UNK)(UNK)(UNK)(UNK)(UNK)(UNK)(UNK)(UNK)(UNK)(UNK)(UNK)(UNK)(UNK)(UNK)
(UNK)(UNK)(UNK)(UNK)(UNK)(UNK)(UNK)(UNK)(UNK)(UNK)(UNK)(UNK)(UNK)
;
k
8 'polypeptide(L)' DTSTWFITITSMIMTLFILFQLKISNYSYP 8
9 'polypeptide(L)'
;MNENLFASFIAPTMMGLPIVTLIIMFPSLLFPTPKRLINNRTISIQQWLIQLTSKQMMAIHNQKGQTWSLMLMSLIMFIG
STNILGLLPHSFTPTTQLSMNLGMAIPLWSATVFTGFRYKTKTSLAHFLPQGTPALLIPMLVIIETISLFIQPVALAVRL
TANITAGHLLIHLIGGATLALLNINTMTAFITFTILILLTILEFAVALIQAYVFTLLVSLYLHDNT
;
a
10 'polypeptide(L)' IDTAAKFIGAGAATVGVAGSGAGIGTVFGSMIIGYARNPSLKQQLFSYAILGFALSEAMGLFCLMVAFLILF K,L,M,N,O,P,Q,R
11 'polypeptide(L)'
;(UNK)(UNK)(UNK)(UNK)(UNK)(UNK)(UNK)(UNK)(UNK)(UNK)(UNK)(UNK)(UNK)(UNK)(UNK)(UNK)
(UNK)(UNK)(UNK)(UNK)(UNK)(UNK)(UNK)(UNK)(UNK)(UNK)(UNK)(UNK)(UNK)(UNK)(UNK)(UNK)
(UNK)(UNK)(UNK)(UNK)(UNK)(UNK)(UNK)(UNK)(UNK)(UNK)
;
u
#
# COMPACT_ATOMS: atom_id res chain seq x y z
N PRO A 1 -18.84 19.40 -20.51
CA PRO A 1 -18.03 20.30 -19.68
C PRO A 1 -18.78 21.60 -19.39
N PRO A 2 -19.62 22.03 -20.33
CA PRO A 2 -20.38 23.27 -20.15
C PRO A 2 -21.31 23.15 -18.96
N LEU A 3 -21.94 21.99 -18.82
CA LEU A 3 -22.85 21.75 -17.71
C LEU A 3 -22.09 21.82 -16.38
N PRO A 4 -20.90 21.23 -16.36
CA PRO A 4 -20.06 21.26 -15.17
C PRO A 4 -19.69 22.69 -14.82
N GLU A 5 -19.37 23.49 -15.84
CA GLU A 5 -19.01 24.89 -15.63
C GLU A 5 -20.20 25.64 -15.04
N HIS A 6 -21.41 25.41 -15.53
CA HIS A 6 -22.56 26.15 -14.98
C HIS A 6 -22.79 25.86 -13.49
N GLY A 7 -22.68 24.58 -13.13
CA GLY A 7 -22.88 24.15 -11.77
C GLY A 7 -21.86 24.78 -10.83
N GLY A 8 -20.62 24.85 -11.30
CA GLY A 8 -19.56 25.44 -10.51
C GLY A 8 -19.86 26.90 -10.23
N LYS A 9 -20.34 27.61 -11.24
CA LYS A 9 -20.66 29.03 -11.07
C LYS A 9 -21.78 29.19 -10.05
N VAL A 10 -22.78 28.32 -10.12
CA VAL A 10 -23.88 28.39 -9.17
C VAL A 10 -23.38 28.15 -7.75
N ARG A 11 -22.50 27.17 -7.61
CA ARG A 11 -21.93 26.82 -6.31
C ARG A 11 -21.13 28.00 -5.76
N LEU A 12 -20.38 28.66 -6.63
CA LEU A 12 -19.57 29.79 -6.22
C LEU A 12 -20.47 30.90 -5.70
N GLY A 13 -21.59 31.21 -6.35
CA GLY A 13 -22.42 32.29 -5.82
C GLY A 13 -23.02 32.04 -4.43
N LEU A 14 -23.50 30.81 -4.23
CA LEU A 14 -24.12 30.42 -2.97
C LEU A 14 -23.14 30.51 -1.81
N ILE A 15 -21.90 30.10 -2.06
CA ILE A 15 -20.87 30.15 -1.03
C ILE A 15 -20.62 31.60 -0.61
N PRO A 16 -20.58 32.50 -1.58
CA PRO A 16 -20.38 33.92 -1.27
C PRO A 16 -21.53 34.44 -0.42
N GLU A 17 -22.75 34.04 -0.76
CA GLU A 17 -23.90 34.50 0.03
C GLU A 17 -23.79 33.99 1.48
N GLU A 18 -23.39 32.72 1.62
CA GLU A 18 -23.25 32.12 2.94
C GLU A 18 -22.18 32.85 3.74
N PHE A 19 -21.08 33.21 3.08
CA PHE A 19 -19.99 33.91 3.73
C PHE A 19 -20.48 35.26 4.23
N PHE A 20 -21.28 35.95 3.42
CA PHE A 20 -21.80 37.25 3.83
C PHE A 20 -22.68 37.10 5.07
N GLN A 21 -23.51 36.05 5.07
CA GLN A 21 -24.38 35.83 6.22
C GLN A 21 -23.55 35.56 7.49
N PHE A 22 -22.49 34.77 7.33
CA PHE A 22 -21.61 34.44 8.45
C PHE A 22 -20.95 35.69 8.99
N LEU A 23 -20.52 36.57 8.08
CA LEU A 23 -19.87 37.81 8.47
C LEU A 23 -20.83 38.67 9.27
N TYR A 24 -22.09 38.73 8.85
CA TYR A 24 -23.06 39.55 9.60
C TYR A 24 -23.23 39.00 11.02
N PRO A 25 -23.30 37.67 11.12
CA PRO A 25 -23.46 37.04 12.44
C PRO A 25 -22.26 37.36 13.32
N LYS A 26 -21.07 37.30 12.74
CA LYS A 26 -19.84 37.60 13.47
C LYS A 26 -19.83 39.03 13.97
N THR A 27 -20.29 39.94 13.11
CA THR A 27 -20.38 41.35 13.44
C THR A 27 -21.32 41.62 14.61
N GLY A 28 -22.44 40.91 14.68
CA GLY A 28 -23.38 41.15 15.77
C GLY A 28 -22.88 40.86 17.19
N VAL A 29 -22.15 39.75 17.32
CA VAL A 29 -21.58 39.21 18.54
C VAL A 29 -20.30 39.93 19.00
N THR A 30 -19.99 41.09 18.41
CA THR A 30 -18.76 41.80 18.79
C THR A 30 -18.61 42.21 20.28
N GLY A 31 -19.67 42.71 20.94
CA GLY A 31 -19.56 43.07 22.33
C GLY A 31 -19.42 41.93 23.31
N PRO A 32 -20.19 40.85 23.17
CA PRO A 32 -20.39 39.93 24.30
C PRO A 32 -19.43 38.74 24.39
N TYR A 33 -18.35 38.71 23.61
CA TYR A 33 -17.48 37.54 23.56
C TYR A 33 -16.23 37.73 24.43
N VAL A 34 -16.08 36.87 25.44
CA VAL A 34 -14.96 36.97 26.37
C VAL A 34 -14.26 35.62 26.52
N LEU A 35 -14.48 34.71 25.56
CA LEU A 35 -13.94 33.36 25.65
C LEU A 35 -12.67 33.17 24.84
N GLY A 36 -12.71 33.44 23.53
CA GLY A 36 -11.59 33.12 22.67
C GLY A 36 -10.37 33.97 22.92
N THR A 37 -10.57 35.24 23.26
CA THR A 37 -9.45 36.17 23.38
C THR A 37 -8.68 35.94 24.69
N GLY A 38 -9.17 35.07 25.55
CA GLY A 38 -8.34 34.62 26.66
C GLY A 38 -7.36 33.54 26.24
N LEU A 39 -7.73 32.73 25.24
CA LEU A 39 -6.90 31.57 24.89
C LEU A 39 -6.29 31.71 23.51
N ILE A 40 -6.54 32.83 22.82
CA ILE A 40 -5.95 33.00 21.49
C ILE A 40 -4.49 33.42 21.59
N LEU A 41 -4.01 33.67 22.80
CA LEU A 41 -2.64 34.11 22.99
C LEU A 41 -1.68 32.92 23.11
N TYR A 42 -2.11 31.87 23.82
CA TYR A 42 -1.25 30.71 24.00
C TYR A 42 -1.05 29.99 22.67
N LEU A 43 -2.03 30.07 21.77
CA LEU A 43 -1.83 29.58 20.41
C LEU A 43 -1.15 30.63 19.54
N LEU A 44 -0.90 31.83 20.09
CA LEU A 44 -0.10 32.80 19.38
C LEU A 44 1.31 32.89 19.96
N SER A 45 1.48 32.47 21.22
CA SER A 45 2.81 32.49 21.82
C SER A 45 3.56 31.19 21.52
N LYS A 46 2.88 30.05 21.64
CA LYS A 46 3.52 28.76 21.34
C LYS A 46 3.78 28.64 19.85
N GLU A 47 2.95 29.28 19.02
CA GLU A 47 3.22 29.33 17.59
C GLU A 47 4.38 30.26 17.30
N ILE A 48 4.74 31.10 18.26
CA ILE A 48 5.98 31.86 18.16
C ILE A 48 7.14 31.08 18.78
N TYR A 49 6.89 29.86 19.31
CA TYR A 49 8.00 29.09 19.84
C TYR A 49 8.51 28.04 18.87
N VAL A 50 7.73 26.96 18.64
CA VAL A 50 8.34 25.79 18.02
C VAL A 50 7.51 25.02 17.00
N ILE A 51 6.24 25.38 16.81
CA ILE A 51 5.27 24.38 16.36
C ILE A 51 5.26 24.23 14.84
N THR A 52 6.19 24.88 14.14
CA THR A 52 6.23 24.75 12.68
C THR A 52 7.20 23.66 12.26
N ALA A 53 6.72 22.77 11.39
CA ALA A 53 7.50 21.63 10.88
C ALA A 53 6.87 21.13 9.60
N GLU A 54 7.22 19.91 9.21
CA GLU A 54 6.53 19.20 8.13
C GLU A 54 5.29 18.49 8.67
N THR A 55 4.33 19.31 9.09
CA THR A 55 3.06 18.82 9.61
C THR A 55 1.91 19.68 9.10
N PHE A 56 1.89 19.93 7.78
CA PHE A 56 0.65 20.35 7.15
C PHE A 56 -0.25 19.14 6.88
N SER A 57 0.30 17.93 7.06
CA SER A 57 -0.52 16.72 7.06
C SER A 57 -1.10 16.47 8.44
N ALA A 58 -0.90 17.40 9.36
CA ALA A 58 -1.61 17.35 10.63
C ALA A 58 -3.04 17.82 10.45
N ILE A 59 -3.25 18.80 9.58
CA ILE A 59 -4.58 19.37 9.39
C ILE A 59 -5.43 18.44 8.53
N SER A 60 -4.81 17.79 7.54
CA SER A 60 -5.57 16.98 6.59
C SER A 60 -5.99 15.65 7.19
N THR A 61 -5.32 15.21 8.25
CA THR A 61 -5.81 14.07 9.02
C THR A 61 -6.78 14.51 10.09
N ILE A 62 -6.90 15.84 10.28
CA ILE A 62 -7.94 16.38 11.14
C ILE A 62 -9.07 16.97 10.30
N GLY A 63 -8.80 17.23 9.02
CA GLY A 63 -9.87 17.69 8.13
C GLY A 63 -10.78 16.56 7.68
N VAL A 64 -10.21 15.38 7.43
CA VAL A 64 -11.00 14.23 7.04
C VAL A 64 -11.84 13.73 8.22
N LEU A 65 -11.34 13.92 9.44
CA LEU A 65 -12.14 13.54 10.61
C LEU A 65 -13.24 14.54 10.91
N VAL A 66 -13.33 15.63 10.16
CA VAL A 66 -14.49 16.51 10.29
C VAL A 66 -15.64 16.02 9.39
N TYR A 67 -15.31 15.52 8.19
CA TYR A 67 -16.33 15.00 7.28
C TYR A 67 -17.05 13.77 7.82
N ILE A 68 -16.45 13.07 8.78
CA ILE A 68 -17.10 11.88 9.32
C ILE A 68 -18.04 12.27 10.45
N VAL A 69 -17.92 13.51 10.94
CA VAL A 69 -18.89 14.00 11.91
C VAL A 69 -20.24 14.28 11.23
N LYS A 70 -20.21 14.58 9.92
CA LYS A 70 -21.43 14.64 9.10
C LYS A 70 -22.22 13.32 9.14
N LYS A 71 -21.55 12.22 8.82
CA LYS A 71 -22.23 10.93 8.81
C LYS A 71 -22.43 10.39 10.22
N TYR A 72 -21.81 11.03 11.22
CA TYR A 72 -21.99 10.59 12.60
C TYR A 72 -23.38 10.95 13.10
N GLY A 73 -23.99 11.99 12.52
CA GLY A 73 -25.37 12.29 12.83
C GLY A 73 -26.34 11.31 12.20
N ALA A 74 -25.84 10.45 11.31
CA ALA A 74 -26.62 9.30 10.87
C ALA A 74 -26.15 8.04 11.58
N SER A 75 -25.01 8.10 12.26
CA SER A 75 -24.54 6.95 13.01
C SER A 75 -25.30 6.81 14.32
N ILE A 76 -26.03 7.85 14.70
CA ILE A 76 -26.84 7.77 15.91
C ILE A 76 -28.03 6.85 15.68
N GLY A 77 -28.53 6.80 14.45
CA GLY A 77 -29.62 5.92 14.14
C GLY A 77 -29.16 4.46 14.08
N ALA A 78 -27.96 4.24 13.57
CA ALA A 78 -27.39 2.90 13.63
C ALA A 78 -27.04 2.53 15.07
N PHE A 79 -26.77 3.52 15.92
CA PHE A 79 -26.44 3.22 17.29
C PHE A 79 -27.68 2.98 18.12
N ALA A 80 -28.65 3.89 18.06
CA ALA A 80 -29.77 3.84 18.99
C ALA A 80 -30.85 2.85 18.52
N ASP A 81 -30.64 2.23 17.37
CA ASP A 81 -31.58 1.20 16.91
C ASP A 81 -31.51 -0.01 17.81
N LYS A 82 -30.31 -0.43 18.17
CA LYS A 82 -30.11 -1.66 18.89
C LYS A 82 -30.30 -1.47 20.37
N PRO B 1 -38.76 -5.05 36.16
CA PRO B 1 -38.22 -3.77 36.62
C PRO B 1 -38.11 -2.75 35.51
N PHE B 2 -37.05 -1.95 35.54
CA PHE B 2 -36.85 -0.86 34.58
C PHE B 2 -36.42 -1.44 33.24
N ASP B 3 -36.32 -0.57 32.24
CA ASP B 3 -35.75 -0.99 30.96
C ASP B 3 -34.28 -1.35 31.12
N GLN B 4 -33.53 -0.52 31.84
CA GLN B 4 -32.09 -0.66 31.98
C GLN B 4 -31.69 -1.38 33.26
N MET B 5 -32.41 -2.44 33.63
CA MET B 5 -32.41 -2.90 35.02
C MET B 5 -31.13 -3.64 35.39
N THR B 6 -30.88 -4.81 34.82
CA THR B 6 -29.87 -5.69 35.41
C THR B 6 -29.39 -6.68 34.37
N ILE B 7 -28.16 -7.18 34.58
CA ILE B 7 -27.60 -8.14 33.66
C ILE B 7 -27.65 -9.54 34.25
N GLU B 8 -28.14 -9.66 35.48
CA GLU B 8 -28.27 -10.98 36.10
C GLU B 8 -29.73 -11.31 36.39
N ASP B 9 -30.56 -10.29 36.61
CA ASP B 9 -31.98 -10.54 36.81
C ASP B 9 -32.66 -10.90 35.49
N LEU B 10 -32.10 -10.45 34.37
CA LEU B 10 -32.55 -10.91 33.07
C LEU B 10 -31.91 -12.25 32.73
N ASN B 11 -31.02 -12.75 33.59
CA ASN B 11 -30.38 -14.03 33.35
C ASN B 11 -31.12 -15.16 34.07
N GLU B 12 -32.43 -15.02 34.25
CA GLU B 12 -33.22 -16.16 34.74
C GLU B 12 -34.08 -16.74 33.63
N VAL B 13 -34.84 -15.90 32.92
CA VAL B 13 -35.72 -16.38 31.86
C VAL B 13 -34.90 -16.79 30.65
N PHE B 14 -34.23 -15.84 30.01
CA PHE B 14 -33.29 -16.13 28.94
C PHE B 14 -32.09 -16.85 29.50
N PRO B 15 -31.65 -17.89 28.84
CA PRO B 15 -30.76 -18.85 29.53
C PRO B 15 -29.29 -18.61 29.33
N GLU B 16 -28.49 -19.26 30.19
CA GLU B 16 -27.07 -19.42 29.98
C GLU B 16 -26.74 -20.89 30.25
N THR B 17 -25.56 -21.32 29.84
CA THR B 17 -25.25 -22.73 29.91
C THR B 17 -23.76 -22.90 30.19
N LYS B 18 -23.25 -24.12 29.97
CA LYS B 18 -21.83 -24.41 30.13
C LYS B 18 -21.10 -24.12 28.83
N LEU B 19 -19.83 -24.51 28.75
CA LEU B 19 -18.96 -24.21 27.60
C LEU B 19 -19.49 -24.96 26.38
N ASP B 20 -19.54 -24.24 25.26
CA ASP B 20 -19.89 -24.76 23.93
C ASP B 20 -21.30 -25.34 23.89
N LYS B 21 -22.26 -24.49 24.22
CA LYS B 21 -23.65 -24.87 24.01
C LYS B 21 -24.25 -24.19 22.79
N LYS B 22 -24.19 -22.85 22.74
CA LYS B 22 -24.77 -22.08 21.64
C LYS B 22 -23.92 -22.29 20.40
N LYS B 23 -24.44 -23.10 19.47
CA LYS B 23 -23.70 -23.40 18.24
C LYS B 23 -23.58 -22.19 17.36
N TYR B 24 -24.71 -21.59 16.98
CA TYR B 24 -24.69 -20.39 16.15
C TYR B 24 -24.33 -19.18 17.00
N UNK C 1 -6.06 39.48 46.03
CA UNK C 1 -5.60 40.45 45.04
C UNK C 1 -6.61 40.56 43.90
N UNK C 2 -6.14 40.97 42.73
CA UNK C 2 -6.88 41.00 41.45
C UNK C 2 -8.12 41.88 41.41
N UNK C 3 -8.03 42.96 40.66
CA UNK C 3 -9.17 43.85 40.46
C UNK C 3 -9.61 43.87 38.99
N UNK C 4 -10.84 44.32 38.75
CA UNK C 4 -11.39 44.35 37.40
C UNK C 4 -11.11 45.70 36.74
N UNK C 5 -10.37 46.55 37.43
CA UNK C 5 -9.94 47.83 36.87
C UNK C 5 -8.43 47.79 36.62
N UNK C 6 -7.73 47.08 37.50
CA UNK C 6 -6.28 46.89 37.38
C UNK C 6 -5.98 45.97 36.21
N UNK C 7 -6.91 45.05 35.96
CA UNK C 7 -6.80 44.13 34.84
C UNK C 7 -6.90 44.89 33.52
N UNK C 8 -7.65 45.98 33.51
CA UNK C 8 -7.75 46.85 32.34
C UNK C 8 -6.44 47.60 32.16
N UNK C 9 -5.86 47.97 33.29
CA UNK C 9 -4.57 48.64 33.36
C UNK C 9 -3.51 47.66 32.85
N UNK C 10 -3.70 46.39 33.22
CA UNK C 10 -2.80 45.32 32.83
C UNK C 10 -2.75 45.17 31.33
N UNK C 11 -3.88 45.30 30.65
CA UNK C 11 -3.89 45.17 29.19
C UNK C 11 -3.04 46.27 28.56
N UNK C 12 -3.25 47.50 29.03
CA UNK C 12 -2.51 48.65 28.54
C UNK C 12 -1.04 48.43 28.87
N UNK C 13 -0.80 47.92 30.08
CA UNK C 13 0.55 47.63 30.54
C UNK C 13 1.17 46.56 29.64
N UNK C 14 0.37 45.54 29.30
CA UNK C 14 0.83 44.48 28.43
C UNK C 14 1.19 45.03 27.06
N UNK C 15 0.37 45.96 26.56
CA UNK C 15 0.62 46.58 25.26
C UNK C 15 1.93 47.36 25.30
N UNK C 16 2.14 48.06 26.41
CA UNK C 16 3.37 48.83 26.60
C UNK C 16 4.57 47.91 26.62
N UNK C 17 4.43 46.77 27.28
CA UNK C 17 5.49 45.77 27.37
C UNK C 17 5.81 45.25 25.98
N UNK C 18 4.78 45.01 25.18
CA UNK C 18 4.97 44.51 23.82
C UNK C 18 5.73 45.55 22.99
N UNK C 19 5.37 46.82 23.18
CA UNK C 19 6.03 47.90 22.47
C UNK C 19 7.50 47.96 22.87
N UNK C 20 7.78 47.79 24.16
CA UNK C 20 9.13 47.80 24.67
C UNK C 20 9.93 46.65 24.08
N UNK C 21 9.29 45.48 23.97
CA UNK C 21 9.92 44.31 23.41
C UNK C 21 10.30 44.56 21.96
N UNK C 22 9.39 45.21 21.22
CA UNK C 22 9.68 45.52 19.83
C UNK C 22 10.87 46.48 19.77
N UNK C 23 10.84 47.48 20.65
CA UNK C 23 11.93 48.44 20.74
C UNK C 23 13.19 47.72 21.21
N UNK C 24 13.02 46.82 22.18
CA UNK C 24 14.15 46.06 22.70
C UNK C 24 14.30 44.86 21.76
N UNK C 25 13.15 44.24 21.47
CA UNK C 25 13.07 43.10 20.58
C UNK C 25 13.47 43.53 19.18
N UNK C 26 13.02 44.70 18.77
CA UNK C 26 13.34 45.21 17.45
C UNK C 26 14.84 45.41 17.31
N UNK C 27 15.45 45.96 18.35
CA UNK C 27 16.89 46.20 18.36
C UNK C 27 17.63 44.88 18.28
N UNK C 28 17.14 43.90 19.03
CA UNK C 28 17.75 42.59 19.06
C UNK C 28 17.66 41.96 17.67
N UNK C 29 16.52 42.12 17.02
CA UNK C 29 16.29 41.57 15.70
C UNK C 29 17.26 42.22 14.71
N UNK C 30 17.44 43.52 14.83
CA UNK C 30 18.34 44.23 13.93
C UNK C 30 19.76 43.71 14.12
N UNK C 31 20.15 43.53 15.39
CA UNK C 31 21.49 43.05 15.70
C UNK C 31 21.68 41.65 15.14
N UNK C 32 20.65 40.82 15.29
CA UNK C 32 20.68 39.45 14.82
C UNK C 32 20.83 39.42 13.31
N UNK C 33 20.12 40.30 12.61
CA UNK C 33 20.19 40.36 11.17
C UNK C 33 21.59 40.76 10.74
N UNK C 34 22.15 41.74 11.46
CA UNK C 34 23.50 42.19 11.16
C UNK C 34 24.48 41.06 11.36
N UNK C 35 24.32 40.30 12.44
CA UNK C 35 25.20 39.19 12.75
C UNK C 35 25.09 38.10 11.68
N UNK C 36 23.86 37.87 11.23
CA UNK C 36 23.61 36.86 10.23
C UNK C 36 24.31 37.24 8.95
N UNK C 37 24.25 38.51 8.56
CA UNK C 37 24.94 38.92 7.35
C UNK C 37 26.44 38.75 7.58
N UNK C 38 26.87 39.22 8.74
CA UNK C 38 28.25 39.15 9.18
C UNK C 38 28.70 37.74 9.47
N UNK C 39 27.85 36.93 10.10
CA UNK C 39 28.31 35.58 10.39
C UNK C 39 27.98 34.64 9.24
N UNK C 40 26.77 34.80 8.70
CA UNK C 40 26.31 33.98 7.59
C UNK C 40 27.19 34.22 6.37
N UNK C 41 27.55 35.47 6.13
CA UNK C 41 28.40 35.81 5.01
C UNK C 41 29.76 35.15 5.17
N UNK C 42 30.29 35.18 6.40
CA UNK C 42 31.59 34.57 6.66
C UNK C 42 31.52 33.07 6.42
N UNK C 43 30.42 32.45 6.86
CA UNK C 43 30.22 31.02 6.69
C UNK C 43 30.16 30.67 5.21
N UNK C 44 29.46 31.51 4.45
CA UNK C 44 29.32 31.30 3.01
C UNK C 44 30.69 31.37 2.35
N UNK C 45 31.50 32.33 2.78
CA UNK C 45 32.84 32.49 2.21
C UNK C 45 33.67 31.24 2.52
N UNK C 46 33.54 30.74 3.75
CA UNK C 46 34.29 29.56 4.14
C UNK C 46 33.86 28.35 3.30
N UNK C 47 32.56 28.24 3.06
CA UNK C 47 32.02 27.14 2.27
C UNK C 47 32.54 27.22 0.85
N UNK C 48 32.60 28.43 0.30
CA UNK C 48 33.10 28.63 -1.05
C UNK C 48 34.56 28.22 -1.12
N UNK C 49 35.33 28.59 -0.10
CA UNK C 49 36.73 28.23 -0.04
C UNK C 49 36.85 26.72 0.03
N UNK C 50 35.96 26.10 0.81
CA UNK C 50 35.97 24.66 0.98
C UNK C 50 35.59 23.98 -0.32
N UNK C 51 34.60 24.54 -1.01
CA UNK C 51 34.14 24.00 -2.29
C UNK C 51 35.25 24.07 -3.31
N UNK C 52 35.98 25.19 -3.31
CA UNK C 52 37.10 25.36 -4.23
C UNK C 52 38.17 24.32 -3.94
N UNK C 53 38.44 24.07 -2.66
CA UNK C 53 39.42 23.08 -2.27
C UNK C 53 38.99 21.69 -2.74
N UNK C 54 37.70 21.40 -2.60
CA UNK C 54 37.14 20.12 -3.02
C UNK C 54 37.29 19.96 -4.53
N UNK C 55 37.06 21.04 -5.27
CA UNK C 55 37.19 21.03 -6.72
C UNK C 55 38.64 20.76 -7.10
N UNK C 56 39.57 21.37 -6.36
CA UNK C 56 40.99 21.17 -6.60
C UNK C 56 41.34 19.71 -6.35
N UNK C 57 40.79 19.13 -5.29
CA UNK C 57 41.03 17.73 -4.96
C UNK C 57 40.51 16.83 -6.07
N UNK C 58 39.33 17.17 -6.60
CA UNK C 58 38.73 16.41 -7.68
C UNK C 58 39.62 16.47 -8.91
N UNK C 59 40.18 17.64 -9.19
CA UNK C 59 41.07 17.81 -10.33
C UNK C 59 42.31 16.96 -10.13
N UNK C 60 42.83 16.96 -8.90
CA UNK C 60 43.99 16.17 -8.54
C UNK C 60 43.65 14.70 -8.70
N UNK C 61 42.43 14.34 -8.31
CA UNK C 61 41.99 12.96 -8.43
C UNK C 61 41.89 12.57 -9.91
N UNK C 62 41.37 13.48 -10.71
CA UNK C 62 41.24 13.26 -12.14
C UNK C 62 42.61 13.08 -12.79
N UNK C 63 43.57 13.89 -12.35
CA UNK C 63 44.93 13.83 -12.87
C UNK C 63 45.62 12.54 -12.45
N ALA D 1 -0.34 5.02 45.03
CA ALA D 1 -0.60 5.90 43.89
C ALA D 1 -1.42 5.17 42.85
N SER D 2 -1.70 3.89 43.11
CA SER D 2 -2.50 3.11 42.17
C SER D 2 -3.97 3.47 42.27
N VAL D 3 -4.45 3.75 43.48
CA VAL D 3 -5.84 4.19 43.65
C VAL D 3 -5.99 5.64 43.25
N VAL D 4 -4.87 6.34 43.07
CA VAL D 4 -4.94 7.70 42.53
C VAL D 4 -5.13 7.68 41.03
N PRO D 5 -4.36 6.93 40.26
CA PRO D 5 -4.58 6.94 38.80
C PRO D 5 -5.80 6.14 38.38
N LEU D 6 -6.23 5.18 39.19
CA LEU D 6 -7.43 4.43 38.86
C LEU D 6 -8.67 5.26 39.06
N LYS D 7 -8.62 6.23 39.97
CA LYS D 7 -9.77 7.10 40.20
C LYS D 7 -9.72 8.32 39.28
N ASP D 8 -8.76 8.35 38.35
CA ASP D 8 -8.79 9.37 37.31
C ASP D 8 -9.62 8.91 36.12
N ARG D 9 -9.43 7.65 35.69
CA ARG D 9 -10.17 7.15 34.54
C ARG D 9 -11.63 6.90 34.90
N ARG D 10 -11.90 6.48 36.14
CA ARG D 10 -13.28 6.25 36.54
C ARG D 10 -14.01 7.56 36.80
N LEU D 11 -13.30 8.69 36.78
CA LEU D 11 -13.96 9.98 36.76
C LEU D 11 -14.07 10.52 35.34
N LEU D 12 -13.10 10.20 34.48
CA LEU D 12 -13.15 10.68 33.10
C LEU D 12 -13.83 9.68 32.17
N GLU D 13 -14.41 8.63 32.75
CA GLU D 13 -15.33 7.80 31.99
C GLU D 13 -16.77 8.14 32.34
N VAL D 14 -17.14 8.08 33.63
CA VAL D 14 -18.55 8.11 34.02
C VAL D 14 -19.13 9.51 33.85
N LYS D 15 -18.27 10.50 33.65
CA LYS D 15 -18.74 11.86 33.47
C LYS D 15 -18.52 12.37 32.06
N LEU D 16 -17.28 12.31 31.60
CA LEU D 16 -16.95 12.77 30.25
C LEU D 16 -17.62 11.92 29.18
N GLY D 17 -17.37 10.61 29.22
CA GLY D 17 -17.94 9.72 28.23
C GLY D 17 -18.68 8.46 28.64
N GLU D 18 -18.65 8.08 29.90
CA GLU D 18 -19.30 6.84 30.29
C GLU D 18 -20.09 6.83 31.60
N LEU D 19 -21.07 5.93 31.65
CA LEU D 19 -21.92 5.73 32.83
C LEU D 19 -22.87 4.56 32.61
N PRO D 20 -22.35 3.47 32.06
CA PRO D 20 -23.17 2.28 31.77
C PRO D 20 -24.29 1.95 32.76
N SER D 21 -24.93 0.81 32.48
CA SER D 21 -26.08 0.23 33.17
C SER D 21 -25.65 -0.64 34.34
N TRP D 22 -26.41 -1.71 34.62
CA TRP D 22 -26.32 -2.61 35.77
C TRP D 22 -26.76 -1.95 37.06
N ILE D 23 -28.09 -1.91 37.24
CA ILE D 23 -28.84 -1.25 38.32
C ILE D 23 -28.22 -1.49 39.68
N LEU D 24 -28.37 -0.46 40.54
CA LEU D 24 -27.39 0.20 41.42
C LEU D 24 -26.64 1.23 40.60
N MET D 25 -26.96 1.31 39.32
CA MET D 25 -26.44 2.34 38.43
C MET D 25 -27.46 2.69 37.37
N ARG D 26 -28.73 2.32 37.59
CA ARG D 26 -29.74 2.42 36.55
C ARG D 26 -30.08 3.88 36.24
N ASP D 27 -30.31 4.68 37.27
CA ASP D 27 -30.48 6.11 37.05
C ASP D 27 -29.14 6.76 36.79
N PHE D 28 -28.04 6.10 37.19
CA PHE D 28 -26.72 6.58 36.78
C PHE D 28 -26.47 6.28 35.32
N THR D 29 -27.08 5.22 34.80
CA THR D 29 -27.03 4.98 33.37
C THR D 29 -27.75 6.05 32.59
N PRO D 30 -28.95 6.48 32.99
CA PRO D 30 -29.61 7.56 32.22
C PRO D 30 -28.99 8.91 32.46
N SER D 31 -28.10 9.02 33.45
CA SER D 31 -27.35 10.25 33.63
C SER D 31 -26.42 10.50 32.45
N GLY D 32 -25.97 9.42 31.82
CA GLY D 32 -25.25 9.57 30.57
C GLY D 32 -26.16 9.65 29.36
N ILE D 33 -27.47 9.44 29.56
CA ILE D 33 -28.38 9.48 28.42
C ILE D 33 -28.59 10.92 27.98
N ALA D 34 -28.75 11.84 28.93
CA ALA D 34 -28.57 13.24 28.58
C ALA D 34 -27.12 13.51 28.25
N GLY D 35 -26.21 12.94 29.03
CA GLY D 35 -24.78 13.06 28.79
C GLY D 35 -24.20 14.38 29.24
N ALA D 36 -22.90 14.38 29.53
CA ALA D 36 -22.14 15.62 29.69
C ALA D 36 -21.51 16.04 28.38
N PHE D 37 -22.02 15.52 27.26
CA PHE D 37 -21.53 15.91 25.95
C PHE D 37 -21.85 17.37 25.64
N GLN D 38 -22.95 17.88 26.21
CA GLN D 38 -23.24 19.31 26.12
C GLN D 38 -22.19 20.11 26.87
N ARG D 39 -21.62 19.53 27.93
CA ARG D 39 -20.49 20.17 28.59
C ARG D 39 -19.22 20.02 27.76
N GLY D 40 -19.08 18.89 27.07
CA GLY D 40 -17.86 18.68 26.32
C GLY D 40 -17.84 19.39 24.99
N TYR D 41 -18.95 20.02 24.63
CA TYR D 41 -19.16 20.43 23.25
C TYR D 41 -18.35 21.67 22.89
N TYR D 42 -18.22 22.60 23.83
CA TYR D 42 -17.94 23.98 23.46
C TYR D 42 -16.48 24.21 23.09
N ARG D 43 -15.67 23.16 23.10
CA ARG D 43 -14.24 23.37 22.93
C ARG D 43 -13.89 23.53 21.45
N TYR D 44 -14.58 22.84 20.53
CA TYR D 44 -14.02 22.86 19.19
C TYR D 44 -14.40 24.11 18.42
N TYR D 45 -15.58 24.15 17.81
CA TYR D 45 -16.35 25.39 17.69
C TYR D 45 -17.82 25.13 17.97
N ASN D 46 -18.46 24.38 17.06
CA ASN D 46 -19.76 23.75 17.25
C ASN D 46 -19.84 22.42 16.52
N LYS D 47 -18.95 22.24 15.53
CA LYS D 47 -19.17 21.40 14.35
C LYS D 47 -19.30 19.90 14.60
N TYR D 48 -18.60 19.35 15.59
CA TYR D 48 -18.73 17.92 15.88
C TYR D 48 -20.02 17.68 16.65
N VAL D 49 -21.14 17.74 15.96
CA VAL D 49 -22.45 17.75 16.60
C VAL D 49 -23.00 16.33 16.72
N ASN D 50 -22.33 15.37 16.11
CA ASN D 50 -22.85 14.02 15.97
C ASN D 50 -22.61 13.16 17.21
N VAL D 51 -22.28 13.78 18.34
CA VAL D 51 -21.83 13.04 19.51
C VAL D 51 -22.97 12.39 20.30
N LYS D 52 -24.19 12.38 19.74
CA LYS D 52 -25.39 12.02 20.49
C LYS D 52 -25.38 10.55 20.92
N LYS D 53 -25.20 9.65 19.97
CA LYS D 53 -25.03 8.25 20.32
C LYS D 53 -23.75 7.64 19.78
N GLY D 54 -23.11 8.25 18.78
CA GLY D 54 -21.70 8.00 18.58
C GLY D 54 -20.93 9.21 19.06
N SER D 55 -20.38 9.15 20.28
CA SER D 55 -19.92 10.34 20.99
C SER D 55 -18.49 10.73 20.65
N VAL D 56 -18.33 11.85 19.93
CA VAL D 56 -17.01 12.25 19.48
C VAL D 56 -16.19 12.82 20.63
N ALA D 57 -16.81 13.73 21.40
CA ALA D 57 -16.06 14.45 22.43
C ALA D 57 -15.70 13.53 23.60
N GLY D 58 -16.38 12.40 23.72
CA GLY D 58 -15.93 11.38 24.65
C GLY D 58 -14.64 10.73 24.21
N LEU D 59 -14.49 10.47 22.92
CA LEU D 59 -13.31 9.76 22.45
C LEU D 59 -12.21 10.72 22.03
N SER D 60 -12.58 11.84 21.39
CA SER D 60 -11.56 12.66 20.73
C SER D 60 -10.75 13.50 21.70
N MET D 61 -10.97 13.32 23.00
CA MET D 61 -10.13 13.99 23.99
C MET D 61 -8.92 13.14 24.35
N VAL D 62 -9.10 11.81 24.45
CA VAL D 62 -7.99 10.92 24.71
C VAL D 62 -6.99 10.96 23.55
N LEU D 63 -7.51 10.92 22.33
CA LEU D 63 -6.64 10.95 21.16
C LEU D 63 -6.02 12.33 20.96
N ALA D 64 -6.62 13.37 21.53
CA ALA D 64 -5.94 14.66 21.52
C ALA D 64 -4.92 14.74 22.65
N ALA D 65 -5.08 13.90 23.67
CA ALA D 65 -4.08 13.84 24.73
C ALA D 65 -2.89 13.00 24.32
N TYR D 66 -3.12 11.96 23.52
CA TYR D 66 -2.04 11.07 23.12
C TYR D 66 -1.17 11.70 22.04
N VAL D 67 -1.67 12.74 21.36
CA VAL D 67 -0.84 13.43 20.40
C VAL D 67 0.14 14.37 21.09
N VAL D 68 -0.37 15.20 22.02
CA VAL D 68 0.49 16.20 22.65
C VAL D 68 1.43 15.54 23.66
N PHE D 69 1.10 14.32 24.08
CA PHE D 69 2.03 13.54 24.90
C PHE D 69 3.19 13.02 24.04
N ASN D 70 2.91 12.73 22.78
CA ASN D 70 3.99 12.26 21.91
C ASN D 70 4.65 13.41 21.17
N TYR D 71 4.18 14.64 21.38
CA TYR D 71 4.92 15.75 20.82
C TYR D 71 6.13 16.09 21.68
N CYS D 72 6.14 15.62 22.93
CA CYS D 72 7.24 15.95 23.83
C CYS D 72 8.50 15.16 23.50
N ARG D 73 8.35 13.88 23.15
CA ARG D 73 9.52 13.06 22.85
C ARG D 73 10.17 13.49 21.55
N SER D 74 9.37 13.92 20.59
CA SER D 74 9.91 14.29 19.29
C SER D 74 10.59 15.65 19.33
N TYR D 75 10.40 16.40 20.42
CA TYR D 75 10.82 17.80 20.43
C TYR D 75 12.33 17.94 20.44
N LYS D 76 13.02 16.98 21.07
CA LYS D 76 14.47 17.05 21.17
C LYS D 76 15.13 16.85 19.80
N GLU D 77 14.49 16.08 18.93
CA GLU D 77 15.15 15.71 17.68
C GLU D 77 14.96 16.76 16.60
N LEU D 78 13.77 17.32 16.49
CA LEU D 78 13.44 18.23 15.38
C LEU D 78 13.47 19.70 15.79
N LYS D 79 14.50 20.09 16.54
CA LYS D 79 14.73 21.42 17.11
C LYS D 79 14.45 22.61 16.17
N HIS D 80 15.27 22.82 15.14
CA HIS D 80 15.05 23.69 13.97
C HIS D 80 14.91 25.19 14.30
N GLU D 81 14.88 25.56 15.57
CA GLU D 81 14.55 26.91 15.95
C GLU D 81 15.79 27.79 15.95
N ARG D 82 15.65 28.99 15.39
CA ARG D 82 16.75 29.94 15.34
C ARG D 82 16.86 30.70 16.65
N LEU D 83 17.62 31.79 16.63
CA LEU D 83 17.79 32.66 17.79
C LEU D 83 16.69 33.73 17.83
N ARG D 84 15.46 33.26 17.67
CA ARG D 84 14.30 34.13 17.52
C ARG D 84 13.04 33.30 17.71
N LYS D 85 11.93 33.89 17.30
CA LYS D 85 10.63 33.23 17.25
C LYS D 85 10.15 33.18 15.81
N TYR D 86 9.11 32.39 15.57
CA TYR D 86 8.56 32.28 14.24
C TYR D 86 7.58 33.43 13.97
N HIS D 87 6.95 33.37 12.80
CA HIS D 87 5.94 34.35 12.41
C HIS D 87 4.73 34.29 13.35
N UNK E 1 -11.19 60.55 21.40
CA UNK E 1 -11.64 61.90 21.73
C UNK E 1 -10.83 62.47 22.88
N UNK E 2 -11.00 63.78 23.12
CA UNK E 2 -10.37 64.43 24.27
C UNK E 2 -11.09 63.99 25.54
N UNK E 3 -12.39 63.75 25.39
CA UNK E 3 -13.20 63.20 26.48
C UNK E 3 -12.90 61.72 26.64
N UNK E 4 -12.36 61.11 25.58
CA UNK E 4 -11.89 59.74 25.64
C UNK E 4 -10.38 59.71 25.92
N UNK E 5 -9.84 60.87 26.28
CA UNK E 5 -8.42 60.98 26.64
C UNK E 5 -8.28 61.30 28.13
N UNK E 6 -9.09 62.24 28.61
CA UNK E 6 -9.05 62.64 30.01
C UNK E 6 -9.67 61.57 30.89
N UNK E 7 -10.65 60.84 30.34
CA UNK E 7 -11.31 59.76 31.07
C UNK E 7 -10.37 58.57 31.23
N UNK E 8 -9.42 58.44 30.30
CA UNK E 8 -8.39 57.42 30.40
C UNK E 8 -7.46 57.75 31.57
N UNK E 9 -7.12 59.03 31.70
CA UNK E 9 -6.27 59.48 32.80
C UNK E 9 -7.06 59.52 34.09
N UNK E 10 -8.36 59.72 33.99
CA UNK E 10 -9.24 59.68 35.15
C UNK E 10 -9.37 58.26 35.64
N UNK E 11 -9.43 57.32 34.70
CA UNK E 11 -9.45 55.91 35.04
C UNK E 11 -8.09 55.51 35.60
N UNK E 12 -7.03 56.09 35.03
CA UNK E 12 -5.66 55.83 35.47
C UNK E 12 -5.45 56.32 36.90
N UNK E 13 -6.10 57.43 37.23
CA UNK E 13 -6.09 57.92 38.60
C UNK E 13 -6.95 57.00 39.46
N UNK E 14 -8.05 56.54 38.89
CA UNK E 14 -8.98 55.66 39.60
C UNK E 14 -8.37 54.29 39.81
N UNK E 15 -7.58 53.85 38.84
CA UNK E 15 -6.93 52.55 38.94
C UNK E 15 -5.83 52.60 39.97
N UNK E 16 -4.91 53.56 39.81
CA UNK E 16 -3.71 53.65 40.64
C UNK E 16 -4.02 53.94 42.09
N UNK E 17 -5.16 54.54 42.36
CA UNK E 17 -5.64 54.72 43.71
C UNK E 17 -5.98 53.37 44.32
N UNK E 18 -6.52 52.48 43.50
CA UNK E 18 -6.90 51.15 43.96
C UNK E 18 -5.80 50.13 43.70
N UNK E 19 -4.98 50.39 42.69
CA UNK E 19 -3.91 49.46 42.33
C UNK E 19 -2.81 49.47 43.37
N UNK E 20 -2.38 50.68 43.74
CA UNK E 20 -1.36 50.84 44.75
C UNK E 20 -1.90 50.48 46.12
N UNK E 21 -3.23 50.56 46.26
CA UNK E 21 -3.89 50.05 47.44
C UNK E 21 -3.79 48.53 47.50
N UNK E 22 -3.78 47.90 46.32
CA UNK E 22 -3.81 46.45 46.23
C UNK E 22 -2.42 45.84 46.07
N UNK E 23 -1.57 46.48 45.27
CA UNK E 23 -0.23 45.97 45.00
C UNK E 23 0.64 46.01 46.24
N UNK E 24 0.45 47.04 47.05
CA UNK E 24 1.19 47.15 48.30
C UNK E 24 0.63 46.17 49.32
N UNK E 25 -0.68 45.94 49.27
CA UNK E 25 -1.34 45.02 50.19
C UNK E 25 -0.93 43.59 49.87
N UNK E 26 -0.77 43.30 48.60
CA UNK E 26 -0.31 41.99 48.16
C UNK E 26 1.16 41.81 48.53
N UNK E 27 1.91 42.90 48.44
CA UNK E 27 3.30 42.92 48.87
C UNK E 27 3.39 42.70 50.37
N UNK E 28 2.44 43.29 51.09
CA UNK E 28 2.34 43.12 52.54
C UNK E 28 1.84 41.73 52.88
N UNK E 29 1.04 41.16 51.99
CA UNK E 29 0.50 39.80 52.15
C UNK E 29 1.62 38.79 52.08
N UNK E 30 2.64 39.12 51.29
CA UNK E 30 3.86 38.35 51.25
C UNK E 30 4.75 38.69 52.44
N UNK E 31 4.77 39.97 52.79
CA UNK E 31 5.70 40.49 53.80
C UNK E 31 5.42 39.99 55.20
N UNK E 32 4.17 40.05 55.62
CA UNK E 32 3.79 39.64 56.96
C UNK E 32 3.87 38.13 57.10
N UNK E 33 3.69 37.42 55.99
CA UNK E 33 3.75 35.97 55.99
C UNK E 33 5.20 35.50 56.05
N UNK E 34 6.03 36.03 55.16
CA UNK E 34 7.40 35.56 55.01
C UNK E 34 8.42 36.40 55.77
N UNK E 35 8.03 36.94 56.92
CA UNK E 35 8.95 37.71 57.75
C UNK E 35 9.66 36.78 58.73
N UNK E 36 9.11 35.59 58.91
CA UNK E 36 9.67 34.61 59.84
C UNK E 36 10.80 33.81 59.18
N UNK E 37 11.20 32.73 59.85
CA UNK E 37 12.26 31.82 59.37
C UNK E 37 11.90 31.14 58.05
N UNK E 38 10.59 30.84 57.93
CA UNK E 38 9.70 30.22 56.89
C UNK E 38 8.85 29.13 57.51
N UNK E 39 7.66 29.55 57.94
CA UNK E 39 6.65 28.68 58.49
C UNK E 39 5.50 28.78 57.51
N UNK E 40 5.62 29.74 56.62
CA UNK E 40 4.62 29.99 55.57
C UNK E 40 3.17 30.11 56.06
N UNK E 41 2.28 30.33 55.10
CA UNK E 41 0.85 30.42 55.35
C UNK E 41 0.10 29.73 54.22
N UNK E 42 0.48 28.48 53.96
CA UNK E 42 -0.06 27.71 52.84
C UNK E 42 -1.49 27.26 53.09
N UNK E 43 -2.10 26.68 52.06
CA UNK E 43 -3.44 26.13 52.18
C UNK E 43 -3.35 24.69 52.68
N UNK E 44 -2.89 24.54 53.92
CA UNK E 44 -2.65 23.26 54.60
C UNK E 44 -1.72 22.33 53.81
N UNK E 45 -0.46 22.72 53.67
CA UNK E 45 0.50 21.95 52.88
C UNK E 45 0.95 20.69 53.60
N UNK E 46 0.55 19.55 53.07
CA UNK E 46 0.91 18.26 53.66
C UNK E 46 0.91 17.20 52.56
N UNK E 47 0.34 17.57 51.41
CA UNK E 47 0.27 16.76 50.20
C UNK E 47 -0.34 15.38 50.41
N UNK E 48 -1.67 15.32 50.45
CA UNK E 48 -2.46 14.07 50.50
C UNK E 48 -2.07 13.10 51.62
N UNK E 49 -2.19 13.52 52.87
CA UNK E 49 -1.77 12.69 54.00
C UNK E 49 -2.94 12.01 54.71
N UNK E 50 -3.53 12.69 55.69
CA UNK E 50 -4.61 12.12 56.48
C UNK E 50 -5.93 12.88 56.30
N UNK E 51 -5.83 14.16 55.99
CA UNK E 51 -7.01 14.95 55.69
C UNK E 51 -7.43 14.69 54.25
N UNK E 52 -8.74 14.50 54.05
CA UNK E 52 -9.28 14.26 52.73
C UNK E 52 -9.66 15.55 52.04
N UNK E 53 -9.37 16.68 52.69
CA UNK E 53 -9.65 18.00 52.14
C UNK E 53 -8.45 18.53 51.36
N UNK E 54 -7.59 17.63 50.89
CA UNK E 54 -6.46 17.98 50.06
C UNK E 54 -6.79 17.70 48.59
N UNK E 55 -8.08 17.59 48.32
CA UNK E 55 -8.56 17.54 46.95
C UNK E 55 -9.31 18.82 46.71
N UNK E 56 -10.04 19.24 47.74
CA UNK E 56 -10.74 20.52 47.72
C UNK E 56 -9.73 21.65 47.76
N UNK E 57 -8.67 21.45 48.54
CA UNK E 57 -7.56 22.40 48.57
C UNK E 57 -6.74 22.27 47.30
N UNK E 58 -6.86 21.12 46.62
CA UNK E 58 -6.25 20.92 45.32
C UNK E 58 -7.14 21.51 44.24
N UNK E 59 -8.31 21.99 44.64
CA UNK E 59 -9.15 22.79 43.78
C UNK E 59 -9.20 24.22 44.31
N UNK E 60 -8.61 24.45 45.49
CA UNK E 60 -8.57 25.78 46.07
C UNK E 60 -7.22 26.44 45.85
N UNK E 61 -6.21 25.62 45.53
CA UNK E 61 -4.90 26.14 45.22
C UNK E 61 -4.92 26.80 43.85
N UNK E 62 -5.32 26.03 42.86
CA UNK E 62 -5.34 26.49 41.47
C UNK E 62 -6.46 27.48 41.18
N UNK E 63 -7.43 27.58 42.09
CA UNK E 63 -8.46 28.60 41.97
C UNK E 63 -7.97 29.86 42.68
N UNK E 64 -7.02 29.69 43.58
CA UNK E 64 -6.33 30.83 44.11
C UNK E 64 -5.26 31.20 43.09
N UNK E 65 -4.83 30.21 42.31
CA UNK E 65 -3.91 30.45 41.21
C UNK E 65 -4.67 30.61 39.90
N UNK E 66 -5.96 30.91 40.00
CA UNK E 66 -6.77 31.21 38.84
C UNK E 66 -6.45 32.62 38.38
N UNK E 67 -5.91 33.39 39.30
CA UNK E 67 -5.38 34.70 38.99
C UNK E 67 -4.16 34.54 38.09
N UNK E 68 -3.38 33.50 38.35
CA UNK E 68 -2.12 33.29 37.66
C UNK E 68 -2.32 32.96 36.19
N UNK E 69 -3.39 32.22 35.90
CA UNK E 69 -3.75 31.94 34.53
C UNK E 69 -4.18 33.23 33.87
N UNK E 70 -4.93 34.03 34.62
CA UNK E 70 -5.34 35.35 34.17
C UNK E 70 -4.16 36.30 34.17
N UNK E 71 -3.16 36.02 34.99
CA UNK E 71 -1.93 36.81 34.97
C UNK E 71 -1.17 36.49 33.70
N UNK E 72 -1.27 35.23 33.28
CA UNK E 72 -0.63 34.80 32.05
C UNK E 72 -1.45 35.27 30.86
N UNK E 73 -2.71 35.63 31.11
CA UNK E 73 -3.59 36.16 30.08
C UNK E 73 -3.26 37.61 29.72
N UNK E 74 -2.38 38.22 30.50
CA UNK E 74 -1.86 39.53 30.18
C UNK E 74 -0.54 39.34 29.47
N UNK E 75 0.30 38.50 30.06
CA UNK E 75 1.69 38.33 29.63
C UNK E 75 1.81 37.73 28.24
N UNK E 76 0.79 36.96 27.85
CA UNK E 76 0.76 36.32 26.55
C UNK E 76 0.49 37.35 25.46
N UNK E 77 -0.13 38.46 25.84
CA UNK E 77 -0.42 39.53 24.90
C UNK E 77 0.82 40.37 24.65
N UNK E 78 1.76 40.31 25.60
CA UNK E 78 3.00 41.08 25.52
C UNK E 78 3.85 40.63 24.35
N UNK E 79 4.24 39.36 24.35
CA UNK E 79 5.07 38.79 23.28
C UNK E 79 4.30 38.69 21.97
N UNK E 80 2.98 38.76 22.06
CA UNK E 80 2.10 38.77 20.90
C UNK E 80 2.33 39.98 20.01
N UNK E 81 2.03 41.16 20.54
CA UNK E 81 2.08 42.37 19.75
C UNK E 81 3.50 42.89 19.60
N UNK E 82 4.43 42.29 20.35
CA UNK E 82 5.82 42.75 20.40
C UNK E 82 6.54 42.66 19.06
N UNK E 83 6.46 41.53 18.39
CA UNK E 83 7.16 41.35 17.12
C UNK E 83 6.47 42.17 16.05
N UNK E 84 5.15 42.34 16.21
CA UNK E 84 4.28 43.10 15.31
C UNK E 84 4.36 42.63 13.86
CA GLN F 1 -5.14 -12.76 41.14
C GLN F 1 -6.44 -13.33 40.63
N PHE F 2 -7.29 -12.46 40.08
CA PHE F 2 -8.51 -12.91 39.43
C PHE F 2 -8.48 -12.64 37.94
N GLN F 3 -7.28 -12.46 37.38
CA GLN F 3 -7.07 -12.48 35.94
C GLN F 3 -6.76 -13.90 35.49
N PHE F 4 -7.04 -14.88 36.35
CA PHE F 4 -6.83 -16.29 36.05
C PHE F 4 -8.12 -17.07 35.96
N THR F 5 -8.94 -17.09 37.02
CA THR F 5 -10.03 -18.05 37.09
C THR F 5 -11.21 -17.63 36.24
N GLY F 6 -11.19 -16.41 35.71
CA GLY F 6 -12.14 -16.07 34.68
C GLY F 6 -11.85 -16.76 33.37
N ILE F 7 -10.57 -16.96 33.07
CA ILE F 7 -10.14 -17.59 31.83
C ILE F 7 -9.29 -18.84 32.06
N LYS F 8 -9.49 -19.53 33.18
CA LYS F 8 -8.67 -20.71 33.43
C LYS F 8 -9.27 -21.93 32.77
N LYS F 9 -10.58 -21.93 32.56
CA LYS F 9 -11.20 -23.01 31.81
C LYS F 9 -10.81 -22.95 30.34
N TYR F 10 -10.42 -21.76 29.86
CA TYR F 10 -10.03 -21.59 28.47
C TYR F 10 -8.61 -22.07 28.24
N PHE F 11 -7.75 -21.93 29.26
CA PHE F 11 -6.31 -22.09 29.02
C PHE F 11 -5.95 -23.53 28.74
N ASN F 12 -6.21 -24.45 29.67
CA ASN F 12 -5.81 -25.85 29.48
C ASN F 12 -6.63 -26.55 28.40
N SER F 13 -7.68 -25.88 27.88
CA SER F 13 -8.29 -26.32 26.64
C SER F 13 -7.36 -26.15 25.45
N TYR F 14 -6.95 -24.93 25.15
CA TYR F 14 -6.23 -24.66 23.90
C TYR F 14 -4.75 -24.34 24.09
N THR F 15 -4.25 -24.19 25.31
CA THR F 15 -2.81 -23.94 25.45
C THR F 15 -2.01 -25.23 25.28
N LEU F 16 -2.70 -26.35 25.12
CA LEU F 16 -2.04 -27.60 24.77
C LEU F 16 -1.36 -27.48 23.43
N THR F 17 -1.92 -26.68 22.53
CA THR F 17 -1.25 -26.44 21.26
C THR F 17 -0.88 -24.97 21.11
N GLY F 18 -1.60 -24.10 21.82
CA GLY F 18 -1.42 -22.67 21.63
C GLY F 18 -0.21 -22.13 22.37
N ARG F 19 0.16 -22.78 23.47
CA ARG F 19 1.28 -22.34 24.29
C ARG F 19 2.55 -23.09 23.89
N MET F 20 2.89 -22.96 22.62
CA MET F 20 4.12 -23.49 22.05
C MET F 20 5.03 -22.36 21.63
N ASN F 21 5.20 -21.37 22.49
CA ASN F 21 6.07 -20.24 22.19
C ASN F 21 7.56 -20.63 22.26
N CYS F 22 7.81 -21.91 22.48
CA CYS F 22 9.17 -22.42 22.57
C CYS F 22 9.86 -22.17 21.24
N VAL F 23 9.16 -22.40 20.15
CA VAL F 23 9.72 -22.15 18.83
C VAL F 23 9.98 -20.66 18.69
N LEU F 24 9.02 -19.85 19.14
CA LEU F 24 9.16 -18.40 19.08
C LEU F 24 10.31 -17.96 19.95
N ALA F 25 10.41 -18.56 21.14
CA ALA F 25 11.47 -18.22 22.07
C ALA F 25 12.85 -18.62 21.52
N THR F 26 12.91 -19.78 20.90
CA THR F 26 14.16 -20.27 20.33
C THR F 26 14.65 -19.34 19.23
N TYR F 27 13.72 -18.90 18.38
CA TYR F 27 14.05 -18.00 17.29
C TYR F 27 14.56 -16.67 17.81
N GLY F 28 13.92 -16.16 18.86
CA GLY F 28 14.31 -14.89 19.44
C GLY F 28 15.71 -14.90 20.02
N GLY F 29 16.07 -15.98 20.71
CA GLY F 29 17.39 -16.08 21.29
C GLY F 29 18.46 -16.09 20.22
N ILE F 30 18.20 -16.82 19.15
CA ILE F 30 19.14 -16.91 18.04
C ILE F 30 19.30 -15.54 17.36
N ALA F 31 18.20 -14.82 17.23
CA ALA F 31 18.20 -13.52 16.59
C ALA F 31 19.05 -12.53 17.37
N LEU F 32 18.97 -12.58 18.70
CA LEU F 32 19.78 -11.69 19.51
C LEU F 32 21.26 -11.99 19.33
N LEU F 33 21.60 -13.28 19.26
CA LEU F 33 22.98 -13.70 19.10
C LEU F 33 23.62 -13.27 17.78
N VAL F 34 22.91 -13.39 16.67
CA VAL F 34 23.48 -13.00 15.39
C VAL F 34 23.79 -11.50 15.34
N LEU F 35 22.90 -10.70 15.92
CA LEU F 35 23.11 -9.26 15.95
C LEU F 35 24.37 -8.93 16.74
N TYR F 36 24.54 -9.61 17.88
CA TYR F 36 25.71 -9.43 18.72
C TYR F 36 26.96 -9.87 17.97
N PHE F 37 26.85 -10.96 17.23
CA PHE F 37 27.96 -11.51 16.47
C PHE F 37 28.48 -10.54 15.41
N LYS F 38 27.57 -9.87 14.71
CA LYS F 38 28.00 -8.94 13.68
C LYS F 38 28.55 -7.65 14.28
N LEU F 39 28.07 -7.28 15.47
CA LEU F 39 28.63 -6.11 16.14
C LEU F 39 29.93 -6.46 16.85
N ARG F 40 30.15 -7.75 17.10
CA ARG F 40 31.44 -8.19 17.63
C ARG F 40 32.52 -8.09 16.57
N SER F 41 32.18 -8.45 15.32
CA SER F 41 33.13 -8.31 14.24
C SER F 41 33.04 -6.94 13.58
N LYS F 42 32.08 -6.12 14.02
CA LYS F 42 31.85 -4.74 13.57
C LYS F 42 31.65 -4.60 12.07
N UNK G 1 2.58 -46.00 -14.42
CA UNK G 1 2.14 -46.48 -13.12
C UNK G 1 1.33 -45.43 -12.38
N UNK G 2 0.29 -44.91 -13.02
CA UNK G 2 -0.66 -44.04 -12.34
C UNK G 2 -1.51 -44.93 -11.43
N UNK G 3 -1.77 -44.46 -10.21
CA UNK G 3 -2.49 -45.19 -9.16
C UNK G 3 -1.92 -46.57 -8.83
N UNK G 4 -0.61 -46.73 -8.99
CA UNK G 4 0.09 -47.93 -8.54
C UNK G 4 0.46 -47.71 -7.07
N UNK G 5 1.27 -46.69 -6.84
CA UNK G 5 1.35 -46.03 -5.53
C UNK G 5 0.24 -45.01 -5.55
N UNK G 6 -0.93 -45.44 -5.14
CA UNK G 6 -2.18 -44.75 -5.44
C UNK G 6 -2.40 -43.46 -4.65
N UNK G 7 -3.63 -42.96 -4.69
CA UNK G 7 -4.01 -41.74 -3.99
C UNK G 7 -4.03 -41.99 -2.47
N UNK G 8 -5.25 -42.12 -1.92
CA UNK G 8 -5.49 -42.48 -0.50
C UNK G 8 -4.75 -41.67 0.57
N UNK G 9 -4.32 -40.46 0.21
CA UNK G 9 -3.53 -39.55 1.05
C UNK G 9 -2.20 -40.13 1.56
N UNK G 10 -1.47 -39.31 2.31
CA UNK G 10 -0.23 -39.67 3.03
C UNK G 10 0.86 -40.35 2.22
N UNK G 11 0.57 -41.57 1.77
CA UNK G 11 1.52 -42.45 1.08
C UNK G 11 2.09 -41.90 -0.23
N UNK G 12 1.47 -40.88 -0.80
CA UNK G 12 2.00 -40.26 -2.00
C UNK G 12 3.20 -39.39 -1.65
N UNK G 13 3.06 -38.57 -0.61
CA UNK G 13 4.09 -37.56 -0.29
C UNK G 13 5.06 -38.00 0.80
N UNK G 14 4.72 -39.00 1.59
CA UNK G 14 5.69 -39.49 2.57
C UNK G 14 6.89 -40.02 1.77
N UNK G 15 6.59 -40.69 0.65
CA UNK G 15 7.58 -41.24 -0.25
C UNK G 15 8.44 -40.13 -0.84
N UNK G 16 7.83 -38.99 -1.15
CA UNK G 16 8.58 -37.86 -1.71
C UNK G 16 9.62 -37.37 -0.70
N UNK G 17 9.21 -37.30 0.57
CA UNK G 17 10.10 -36.89 1.65
C UNK G 17 11.24 -37.90 1.79
N UNK G 18 10.90 -39.19 1.67
CA UNK G 18 11.90 -40.24 1.74
C UNK G 18 12.91 -40.10 0.60
N UNK G 19 12.42 -39.76 -0.58
CA UNK G 19 13.25 -39.55 -1.76
C UNK G 19 14.19 -38.38 -1.53
N UNK G 20 13.68 -37.32 -0.90
CA UNK G 20 14.49 -36.16 -0.57
C UNK G 20 15.60 -36.56 0.39
N UNK G 21 15.26 -37.39 1.38
CA UNK G 21 16.24 -37.88 2.33
C UNK G 21 17.31 -38.71 1.63
N UNK G 22 16.90 -39.52 0.68
CA UNK G 22 17.82 -40.36 -0.10
C UNK G 22 18.77 -39.47 -0.89
N UNK G 23 18.24 -38.40 -1.47
CA UNK G 23 19.05 -37.46 -2.23
C UNK G 23 20.07 -36.80 -1.32
N UNK G 24 19.65 -36.45 -0.10
CA UNK G 24 20.55 -35.85 0.86
C UNK G 24 21.67 -36.83 1.22
N UNK G 25 21.31 -38.10 1.38
CA UNK G 25 22.28 -39.14 1.71
C UNK G 25 23.31 -39.26 0.59
N UNK G 26 22.83 -39.20 -0.65
CA UNK G 26 23.68 -39.27 -1.83
C UNK G 26 24.68 -38.12 -1.82
N UNK G 27 24.19 -36.94 -1.45
CA UNK G 27 25.05 -35.75 -1.36
C UNK G 27 26.13 -35.96 -0.31
N UNK G 28 25.75 -36.56 0.82
CA UNK G 28 26.69 -36.82 1.90
C UNK G 28 27.75 -37.81 1.42
N UNK G 29 27.33 -38.81 0.65
CA UNK G 29 28.23 -39.83 0.12
C UNK G 29 29.13 -40.44 1.19
N ASP H 1 15.36 2.53 12.44
CA ASP H 1 14.72 2.34 11.15
C ASP H 1 14.80 0.86 10.81
N THR H 2 15.85 0.48 10.10
CA THR H 2 16.18 -0.92 9.87
C THR H 2 16.70 -1.45 11.21
N SER H 3 15.76 -1.81 12.08
CA SER H 3 15.82 -1.36 13.47
C SER H 3 17.00 -1.83 14.30
N THR H 4 16.91 -3.02 14.96
CA THR H 4 17.87 -4.10 15.23
C THR H 4 17.37 -4.93 16.41
N TRP H 5 17.97 -6.10 16.61
CA TRP H 5 18.29 -6.64 17.94
C TRP H 5 17.14 -7.16 18.81
N PHE H 6 15.90 -6.73 18.55
CA PHE H 6 14.65 -7.45 18.85
C PHE H 6 14.29 -7.86 20.29
N ILE H 7 15.09 -7.54 21.32
CA ILE H 7 14.82 -8.04 22.68
C ILE H 7 13.60 -7.36 23.27
N THR H 8 13.20 -6.25 22.66
CA THR H 8 12.06 -5.41 22.95
C THR H 8 10.79 -6.09 22.51
N ILE H 9 9.85 -5.33 21.95
CA ILE H 9 8.40 -5.40 22.00
C ILE H 9 7.73 -6.75 22.26
N THR H 10 8.32 -7.85 21.80
CA THR H 10 7.59 -9.12 21.70
C THR H 10 7.24 -9.72 23.06
N SER H 11 7.92 -9.29 24.12
CA SER H 11 7.53 -9.72 25.45
C SER H 11 6.43 -8.84 25.99
N MET H 12 6.19 -7.71 25.34
CA MET H 12 5.15 -6.80 25.77
C MET H 12 3.91 -6.95 24.90
N ILE H 13 3.85 -8.01 24.08
CA ILE H 13 2.67 -8.27 23.27
C ILE H 13 1.80 -9.33 23.93
N MET H 14 2.39 -10.23 24.72
CA MET H 14 1.59 -11.32 25.24
C MET H 14 0.97 -10.93 26.56
N THR H 15 1.49 -9.87 27.19
CA THR H 15 0.76 -9.27 28.29
C THR H 15 -0.51 -8.60 27.77
N LEU H 16 -0.50 -8.17 26.50
CA LEU H 16 -1.69 -7.52 25.96
C LEU H 16 -2.78 -8.54 25.71
N PHE H 17 -2.41 -9.79 25.42
CA PHE H 17 -3.43 -10.80 25.18
C PHE H 17 -3.85 -11.47 26.47
N ILE H 18 -3.59 -10.81 27.61
CA ILE H 18 -4.36 -11.06 28.82
C ILE H 18 -5.42 -9.98 28.97
N LEU H 19 -5.20 -8.81 28.37
CA LEU H 19 -6.22 -7.77 28.42
C LEU H 19 -7.37 -8.06 27.49
N PHE H 20 -7.08 -8.35 26.22
CA PHE H 20 -8.12 -8.44 25.20
C PHE H 20 -8.96 -9.68 25.40
N GLN H 21 -8.43 -10.68 26.08
CA GLN H 21 -9.24 -11.85 26.40
C GLN H 21 -10.00 -11.62 27.70
N LEU H 22 -9.84 -10.45 28.30
CA LEU H 22 -10.64 -10.13 29.48
C LEU H 22 -11.84 -9.28 29.11
N LYS H 23 -11.64 -8.31 28.22
CA LYS H 23 -12.74 -7.43 27.85
C LYS H 23 -13.75 -8.14 26.98
N ILE H 24 -13.28 -8.79 25.92
CA ILE H 24 -14.12 -9.28 24.84
C ILE H 24 -14.81 -10.56 25.29
N SER H 25 -14.32 -11.14 26.39
CA SER H 25 -14.94 -12.34 26.93
C SER H 25 -16.29 -12.04 27.56
N ASN H 26 -16.49 -10.81 28.02
CA ASN H 26 -17.78 -10.42 28.60
C ASN H 26 -18.60 -9.70 27.56
N TYR H 27 -19.06 -10.44 26.55
CA TYR H 27 -19.95 -9.88 25.55
C TYR H 27 -21.25 -10.69 25.60
N SER H 28 -22.23 -10.30 24.79
CA SER H 28 -23.56 -10.84 25.00
C SER H 28 -24.11 -11.50 23.74
N TYR H 29 -25.39 -11.87 23.81
CA TYR H 29 -26.04 -12.72 22.83
C TYR H 29 -27.10 -11.90 22.10
N PRO H 30 -27.28 -12.14 20.79
CA PRO H 30 -28.35 -11.50 20.05
C PRO H 30 -29.68 -12.24 20.15
N ASN I 2 9.17 25.22 -18.23
CA ASN I 2 9.88 25.47 -16.97
C ASN I 2 9.04 26.37 -16.07
N GLU I 3 7.82 25.93 -15.75
CA GLU I 3 6.89 26.73 -14.97
C GLU I 3 6.91 26.35 -13.51
N ASN I 4 6.58 25.09 -13.22
CA ASN I 4 6.36 24.60 -11.88
C ASN I 4 7.49 23.64 -11.51
N LEU I 5 8.46 24.16 -10.77
CA LEU I 5 9.59 23.37 -10.32
C LEU I 5 9.27 22.81 -8.94
N PHE I 6 9.13 21.49 -8.86
CA PHE I 6 9.02 20.82 -7.57
C PHE I 6 10.32 20.97 -6.80
N ALA I 7 10.24 20.85 -5.48
CA ALA I 7 11.41 20.82 -4.63
C ALA I 7 11.43 19.51 -3.86
N SER I 8 12.52 19.26 -3.15
CA SER I 8 12.60 18.16 -2.21
C SER I 8 13.42 18.60 -1.01
N PHE I 9 13.23 17.91 0.10
CA PHE I 9 14.06 18.11 1.29
C PHE I 9 14.68 16.76 1.65
N ILE I 10 15.97 16.78 1.97
CA ILE I 10 16.72 15.59 2.34
C ILE I 10 16.78 15.54 3.86
N ALA I 11 16.10 14.57 4.45
CA ALA I 11 16.04 14.44 5.90
C ALA I 11 15.84 12.98 6.24
N PRO I 12 16.47 12.49 7.30
CA PRO I 12 16.31 11.08 7.66
C PRO I 12 14.92 10.80 8.21
N THR I 13 14.34 9.69 7.76
CA THR I 13 13.01 9.27 8.13
C THR I 13 13.12 8.21 9.22
N MET I 14 12.72 8.57 10.44
CA MET I 14 13.15 7.88 11.64
C MET I 14 12.02 7.06 12.26
N MET I 15 12.14 5.74 12.18
CA MET I 15 11.33 4.82 12.96
C MET I 15 12.10 4.51 14.24
N GLY I 16 12.13 5.47 15.16
CA GLY I 16 12.82 5.27 16.41
C GLY I 16 12.13 4.27 17.34
N LEU I 17 12.71 4.01 18.50
CA LEU I 17 12.04 3.04 19.35
C LEU I 17 11.90 3.61 20.76
N PRO I 18 10.92 4.45 21.03
CA PRO I 18 10.66 4.87 22.41
C PRO I 18 9.96 3.79 23.21
N ILE I 19 9.55 4.15 24.42
CA ILE I 19 9.08 3.21 25.43
C ILE I 19 7.77 2.57 24.99
N VAL I 20 7.84 1.29 24.61
CA VAL I 20 6.77 0.64 23.88
C VAL I 20 5.68 0.06 24.76
N THR I 21 6.03 -0.42 25.98
CA THR I 21 5.05 -1.20 26.73
C THR I 21 3.96 -0.34 27.35
N LEU I 22 4.09 0.98 27.24
CA LEU I 22 2.95 1.87 27.48
C LEU I 22 2.09 1.96 26.23
N ILE I 23 2.73 2.01 25.07
CA ILE I 23 2.02 2.30 23.84
C ILE I 23 1.20 1.09 23.39
N ILE I 24 1.63 -0.10 23.79
CA ILE I 24 0.86 -1.31 23.48
C ILE I 24 -0.40 -1.37 24.31
N MET I 25 -0.30 -1.02 25.60
CA MET I 25 -1.44 -1.16 26.50
C MET I 25 -2.51 -0.12 26.22
N PHE I 26 -2.17 0.95 25.52
CA PHE I 26 -3.08 2.10 25.44
C PHE I 26 -4.31 1.86 24.57
N PRO I 27 -4.25 1.17 23.41
CA PRO I 27 -5.53 0.83 22.75
C PRO I 27 -6.27 -0.35 23.37
N SER I 28 -6.01 -0.69 24.63
CA SER I 28 -6.97 -1.53 25.34
C SER I 28 -7.98 -0.67 26.08
N LEU I 29 -7.54 0.46 26.62
CA LEU I 29 -8.42 1.28 27.44
C LEU I 29 -9.29 2.20 26.60
N LEU I 30 -9.21 2.11 25.27
CA LEU I 30 -10.19 2.80 24.44
C LEU I 30 -11.50 2.03 24.39
N PHE I 31 -11.46 0.75 24.70
CA PHE I 31 -12.68 -0.06 24.65
C PHE I 31 -13.07 -0.44 26.08
N PRO I 32 -14.20 0.01 26.56
CA PRO I 32 -14.68 -0.40 27.88
C PRO I 32 -15.63 -1.60 27.76
N THR I 33 -15.98 -2.15 28.91
CA THR I 33 -16.92 -3.27 28.96
C THR I 33 -17.95 -3.06 30.07
N PRO I 34 -19.23 -3.07 29.74
CA PRO I 34 -20.23 -2.74 30.76
C PRO I 34 -20.86 -3.97 31.39
N LYS I 35 -21.09 -3.87 32.69
CA LYS I 35 -21.83 -4.88 33.45
C LYS I 35 -23.29 -4.49 33.63
N ARG I 36 -23.98 -4.18 32.53
CA ARG I 36 -25.35 -3.70 32.57
C ARG I 36 -26.11 -4.26 31.39
N LEU I 37 -27.44 -4.21 31.45
CA LEU I 37 -28.22 -4.75 30.35
C LEU I 37 -28.27 -3.77 29.20
N ILE I 38 -28.88 -2.62 29.40
CA ILE I 38 -28.80 -1.57 28.40
C ILE I 38 -27.51 -0.81 28.64
N ASN I 39 -26.81 -0.48 27.56
CA ASN I 39 -25.55 0.22 27.68
C ASN I 39 -25.69 1.67 27.23
N ASN I 40 -24.57 2.34 27.06
CA ASN I 40 -24.51 3.80 27.12
C ASN I 40 -24.08 4.41 25.81
N ARG I 41 -24.58 3.87 24.70
CA ARG I 41 -24.57 4.45 23.34
C ARG I 41 -23.19 4.88 22.83
N THR I 42 -22.11 4.42 23.45
CA THR I 42 -20.79 4.47 22.85
C THR I 42 -20.08 3.13 22.95
N ILE I 43 -20.44 2.29 23.90
CA ILE I 43 -20.09 0.88 23.81
C ILE I 43 -21.05 0.18 22.87
N SER I 44 -22.28 0.69 22.75
CA SER I 44 -23.32 -0.02 22.02
C SER I 44 -23.07 -0.05 20.53
N ILE I 45 -22.22 0.84 20.01
CA ILE I 45 -21.83 0.71 18.61
C ILE I 45 -20.48 0.03 18.49
N GLN I 46 -19.82 -0.25 19.61
CA GLN I 46 -18.70 -1.19 19.57
C GLN I 46 -19.24 -2.62 19.68
N GLN I 47 -20.29 -2.82 20.48
CA GLN I 47 -20.85 -4.14 20.69
C GLN I 47 -21.57 -4.65 19.45
N TRP I 48 -22.08 -3.74 18.63
CA TRP I 48 -22.72 -4.15 17.40
C TRP I 48 -21.69 -4.51 16.34
N LEU I 49 -20.54 -3.84 16.38
CA LEU I 49 -19.55 -3.99 15.33
C LEU I 49 -18.87 -5.35 15.42
N ILE I 50 -18.89 -5.95 16.60
CA ILE I 50 -18.35 -7.29 16.76
C ILE I 50 -19.35 -8.33 16.27
N GLN I 51 -20.64 -8.09 16.53
CA GLN I 51 -21.63 -9.11 16.18
C GLN I 51 -21.90 -9.17 14.69
N LEU I 52 -21.36 -8.23 13.91
CA LEU I 52 -21.21 -8.46 12.48
C LEU I 52 -20.11 -9.46 12.19
N THR I 53 -18.86 -9.10 12.49
CA THR I 53 -17.73 -9.87 11.98
C THR I 53 -17.41 -11.04 12.89
N SER I 54 -18.27 -11.34 13.86
CA SER I 54 -18.23 -12.67 14.44
C SER I 54 -19.13 -13.61 13.67
N LYS I 55 -19.95 -13.07 12.76
CA LYS I 55 -20.81 -13.94 11.96
C LYS I 55 -20.22 -14.17 10.58
N GLN I 56 -18.92 -13.95 10.40
CA GLN I 56 -18.29 -14.30 9.13
C GLN I 56 -17.06 -15.18 9.33
N MET I 57 -16.45 -15.10 10.51
CA MET I 57 -15.44 -16.09 10.86
C MET I 57 -16.06 -17.24 11.65
N MET I 58 -17.39 -17.29 11.70
CA MET I 58 -18.06 -18.44 12.29
C MET I 58 -18.64 -19.33 11.21
N ALA I 59 -19.07 -18.73 10.10
CA ALA I 59 -19.94 -19.42 9.16
C ALA I 59 -19.17 -20.47 8.36
N ILE I 60 -17.91 -20.20 8.05
CA ILE I 60 -17.15 -21.11 7.21
C ILE I 60 -16.83 -22.40 7.93
N HIS I 61 -16.43 -22.30 9.21
CA HIS I 61 -15.81 -23.43 9.89
C HIS I 61 -16.82 -24.51 10.23
N ASN I 62 -17.81 -24.19 11.07
CA ASN I 62 -18.98 -25.03 11.38
C ASN I 62 -18.57 -26.42 11.87
N GLN I 63 -17.78 -26.45 12.92
CA GLN I 63 -17.20 -27.68 13.40
C GLN I 63 -17.20 -27.66 14.91
N LYS I 64 -16.37 -28.52 15.49
CA LYS I 64 -15.92 -28.30 16.85
C LYS I 64 -14.56 -27.64 16.85
N GLY I 65 -14.25 -26.91 15.77
CA GLY I 65 -13.15 -25.97 15.74
C GLY I 65 -13.68 -24.56 15.87
N GLN I 66 -14.91 -24.44 16.34
CA GLN I 66 -15.50 -23.13 16.59
C GLN I 66 -15.03 -22.56 17.90
N THR I 67 -14.39 -23.39 18.73
CA THR I 67 -13.87 -22.93 20.02
C THR I 67 -12.72 -21.95 19.80
N TRP I 68 -12.00 -22.13 18.70
CA TRP I 68 -10.85 -21.29 18.39
C TRP I 68 -11.27 -19.88 17.98
N SER I 69 -12.53 -19.71 17.56
CA SER I 69 -12.91 -18.49 16.85
C SER I 69 -13.21 -17.33 17.81
N LEU I 70 -13.35 -17.63 19.10
CA LEU I 70 -13.58 -16.53 20.03
C LEU I 70 -12.29 -15.78 20.33
N MET I 71 -11.14 -16.36 19.96
CA MET I 71 -9.89 -15.64 20.06
C MET I 71 -9.63 -14.78 18.84
N LEU I 72 -10.06 -15.25 17.66
CA LEU I 72 -9.70 -14.61 16.40
C LEU I 72 -10.36 -13.25 16.24
N MET I 73 -11.38 -12.97 17.05
CA MET I 73 -11.96 -11.63 17.03
C MET I 73 -11.26 -10.71 18.02
N SER I 74 -10.37 -11.25 18.86
CA SER I 74 -9.52 -10.38 19.64
C SER I 74 -8.31 -9.97 18.83
N LEU I 75 -7.91 -10.83 17.91
CA LEU I 75 -6.77 -10.55 17.05
C LEU I 75 -7.10 -9.47 16.04
N ILE I 76 -8.38 -9.26 15.75
CA ILE I 76 -8.75 -8.29 14.73
C ILE I 76 -8.92 -6.90 15.34
N MET I 77 -9.20 -6.84 16.66
CA MET I 77 -9.41 -5.55 17.30
C MET I 77 -8.09 -4.91 17.70
N PHE I 78 -7.06 -5.72 17.93
CA PHE I 78 -5.78 -5.17 18.34
C PHE I 78 -5.07 -4.50 17.16
N ILE I 79 -4.89 -5.23 16.06
CA ILE I 79 -4.22 -4.59 14.91
C ILE I 79 -5.23 -3.84 14.06
N GLY I 80 -6.51 -3.93 14.40
CA GLY I 80 -7.46 -2.99 13.86
C GLY I 80 -7.35 -1.62 14.54
N SER I 81 -6.98 -1.62 15.82
CA SER I 81 -6.83 -0.36 16.53
C SER I 81 -5.42 0.20 16.37
N THR I 82 -4.40 -0.64 16.54
CA THR I 82 -3.03 -0.15 16.54
C THR I 82 -2.52 0.17 15.14
N ASN I 83 -3.36 -0.01 14.13
CA ASN I 83 -3.05 0.54 12.82
C ASN I 83 -3.84 1.82 12.56
N ILE I 84 -4.89 2.05 13.35
CA ILE I 84 -5.74 3.21 13.12
C ILE I 84 -5.37 4.35 14.05
N LEU I 85 -4.68 4.07 15.16
CA LEU I 85 -4.26 5.13 16.06
C LEU I 85 -3.16 5.95 15.43
N GLY I 86 -2.29 5.33 14.66
CA GLY I 86 -1.09 5.98 14.18
C GLY I 86 -1.25 7.00 13.10
N LEU I 87 -2.47 7.21 12.63
CA LEU I 87 -2.70 8.20 11.58
C LEU I 87 -2.67 9.61 12.15
N LEU I 88 -2.73 9.73 13.47
CA LEU I 88 -2.67 10.99 14.20
C LEU I 88 -1.34 11.71 13.95
N PRO I 89 -1.23 13.04 14.28
CA PRO I 89 0.00 13.80 14.02
C PRO I 89 1.34 13.20 14.43
N HIS I 90 1.55 12.87 15.71
CA HIS I 90 2.85 12.38 16.12
C HIS I 90 2.74 11.09 16.92
N SER I 91 1.92 10.15 16.49
CA SER I 91 1.78 8.91 17.23
C SER I 91 2.69 7.82 16.67
N PHE I 92 2.79 6.74 17.43
CA PHE I 92 3.71 5.64 17.15
C PHE I 92 2.96 4.32 17.21
N THR I 93 3.04 3.53 16.11
CA THR I 93 2.42 2.22 15.89
C THR I 93 3.36 1.10 16.24
N PRO I 94 2.97 0.17 17.11
CA PRO I 94 3.83 -0.99 17.36
C PRO I 94 3.90 -1.98 16.20
N THR I 95 2.91 -2.04 15.31
CA THR I 95 3.01 -2.93 14.14
C THR I 95 3.84 -2.32 13.02
N THR I 96 4.55 -1.25 13.27
CA THR I 96 5.55 -0.79 12.31
C THR I 96 6.80 -1.65 12.37
N GLN I 97 7.26 -1.98 13.57
CA GLN I 97 8.49 -2.73 13.73
C GLN I 97 8.24 -4.18 13.37
N LEU I 98 9.25 -4.83 12.81
CA LEU I 98 9.07 -6.18 12.28
C LEU I 98 9.20 -7.23 13.37
N SER I 99 9.43 -6.79 14.61
CA SER I 99 9.75 -7.73 15.68
C SER I 99 8.52 -8.48 16.15
N MET I 100 7.45 -7.76 16.49
CA MET I 100 6.31 -8.43 17.10
C MET I 100 5.51 -9.21 16.07
N ASN I 101 5.60 -8.82 14.80
CA ASN I 101 4.83 -9.53 13.78
C ASN I 101 5.40 -10.91 13.50
N LEU I 102 6.70 -11.10 13.77
CA LEU I 102 7.27 -12.43 13.75
C LEU I 102 6.98 -13.17 15.05
N GLY I 103 6.34 -12.49 16.00
CA GLY I 103 5.79 -13.19 17.15
C GLY I 103 4.28 -13.24 17.10
N MET I 104 3.67 -12.69 16.04
CA MET I 104 2.24 -12.87 15.85
C MET I 104 1.96 -13.97 14.83
N ALA I 105 2.90 -14.17 13.89
CA ALA I 105 2.71 -15.22 12.90
C ALA I 105 3.01 -16.59 13.50
N ILE I 106 4.22 -16.77 14.01
CA ILE I 106 4.73 -18.10 14.29
C ILE I 106 4.05 -18.80 15.48
N PRO I 107 3.69 -18.11 16.57
CA PRO I 107 2.87 -18.81 17.59
C PRO I 107 1.44 -19.04 17.19
N LEU I 108 1.00 -18.49 16.06
CA LEU I 108 -0.35 -18.76 15.60
C LEU I 108 -0.34 -19.74 14.45
N TRP I 109 0.62 -19.60 13.54
CA TRP I 109 0.71 -20.48 12.38
C TRP I 109 1.06 -21.90 12.80
N SER I 110 1.98 -22.06 13.74
CA SER I 110 2.35 -23.40 14.19
C SER I 110 1.37 -23.91 15.23
N ALA I 111 0.40 -23.09 15.62
CA ALA I 111 -0.69 -23.62 16.40
C ALA I 111 -1.72 -24.30 15.51
N THR I 112 -1.56 -24.19 14.20
CA THR I 112 -2.51 -24.80 13.28
C THR I 112 -2.05 -26.17 12.81
N VAL I 113 -0.76 -26.30 12.49
CA VAL I 113 -0.27 -27.58 11.98
C VAL I 113 -0.16 -28.60 13.10
N PHE I 114 -0.15 -28.13 14.35
CA PHE I 114 -0.14 -29.06 15.47
C PHE I 114 -1.56 -29.31 15.99
N THR I 115 -2.56 -28.78 15.28
CA THR I 115 -3.93 -29.03 15.71
C THR I 115 -4.45 -30.34 15.15
N GLY I 116 -4.17 -30.60 13.87
CA GLY I 116 -4.58 -31.86 13.27
C GLY I 116 -3.62 -33.00 13.59
N PHE I 117 -2.36 -32.65 13.90
CA PHE I 117 -1.39 -33.68 14.23
C PHE I 117 -1.59 -34.26 15.62
N ARG I 118 -2.45 -33.68 16.44
CA ARG I 118 -2.85 -34.26 17.71
C ARG I 118 -4.18 -34.98 17.63
N TYR I 119 -4.82 -34.97 16.47
CA TYR I 119 -6.08 -35.69 16.35
C TYR I 119 -6.15 -36.60 15.14
N LYS I 120 -5.64 -36.12 14.00
CA LYS I 120 -5.74 -36.88 12.76
C LYS I 120 -4.52 -37.78 12.57
N THR I 121 -3.33 -37.18 12.65
CA THR I 121 -1.99 -37.77 12.71
C THR I 121 -1.55 -38.40 11.39
N LYS I 122 -2.46 -38.56 10.45
CA LYS I 122 -2.01 -39.03 9.14
C LYS I 122 -2.50 -38.14 8.01
N THR I 123 -3.77 -37.76 8.03
CA THR I 123 -4.34 -37.14 6.85
C THR I 123 -4.28 -35.62 6.89
N SER I 124 -3.67 -35.05 7.92
CA SER I 124 -3.47 -33.61 7.93
C SER I 124 -2.46 -33.19 6.88
N LEU I 125 -1.30 -33.85 6.83
CA LEU I 125 -0.31 -33.60 5.79
C LEU I 125 -0.31 -34.70 4.74
N ALA I 126 -1.32 -35.56 4.76
CA ALA I 126 -1.70 -36.25 3.54
C ALA I 126 -2.66 -35.43 2.71
N HIS I 127 -2.94 -34.19 3.13
CA HIS I 127 -3.48 -33.18 2.23
C HIS I 127 -2.48 -32.76 1.17
N PHE I 128 -1.21 -33.14 1.31
CA PHE I 128 -0.26 -33.06 0.23
C PHE I 128 -0.65 -33.94 -0.95
N LEU I 129 -1.56 -34.89 -0.78
CA LEU I 129 -1.99 -35.68 -1.93
C LEU I 129 -3.26 -35.08 -2.51
N PRO I 130 -3.19 -34.40 -3.66
CA PRO I 130 -4.36 -33.64 -4.14
C PRO I 130 -5.42 -34.48 -4.83
N GLN I 131 -5.03 -35.50 -5.58
CA GLN I 131 -5.97 -36.11 -6.52
C GLN I 131 -5.54 -37.53 -6.86
N GLY I 132 -6.16 -38.06 -7.92
CA GLY I 132 -6.00 -39.43 -8.38
C GLY I 132 -4.73 -39.61 -9.17
N THR I 133 -3.62 -39.76 -8.45
CA THR I 133 -2.22 -39.54 -8.78
C THR I 133 -1.77 -39.98 -10.17
N PRO I 134 -1.39 -39.04 -11.04
CA PRO I 134 -0.69 -39.41 -12.28
C PRO I 134 0.76 -39.73 -11.99
N ALA I 135 1.38 -40.38 -12.94
CA ALA I 135 2.77 -40.78 -12.75
C ALA I 135 3.87 -39.74 -12.98
N LEU I 136 3.81 -38.90 -14.01
CA LEU I 136 4.94 -38.03 -14.36
C LEU I 136 5.35 -36.90 -13.42
N LEU I 137 4.52 -36.63 -12.43
CA LEU I 137 4.69 -35.45 -11.58
C LEU I 137 4.34 -35.73 -10.12
N ILE I 138 4.91 -36.79 -9.53
CA ILE I 138 4.95 -36.86 -8.07
C ILE I 138 6.13 -36.09 -7.48
N PRO I 139 7.40 -36.22 -7.95
CA PRO I 139 8.45 -35.41 -7.32
C PRO I 139 8.38 -33.94 -7.66
N MET I 140 7.72 -33.56 -8.76
CA MET I 140 7.59 -32.14 -9.06
C MET I 140 6.50 -31.50 -8.21
N LEU I 141 5.69 -32.31 -7.53
CA LEU I 141 4.59 -31.76 -6.76
C LEU I 141 4.96 -31.58 -5.31
N VAL I 142 5.52 -32.62 -4.68
CA VAL I 142 5.69 -32.60 -3.23
C VAL I 142 7.02 -31.93 -2.84
N ILE I 143 7.72 -31.35 -3.82
CA ILE I 143 8.74 -30.36 -3.48
C ILE I 143 8.19 -28.95 -3.69
N ILE I 144 7.01 -28.84 -4.30
CA ILE I 144 6.41 -27.52 -4.52
C ILE I 144 5.41 -27.20 -3.42
N GLU I 145 4.53 -28.16 -3.11
CA GLU I 145 3.48 -27.89 -2.13
C GLU I 145 4.01 -27.94 -0.71
N THR I 146 5.29 -28.26 -0.52
CA THR I 146 5.87 -28.11 0.81
C THR I 146 6.73 -26.86 0.90
N ILE I 147 7.19 -26.33 -0.23
CA ILE I 147 7.93 -25.09 -0.18
C ILE I 147 6.95 -23.92 -0.15
N SER I 148 5.69 -24.18 -0.49
CA SER I 148 4.67 -23.16 -0.30
C SER I 148 3.89 -23.41 0.98
N LEU I 149 4.42 -24.24 1.87
CA LEU I 149 3.87 -24.32 3.22
C LEU I 149 4.71 -23.52 4.19
N PHE I 150 6.04 -23.64 4.09
CA PHE I 150 6.90 -22.97 5.06
C PHE I 150 7.06 -21.50 4.71
N ILE I 151 6.63 -21.11 3.52
CA ILE I 151 6.58 -19.70 3.18
C ILE I 151 5.51 -18.99 4.00
N GLN I 152 4.45 -19.72 4.37
CA GLN I 152 3.27 -19.11 4.99
C GLN I 152 3.50 -18.30 6.27
N PRO I 153 4.38 -18.67 7.23
CA PRO I 153 4.62 -17.74 8.35
C PRO I 153 5.33 -16.48 7.94
N VAL I 154 6.27 -16.60 7.00
CA VAL I 154 6.92 -15.42 6.46
C VAL I 154 5.96 -14.68 5.53
N ALA I 155 5.08 -15.41 4.86
CA ALA I 155 4.11 -14.76 3.99
C ALA I 155 3.05 -14.03 4.80
N LEU I 156 2.89 -14.39 6.07
CA LEU I 156 1.80 -13.81 6.85
C LEU I 156 2.28 -12.57 7.59
N ALA I 157 3.52 -12.57 8.05
CA ALA I 157 4.00 -11.43 8.84
C ALA I 157 4.55 -10.33 7.95
N VAL I 158 5.29 -10.69 6.90
CA VAL I 158 6.00 -9.66 6.13
C VAL I 158 5.02 -8.86 5.27
N ARG I 159 3.85 -9.41 4.97
CA ARG I 159 2.88 -8.64 4.21
C ARG I 159 2.23 -7.56 5.06
N LEU I 160 2.34 -7.68 6.39
CA LEU I 160 1.73 -6.68 7.27
C LEU I 160 2.69 -5.53 7.57
N THR I 161 3.95 -5.84 7.83
CA THR I 161 4.88 -4.79 8.21
C THR I 161 5.30 -3.95 7.02
N ALA I 162 5.23 -4.52 5.82
CA ALA I 162 5.88 -3.87 4.70
C ALA I 162 5.00 -2.79 4.08
N ASN I 163 3.68 -2.92 4.20
CA ASN I 163 2.80 -1.92 3.59
C ASN I 163 2.26 -0.92 4.61
N ILE I 164 2.28 -1.29 5.89
CA ILE I 164 1.91 -0.35 6.93
C ILE I 164 2.91 0.79 7.01
N THR I 165 4.21 0.46 7.00
CA THR I 165 5.23 1.48 7.01
C THR I 165 5.30 2.20 5.68
N ALA I 166 4.87 1.53 4.60
CA ALA I 166 4.87 2.17 3.30
C ALA I 166 3.80 3.25 3.22
N GLY I 167 2.78 3.15 4.07
CA GLY I 167 1.83 4.25 4.17
C GLY I 167 2.42 5.46 4.86
N HIS I 168 3.35 5.24 5.79
CA HIS I 168 3.81 6.34 6.62
C HIS I 168 4.83 7.19 5.88
N LEU I 169 5.52 6.63 4.90
CA LEU I 169 6.54 7.40 4.19
C LEU I 169 5.93 8.36 3.20
N LEU I 170 4.84 7.96 2.54
CA LEU I 170 4.17 8.86 1.61
C LEU I 170 3.39 9.93 2.36
N ILE I 171 3.07 9.66 3.63
CA ILE I 171 2.53 10.69 4.50
C ILE I 171 3.58 11.76 4.75
N HIS I 172 4.82 11.35 4.99
CA HIS I 172 5.88 12.30 5.26
C HIS I 172 6.32 13.02 4.00
N LEU I 173 6.61 12.26 2.93
CA LEU I 173 7.32 12.81 1.79
C LEU I 173 6.44 13.72 0.94
N ILE I 174 5.19 13.34 0.72
CA ILE I 174 4.24 14.24 0.11
C ILE I 174 3.94 15.40 1.06
N GLY I 175 3.95 15.13 2.36
CA GLY I 175 3.72 16.19 3.33
C GLY I 175 4.90 17.11 3.48
N GLY I 176 6.11 16.55 3.42
CA GLY I 176 7.30 17.37 3.61
C GLY I 176 7.60 18.23 2.40
N ALA I 177 7.06 17.86 1.24
CA ALA I 177 7.25 18.67 0.05
C ALA I 177 6.34 19.89 0.05
N THR I 178 5.31 19.89 0.90
CA THR I 178 4.54 21.12 1.10
C THR I 178 5.35 22.16 1.85
N LEU I 179 6.05 21.74 2.91
CA LEU I 179 6.80 22.66 3.75
C LEU I 179 7.94 23.30 2.98
N ALA I 180 8.55 22.55 2.08
CA ALA I 180 9.68 23.05 1.31
C ALA I 180 9.21 23.56 -0.05
N LEU I 181 8.02 24.14 -0.09
CA LEU I 181 7.49 24.61 -1.37
C LEU I 181 7.31 26.12 -1.31
N LEU I 182 8.37 26.82 -0.89
CA LEU I 182 8.43 28.27 -0.90
C LEU I 182 8.66 28.85 -2.29
N ASN I 183 8.65 28.02 -3.34
CA ASN I 183 8.43 28.45 -4.71
C ASN I 183 6.93 28.60 -4.93
N ILE I 184 6.51 28.67 -6.20
CA ILE I 184 5.18 29.09 -6.66
C ILE I 184 4.03 28.42 -5.92
N ASN I 185 3.11 29.23 -5.39
CA ASN I 185 2.18 28.83 -4.34
C ASN I 185 0.92 28.18 -4.86
N THR I 186 0.75 28.06 -6.18
CA THR I 186 -0.43 27.40 -6.73
C THR I 186 -0.36 25.90 -6.55
N MET I 187 0.83 25.34 -6.69
CA MET I 187 1.00 23.89 -6.63
C MET I 187 1.00 23.37 -5.19
N THR I 188 1.05 24.26 -4.20
CA THR I 188 1.03 23.82 -2.80
C THR I 188 -0.30 23.19 -2.44
N ALA I 189 -1.40 23.72 -3.00
CA ALA I 189 -2.72 23.20 -2.65
C ALA I 189 -2.92 21.81 -3.25
N PHE I 190 -2.38 21.58 -4.45
CA PHE I 190 -2.60 20.31 -5.14
C PHE I 190 -1.87 19.18 -4.43
N ILE I 191 -0.71 19.47 -3.84
CA ILE I 191 -0.02 18.49 -3.03
C ILE I 191 -0.76 18.29 -1.70
N THR I 192 -1.38 19.35 -1.19
CA THR I 192 -2.21 19.20 0.00
C THR I 192 -3.46 18.41 -0.30
N PHE I 193 -4.04 18.61 -1.49
CA PHE I 193 -5.24 17.86 -1.84
C PHE I 193 -4.91 16.40 -2.16
N THR I 194 -3.67 16.14 -2.57
CA THR I 194 -3.22 14.77 -2.71
C THR I 194 -3.10 14.08 -1.35
N ILE I 195 -2.73 14.85 -0.32
CA ILE I 195 -2.58 14.29 1.02
C ILE I 195 -3.94 13.86 1.56
N LEU I 196 -4.94 14.73 1.46
CA LEU I 196 -6.20 14.42 2.10
C LEU I 196 -7.00 13.40 1.31
N ILE I 197 -6.56 13.06 0.10
CA ILE I 197 -7.04 11.84 -0.53
C ILE I 197 -6.27 10.64 0.00
N LEU I 198 -4.96 10.80 0.19
CA LEU I 198 -4.12 9.67 0.58
C LEU I 198 -4.40 9.23 2.00
N LEU I 199 -4.90 10.14 2.84
CA LEU I 199 -5.26 9.77 4.20
C LEU I 199 -6.57 9.00 4.22
N THR I 200 -7.39 9.17 3.19
CA THR I 200 -8.57 8.33 3.06
C THR I 200 -8.18 6.93 2.62
N ILE I 201 -7.17 6.82 1.76
CA ILE I 201 -6.69 5.49 1.34
C ILE I 201 -5.98 4.81 2.50
N LEU I 202 -5.42 5.60 3.43
CA LEU I 202 -4.76 4.99 4.58
C LEU I 202 -5.74 4.67 5.70
N GLU I 203 -7.03 4.70 5.42
CA GLU I 203 -7.94 3.91 6.23
C GLU I 203 -8.25 2.57 5.56
N PHE I 204 -7.34 2.11 4.70
CA PHE I 204 -7.26 0.69 4.37
C PHE I 204 -6.38 -0.05 5.37
N ALA I 205 -6.00 0.61 6.47
CA ALA I 205 -5.35 -0.10 7.57
C ALA I 205 -6.36 -0.88 8.38
N VAL I 206 -7.65 -0.63 8.16
CA VAL I 206 -8.66 -1.56 8.64
C VAL I 206 -8.83 -2.70 7.64
N ALA I 207 -8.67 -2.39 6.35
CA ALA I 207 -8.89 -3.40 5.31
C ALA I 207 -7.81 -4.45 5.31
N LEU I 208 -6.67 -4.15 5.94
CA LEU I 208 -5.56 -5.09 5.95
C LEU I 208 -5.57 -5.92 7.22
N ILE I 209 -6.70 -5.95 7.92
CA ILE I 209 -6.81 -6.83 9.07
C ILE I 209 -7.80 -7.94 8.77
N GLN I 210 -8.72 -7.68 7.85
CA GLN I 210 -9.43 -8.77 7.21
C GLN I 210 -8.45 -9.72 6.52
N ALA I 211 -7.45 -9.18 5.81
CA ALA I 211 -6.48 -10.05 5.16
C ALA I 211 -5.37 -10.49 6.13
N TYR I 212 -5.66 -10.55 7.42
CA TYR I 212 -4.78 -11.22 8.35
C TYR I 212 -5.54 -12.23 9.18
N VAL I 213 -6.77 -11.91 9.59
CA VAL I 213 -7.52 -12.93 10.30
C VAL I 213 -8.06 -13.96 9.32
N PHE I 214 -8.38 -13.55 8.09
CA PHE I 214 -9.05 -14.46 7.18
C PHE I 214 -8.11 -15.50 6.60
N THR I 215 -6.91 -15.10 6.20
CA THR I 215 -5.94 -16.09 5.74
C THR I 215 -5.30 -16.80 6.91
N LEU I 216 -5.71 -16.47 8.13
CA LEU I 216 -5.47 -17.36 9.25
C LEU I 216 -6.60 -18.36 9.39
N LEU I 217 -7.83 -18.00 8.98
CA LEU I 217 -8.88 -18.99 9.01
C LEU I 217 -8.70 -20.03 7.92
N VAL I 218 -8.41 -19.58 6.70
CA VAL I 218 -8.18 -20.50 5.60
C VAL I 218 -6.96 -21.37 5.91
N SER I 219 -5.97 -20.80 6.58
CA SER I 219 -4.88 -21.62 7.07
C SER I 219 -5.25 -22.36 8.35
N LEU I 220 -6.49 -22.22 8.82
CA LEU I 220 -6.98 -23.12 9.87
C LEU I 220 -8.02 -24.07 9.32
N TYR I 221 -8.91 -23.57 8.46
CA TYR I 221 -9.98 -24.39 7.90
C TYR I 221 -9.43 -25.50 7.02
N LEU I 222 -8.35 -25.21 6.29
CA LEU I 222 -7.77 -26.19 5.39
C LEU I 222 -7.10 -27.32 6.17
N HIS I 223 -6.34 -26.97 7.20
CA HIS I 223 -5.73 -28.01 8.00
C HIS I 223 -6.76 -28.71 8.88
N ASP I 224 -7.79 -28.00 9.28
CA ASP I 224 -8.78 -28.60 10.15
C ASP I 224 -10.18 -28.11 9.82
N ILE J 1 36.77 -9.12 -19.07
CA ILE J 1 36.03 -8.05 -19.70
C ILE J 1 35.15 -8.61 -20.82
N ASP J 2 35.69 -9.57 -21.59
CA ASP J 2 34.88 -10.24 -22.60
C ASP J 2 33.85 -11.12 -21.92
N THR J 3 34.19 -11.69 -20.77
CA THR J 3 33.23 -12.50 -20.02
C THR J 3 32.21 -11.62 -19.31
N ALA J 4 32.52 -10.33 -19.16
CA ALA J 4 31.58 -9.42 -18.50
C ALA J 4 30.35 -9.18 -19.36
N ALA J 5 30.53 -8.97 -20.65
CA ALA J 5 29.40 -8.71 -21.52
C ALA J 5 28.68 -10.00 -21.91
N LYS J 6 29.39 -11.13 -21.86
CA LYS J 6 28.77 -12.40 -22.24
C LYS J 6 27.79 -12.85 -21.17
N PHE J 7 28.12 -12.64 -19.90
CA PHE J 7 27.36 -13.27 -18.85
C PHE J 7 26.13 -12.44 -18.50
N ILE J 8 26.10 -11.19 -18.94
CA ILE J 8 24.89 -10.39 -18.74
C ILE J 8 23.86 -10.66 -19.83
N GLY J 9 24.30 -10.73 -21.08
CA GLY J 9 23.37 -10.81 -22.18
C GLY J 9 22.70 -12.16 -22.29
N ALA J 10 23.37 -13.20 -21.79
CA ALA J 10 22.73 -14.52 -21.71
C ALA J 10 21.60 -14.52 -20.70
N GLY J 11 21.75 -13.76 -19.62
CA GLY J 11 20.62 -13.57 -18.72
C GLY J 11 19.66 -12.52 -19.24
N ALA J 12 20.17 -11.56 -20.02
CA ALA J 12 19.30 -10.53 -20.55
C ALA J 12 18.45 -11.05 -21.70
N ALA J 13 18.84 -12.16 -22.31
CA ALA J 13 18.05 -12.71 -23.39
C ALA J 13 16.93 -13.60 -22.86
N THR J 14 17.17 -14.29 -21.74
CA THR J 14 16.23 -15.31 -21.31
C THR J 14 15.07 -14.73 -20.51
N VAL J 15 14.94 -13.41 -20.51
CA VAL J 15 13.72 -12.77 -20.05
C VAL J 15 12.73 -12.80 -21.22
N GLY J 16 13.22 -13.12 -22.41
CA GLY J 16 12.34 -13.25 -23.56
C GLY J 16 11.44 -14.47 -23.49
N VAL J 17 11.75 -15.41 -22.61
CA VAL J 17 10.93 -16.62 -22.52
C VAL J 17 9.82 -16.40 -21.51
N ALA J 18 9.87 -15.28 -20.80
CA ALA J 18 8.82 -14.92 -19.86
C ALA J 18 7.54 -14.57 -20.61
N GLY J 19 7.66 -13.87 -21.74
CA GLY J 19 6.49 -13.53 -22.52
C GLY J 19 5.82 -14.73 -23.16
N SER J 20 6.61 -15.78 -23.44
CA SER J 20 6.01 -17.03 -23.87
C SER J 20 5.30 -17.71 -22.71
N GLY J 21 5.75 -17.47 -21.48
CA GLY J 21 5.08 -18.04 -20.34
C GLY J 21 3.73 -17.39 -20.08
N ALA J 22 3.54 -16.17 -20.58
CA ALA J 22 2.25 -15.53 -20.43
C ALA J 22 1.27 -16.02 -21.48
N GLY J 23 1.70 -16.08 -22.74
CA GLY J 23 0.79 -16.43 -23.81
C GLY J 23 0.41 -17.89 -23.81
N ILE J 24 1.18 -18.72 -23.10
CA ILE J 24 0.86 -20.13 -23.01
C ILE J 24 -0.21 -20.37 -21.96
N GLY J 25 -0.45 -19.37 -21.12
CA GLY J 25 -1.43 -19.55 -20.06
C GLY J 25 -2.84 -19.42 -20.55
N THR J 26 -3.06 -18.54 -21.53
CA THR J 26 -4.40 -18.31 -22.04
C THR J 26 -4.88 -19.48 -22.88
N VAL J 27 -3.95 -20.16 -23.57
CA VAL J 27 -4.30 -21.22 -24.50
C VAL J 27 -4.81 -22.44 -23.77
N PHE J 28 -4.32 -22.68 -22.56
CA PHE J 28 -4.96 -23.71 -21.75
C PHE J 28 -5.97 -23.08 -20.82
N GLY J 29 -6.18 -21.78 -20.94
CA GLY J 29 -7.18 -21.12 -20.12
C GLY J 29 -8.47 -20.86 -20.86
N SER J 30 -8.38 -20.44 -22.13
CA SER J 30 -9.58 -20.19 -22.89
C SER J 30 -10.22 -21.49 -23.36
N MET J 31 -9.41 -22.52 -23.54
CA MET J 31 -9.95 -23.85 -23.86
C MET J 31 -10.75 -24.41 -22.70
N ILE J 32 -10.48 -23.93 -21.48
CA ILE J 32 -11.31 -24.32 -20.35
C ILE J 32 -12.71 -23.73 -20.49
N ILE J 33 -12.81 -22.43 -20.79
CA ILE J 33 -14.14 -21.85 -20.98
C ILE J 33 -14.62 -22.07 -22.40
N GLY J 34 -13.77 -22.62 -23.27
CA GLY J 34 -14.25 -22.98 -24.59
C GLY J 34 -14.92 -24.34 -24.59
N TYR J 35 -14.38 -25.28 -23.85
CA TYR J 35 -14.96 -26.61 -23.82
C TYR J 35 -16.11 -26.67 -22.82
N ALA J 36 -16.17 -25.71 -21.89
CA ALA J 36 -17.17 -25.77 -20.83
C ALA J 36 -18.59 -25.61 -21.36
N ARG J 37 -18.74 -24.79 -22.41
CA ARG J 37 -20.04 -24.67 -23.05
C ARG J 37 -20.36 -25.90 -23.87
N ASN J 38 -19.40 -26.36 -24.66
CA ASN J 38 -19.65 -27.20 -25.82
C ASN J 38 -18.83 -28.48 -25.73
N PRO J 39 -19.37 -29.55 -25.18
CA PRO J 39 -18.57 -30.80 -25.10
C PRO J 39 -18.49 -31.57 -26.41
N SER J 40 -17.73 -31.02 -27.35
CA SER J 40 -17.35 -31.68 -28.58
C SER J 40 -15.84 -31.82 -28.64
N LEU J 41 -15.28 -32.39 -27.56
CA LEU J 41 -13.86 -32.22 -27.25
C LEU J 41 -12.94 -32.99 -28.19
N LYS J 42 -13.28 -34.24 -28.51
CA LYS J 42 -12.40 -35.08 -29.32
C LYS J 42 -12.23 -34.56 -30.75
N GLN J 43 -13.14 -33.69 -31.18
CA GLN J 43 -13.00 -32.92 -32.41
C GLN J 43 -12.07 -31.75 -32.20
N GLN J 44 -12.18 -30.75 -33.08
CA GLN J 44 -11.08 -29.81 -33.31
C GLN J 44 -10.88 -28.80 -32.19
N LEU J 45 -11.45 -29.01 -31.00
CA LEU J 45 -11.01 -28.24 -29.84
C LEU J 45 -9.56 -28.52 -29.51
N PHE J 46 -9.26 -29.77 -29.18
CA PHE J 46 -7.93 -30.15 -28.73
C PHE J 46 -6.91 -30.02 -29.84
N SER J 47 -7.34 -30.22 -31.08
CA SER J 47 -6.44 -30.03 -32.21
C SER J 47 -6.13 -28.55 -32.41
N TYR J 48 -7.04 -27.67 -31.98
CA TYR J 48 -6.70 -26.26 -31.98
C TYR J 48 -6.02 -25.87 -30.67
N ALA J 49 -6.03 -26.77 -29.68
CA ALA J 49 -5.30 -26.51 -28.45
C ALA J 49 -3.82 -26.80 -28.61
N ILE J 50 -3.49 -27.90 -29.28
CA ILE J 50 -2.10 -28.33 -29.39
C ILE J 50 -1.36 -27.44 -30.39
N LEU J 51 -2.05 -26.99 -31.44
CA LEU J 51 -1.45 -26.04 -32.36
C LEU J 51 -1.18 -24.70 -31.68
N GLY J 52 -2.09 -24.29 -30.79
CA GLY J 52 -1.87 -23.03 -30.09
C GLY J 52 -0.75 -23.11 -29.08
N PHE J 53 -0.57 -24.29 -28.49
CA PHE J 53 0.52 -24.49 -27.54
C PHE J 53 1.87 -24.47 -28.24
N ALA J 54 2.01 -25.20 -29.33
CA ALA J 54 3.31 -25.37 -29.95
C ALA J 54 3.67 -24.22 -30.87
N LEU J 55 2.83 -23.17 -30.89
CA LEU J 55 3.16 -22.00 -31.68
C LEU J 55 3.65 -20.86 -30.80
N SER J 56 3.14 -20.77 -29.57
CA SER J 56 3.67 -19.81 -28.62
C SER J 56 5.04 -20.24 -28.11
N GLU J 57 5.29 -21.54 -28.09
CA GLU J 57 6.60 -22.09 -27.75
C GLU J 57 7.65 -21.61 -28.74
N ALA J 58 7.27 -21.52 -30.01
CA ALA J 58 8.24 -21.20 -31.07
C ALA J 58 8.53 -19.71 -31.12
N MET J 59 7.83 -18.91 -30.32
CA MET J 59 8.30 -17.54 -30.09
C MET J 59 9.07 -17.46 -28.77
N GLY J 60 9.00 -18.50 -27.94
CA GLY J 60 9.86 -18.56 -26.77
C GLY J 60 11.14 -19.34 -27.03
N LEU J 61 11.05 -20.42 -27.81
CA LEU J 61 12.24 -21.22 -28.09
C LEU J 61 13.16 -20.52 -29.07
N PHE J 62 12.62 -19.64 -29.91
CA PHE J 62 13.45 -19.04 -30.95
C PHE J 62 14.41 -18.02 -30.37
N CYS J 63 14.05 -17.39 -29.26
CA CYS J 63 14.99 -16.54 -28.55
C CYS J 63 16.05 -17.38 -27.82
N LEU J 64 15.66 -18.58 -27.37
CA LEU J 64 16.56 -19.43 -26.59
C LEU J 64 17.71 -19.97 -27.45
N MET J 65 17.43 -20.29 -28.72
CA MET J 65 18.50 -20.61 -29.64
C MET J 65 19.41 -19.41 -29.87
N VAL J 66 18.80 -18.22 -29.95
CA VAL J 66 19.58 -17.00 -30.04
C VAL J 66 20.27 -16.71 -28.71
N ALA J 67 19.67 -17.17 -27.60
CA ALA J 67 20.29 -16.99 -26.30
C ALA J 67 21.56 -17.82 -26.15
N PHE J 68 21.58 -19.04 -26.69
CA PHE J 68 22.79 -19.84 -26.64
C PHE J 68 23.78 -19.40 -27.71
N LEU J 69 23.29 -18.68 -28.72
CA LEU J 69 24.17 -18.15 -29.77
C LEU J 69 25.09 -17.06 -29.22
N ILE J 70 24.62 -16.32 -28.21
CA ILE J 70 25.43 -15.26 -27.60
C ILE J 70 26.62 -15.87 -26.86
N LEU J 71 26.41 -17.00 -26.19
CA LEU J 71 27.49 -17.62 -25.43
C LEU J 71 28.53 -18.25 -26.36
N PHE J 72 28.11 -18.71 -27.53
CA PHE J 72 29.02 -19.32 -28.48
C PHE J 72 28.88 -18.68 -29.85
N ILE K 1 36.46 -9.74 -11.07
CA ILE K 1 35.53 -9.12 -12.00
C ILE K 1 34.82 -10.23 -12.80
N ASP K 2 35.41 -11.41 -12.82
CA ASP K 2 34.77 -12.54 -13.48
C ASP K 2 33.56 -13.04 -12.68
N THR K 3 33.67 -13.02 -11.35
CA THR K 3 32.53 -13.38 -10.53
C THR K 3 31.52 -12.23 -10.49
N ALA K 4 31.95 -11.03 -10.85
CA ALA K 4 31.05 -9.87 -10.86
C ALA K 4 30.00 -10.01 -11.96
N ALA K 5 30.35 -10.66 -13.06
CA ALA K 5 29.34 -10.92 -14.10
C ALA K 5 28.57 -12.19 -13.79
N LYS K 6 29.11 -13.05 -12.92
CA LYS K 6 28.40 -14.25 -12.50
C LYS K 6 27.20 -13.91 -11.63
N PHE K 7 27.22 -12.74 -10.99
CA PHE K 7 26.15 -12.38 -10.07
C PHE K 7 25.06 -11.57 -10.76
N ILE K 8 25.44 -10.66 -11.66
CA ILE K 8 24.46 -9.81 -12.30
C ILE K 8 23.79 -10.53 -13.47
N GLY K 9 24.36 -11.67 -13.88
CA GLY K 9 23.76 -12.44 -14.95
C GLY K 9 22.56 -13.22 -14.48
N ALA K 10 22.65 -13.81 -13.28
CA ALA K 10 21.50 -14.47 -12.69
C ALA K 10 20.53 -13.47 -12.07
N GLY K 11 20.91 -12.18 -12.09
CA GLY K 11 20.00 -11.16 -11.59
C GLY K 11 18.84 -10.91 -12.52
N ALA K 12 19.06 -10.96 -13.83
CA ALA K 12 17.96 -10.77 -14.76
C ALA K 12 17.45 -12.10 -15.29
N ALA K 13 18.20 -13.19 -15.07
CA ALA K 13 17.80 -14.48 -15.62
C ALA K 13 16.66 -15.09 -14.84
N THR K 14 16.41 -14.61 -13.62
CA THR K 14 15.28 -15.13 -12.85
C THR K 14 14.07 -14.23 -12.98
N VAL K 15 14.11 -13.29 -13.92
CA VAL K 15 12.92 -12.50 -14.27
C VAL K 15 12.06 -13.34 -15.20
N GLY K 16 12.66 -14.36 -15.81
CA GLY K 16 11.90 -15.23 -16.68
C GLY K 16 10.94 -16.16 -15.94
N VAL K 17 11.04 -16.21 -14.60
CA VAL K 17 10.07 -16.98 -13.85
C VAL K 17 8.84 -16.12 -13.53
N ALA K 18 8.94 -14.81 -13.73
CA ALA K 18 7.79 -13.93 -13.54
C ALA K 18 6.79 -14.12 -14.67
N GLY K 19 7.27 -14.58 -15.83
CA GLY K 19 6.38 -14.91 -16.92
C GLY K 19 5.50 -16.10 -16.60
N SER K 20 5.98 -17.01 -15.74
CA SER K 20 5.12 -18.07 -15.24
C SER K 20 4.34 -17.60 -14.03
N GLY K 21 4.52 -16.35 -13.64
CA GLY K 21 3.68 -15.80 -12.59
C GLY K 21 2.36 -15.29 -13.13
N ALA K 22 2.40 -14.37 -14.08
CA ALA K 22 1.16 -13.78 -14.58
C ALA K 22 0.48 -14.71 -15.56
N GLY K 23 1.22 -15.67 -16.11
CA GLY K 23 0.61 -16.62 -17.04
C GLY K 23 -0.14 -17.71 -16.33
N ILE K 24 0.10 -17.87 -15.03
CA ILE K 24 -0.63 -18.87 -14.26
C ILE K 24 -1.80 -18.22 -13.55
N GLY K 25 -1.83 -16.89 -13.53
CA GLY K 25 -2.93 -16.20 -12.89
C GLY K 25 -4.20 -16.23 -13.71
N THR K 26 -4.07 -16.52 -15.00
CA THR K 26 -5.23 -16.65 -15.85
C THR K 26 -5.81 -18.05 -15.80
N VAL K 27 -4.95 -19.06 -15.94
CA VAL K 27 -5.42 -20.42 -16.17
C VAL K 27 -5.94 -21.02 -14.87
N PHE K 28 -5.70 -20.37 -13.74
CA PHE K 28 -6.38 -20.77 -12.53
C PHE K 28 -7.61 -19.91 -12.30
N GLY K 29 -7.67 -18.76 -12.96
CA GLY K 29 -8.86 -17.94 -12.88
C GLY K 29 -9.90 -18.34 -13.91
N SER K 30 -9.48 -19.02 -14.97
CA SER K 30 -10.40 -19.47 -16.00
C SER K 30 -11.10 -20.75 -15.59
N MET K 31 -10.60 -21.42 -14.55
CA MET K 31 -11.34 -22.55 -13.99
C MET K 31 -12.31 -22.07 -12.93
N ILE K 32 -12.39 -20.76 -12.71
CA ILE K 32 -13.48 -20.21 -11.92
C ILE K 32 -14.67 -19.90 -12.80
N ILE K 33 -14.46 -19.09 -13.84
CA ILE K 33 -15.54 -18.58 -14.67
C ILE K 33 -16.14 -19.70 -15.52
N GLY K 34 -15.37 -20.75 -15.77
CA GLY K 34 -15.87 -21.84 -16.59
C GLY K 34 -16.20 -23.09 -15.80
N TYR K 35 -16.39 -22.94 -14.50
CA TYR K 35 -16.83 -24.09 -13.71
C TYR K 35 -18.31 -23.99 -13.39
N ALA K 36 -18.78 -22.78 -13.11
CA ALA K 36 -20.17 -22.59 -12.67
C ALA K 36 -21.15 -22.86 -13.79
N ARG K 37 -20.74 -22.57 -15.03
CA ARG K 37 -21.61 -22.75 -16.18
C ARG K 37 -21.82 -24.22 -16.49
N ASN K 38 -20.94 -25.08 -15.99
CA ASN K 38 -20.99 -26.49 -16.31
C ASN K 38 -20.29 -27.30 -15.22
N PRO K 39 -21.01 -27.79 -14.23
CA PRO K 39 -20.38 -28.64 -13.19
C PRO K 39 -20.08 -30.06 -13.65
N SER K 40 -18.91 -30.23 -14.29
CA SER K 40 -18.36 -31.53 -14.67
C SER K 40 -16.86 -31.59 -14.39
N LEU K 41 -16.44 -31.29 -13.15
CA LEU K 41 -15.01 -31.03 -12.90
C LEU K 41 -14.20 -32.33 -12.85
N LYS K 42 -14.80 -33.43 -12.40
CA LYS K 42 -14.07 -34.69 -12.25
C LYS K 42 -13.78 -35.34 -13.59
N GLN K 43 -14.42 -34.86 -14.65
CA GLN K 43 -14.10 -35.15 -16.04
C GLN K 43 -12.94 -34.24 -16.43
N GLN K 44 -12.70 -34.04 -17.73
CA GLN K 44 -11.44 -33.48 -18.19
C GLN K 44 -11.33 -31.98 -17.95
N LEU K 45 -12.22 -31.39 -17.15
CA LEU K 45 -12.13 -29.96 -16.87
C LEU K 45 -10.99 -29.66 -15.91
N PHE K 46 -10.89 -30.42 -14.83
CA PHE K 46 -9.79 -30.22 -13.89
C PHE K 46 -8.49 -30.75 -14.48
N SER K 47 -8.59 -31.77 -15.32
CA SER K 47 -7.41 -32.39 -15.90
C SER K 47 -6.77 -31.50 -16.96
N TYR K 48 -7.54 -30.59 -17.55
CA TYR K 48 -6.96 -29.68 -18.53
C TYR K 48 -6.48 -28.41 -17.87
N ALA K 49 -6.61 -28.32 -16.55
CA ALA K 49 -5.93 -27.25 -15.82
C ALA K 49 -4.59 -27.74 -15.29
N ILE K 50 -4.51 -29.01 -14.90
CA ILE K 50 -3.26 -29.57 -14.39
C ILE K 50 -2.24 -29.70 -15.50
N LEU K 51 -2.68 -30.10 -16.68
CA LEU K 51 -1.84 -29.93 -17.87
C LEU K 51 -1.56 -28.45 -18.11
N GLY K 52 -2.53 -27.58 -17.85
CA GLY K 52 -2.33 -26.16 -18.04
C GLY K 52 -1.49 -25.53 -16.95
N PHE K 53 -1.43 -26.18 -15.78
CA PHE K 53 -0.56 -25.69 -14.72
C PHE K 53 0.87 -26.18 -14.91
N ALA K 54 1.04 -27.47 -15.16
CA ALA K 54 2.38 -28.07 -15.14
C ALA K 54 3.19 -27.65 -16.35
N LEU K 55 2.58 -27.65 -17.53
CA LEU K 55 3.33 -27.30 -18.73
C LEU K 55 3.50 -25.79 -18.83
N SER K 56 2.74 -25.04 -18.05
CA SER K 56 3.07 -23.63 -17.86
C SER K 56 4.11 -23.46 -16.77
N GLU K 57 4.22 -24.46 -15.89
CA GLU K 57 5.23 -24.40 -14.84
C GLU K 57 6.60 -24.80 -15.38
N ALA K 58 6.62 -25.61 -16.43
CA ALA K 58 7.87 -26.14 -16.96
C ALA K 58 8.71 -25.05 -17.61
N MET K 59 8.07 -23.95 -18.03
CA MET K 59 8.86 -22.83 -18.52
C MET K 59 9.16 -21.87 -17.38
N GLY K 60 8.65 -22.17 -16.19
CA GLY K 60 9.06 -21.39 -15.03
C GLY K 60 10.36 -21.88 -14.42
N LEU K 61 10.43 -23.18 -14.14
CA LEU K 61 11.62 -23.72 -13.48
C LEU K 61 12.77 -23.90 -14.46
N PHE K 62 12.49 -23.84 -15.77
CA PHE K 62 13.58 -23.88 -16.73
C PHE K 62 14.38 -22.58 -16.72
N CYS K 63 13.69 -21.45 -16.52
CA CYS K 63 14.40 -20.18 -16.45
C CYS K 63 14.92 -19.92 -15.04
N LEU K 64 14.65 -20.85 -14.12
CA LEU K 64 15.35 -20.88 -12.84
C LEU K 64 16.67 -21.62 -12.97
N MET K 65 16.69 -22.69 -13.77
CA MET K 65 17.87 -23.55 -13.86
C MET K 65 18.95 -22.90 -14.72
N VAL K 66 18.60 -21.85 -15.45
CA VAL K 66 19.62 -21.05 -16.11
C VAL K 66 20.44 -20.29 -15.09
N ALA K 67 19.78 -19.77 -14.05
CA ALA K 67 20.48 -18.96 -13.05
C ALA K 67 21.43 -19.78 -12.20
N PHE K 68 21.12 -21.08 -11.99
CA PHE K 68 22.11 -21.96 -11.38
C PHE K 68 23.26 -22.22 -12.33
N LEU K 69 22.96 -22.58 -13.58
CA LEU K 69 24.00 -23.06 -14.48
C LEU K 69 24.81 -21.91 -15.10
N ILE K 70 24.33 -20.68 -14.96
CA ILE K 70 25.19 -19.57 -15.35
C ILE K 70 26.22 -19.29 -14.25
N LEU K 71 25.86 -19.58 -12.99
CA LEU K 71 26.71 -19.18 -11.88
C LEU K 71 27.80 -20.20 -11.61
N PHE K 72 27.43 -21.48 -11.53
CA PHE K 72 28.40 -22.54 -11.33
C PHE K 72 29.09 -22.92 -12.64
N ILE L 1 34.35 -4.51 -5.43
CA ILE L 1 33.70 -4.79 -6.71
C ILE L 1 32.80 -6.01 -6.54
N ASP L 2 33.11 -6.81 -5.52
CA ASP L 2 32.21 -7.91 -5.14
C ASP L 2 30.95 -7.34 -4.52
N THR L 3 31.08 -6.25 -3.76
CA THR L 3 29.92 -5.68 -3.09
C THR L 3 29.02 -4.95 -4.08
N ALA L 4 29.62 -4.23 -5.04
CA ALA L 4 28.84 -3.35 -5.91
C ALA L 4 28.01 -4.12 -6.91
N ALA L 5 28.54 -5.21 -7.45
CA ALA L 5 27.78 -6.01 -8.40
C ALA L 5 26.67 -6.78 -7.70
N LYS L 6 26.84 -7.05 -6.41
CA LYS L 6 25.73 -7.60 -5.62
C LYS L 6 24.61 -6.59 -5.49
N PHE L 7 24.94 -5.29 -5.44
CA PHE L 7 23.93 -4.26 -5.21
C PHE L 7 23.01 -4.11 -6.42
N ILE L 8 23.56 -4.25 -7.62
CA ILE L 8 22.72 -4.28 -8.82
C ILE L 8 22.28 -5.70 -9.12
N GLY L 9 22.94 -6.69 -8.51
CA GLY L 9 22.56 -8.08 -8.73
C GLY L 9 21.21 -8.43 -8.14
N ALA L 10 20.89 -7.85 -6.98
CA ALA L 10 19.57 -8.09 -6.40
C ALA L 10 18.55 -7.10 -6.92
N GLY L 11 19.00 -6.03 -7.57
CA GLY L 11 18.08 -5.04 -8.09
C GLY L 11 17.31 -5.53 -9.31
N ALA L 12 17.97 -6.31 -10.17
CA ALA L 12 17.29 -6.88 -11.32
C ALA L 12 16.38 -8.02 -10.91
N ALA L 13 16.72 -8.73 -9.85
CA ALA L 13 15.94 -9.90 -9.46
C ALA L 13 14.81 -9.53 -8.52
N THR L 14 14.59 -8.24 -8.30
CA THR L 14 13.47 -7.80 -7.48
C THR L 14 12.17 -8.01 -8.22
N VAL L 15 12.20 -7.87 -9.55
CA VAL L 15 11.01 -7.73 -10.37
C VAL L 15 10.44 -9.09 -10.74
N GLY L 16 10.94 -10.16 -10.12
CA GLY L 16 10.33 -11.46 -10.32
C GLY L 16 8.98 -11.58 -9.67
N VAL L 17 8.67 -10.69 -8.73
CA VAL L 17 7.35 -10.73 -8.09
C VAL L 17 6.32 -10.05 -8.99
N ALA L 18 6.77 -9.26 -9.97
CA ALA L 18 5.91 -8.46 -10.84
C ALA L 18 5.01 -9.31 -11.73
N GLY L 19 5.39 -10.57 -11.92
CA GLY L 19 4.48 -11.52 -12.53
C GLY L 19 3.40 -11.98 -11.56
N SER L 20 3.78 -12.28 -10.32
CA SER L 20 2.79 -12.67 -9.33
C SER L 20 2.07 -11.44 -8.78
N GLY L 21 2.64 -10.26 -8.98
CA GLY L 21 2.01 -9.05 -8.46
C GLY L 21 0.78 -8.65 -9.24
N ALA L 22 0.60 -9.21 -10.43
CA ALA L 22 -0.63 -8.96 -11.18
C ALA L 22 -1.32 -10.26 -11.57
N GLY L 23 -0.62 -11.38 -11.43
CA GLY L 23 -1.27 -12.65 -11.64
C GLY L 23 -2.21 -12.99 -10.50
N ILE L 24 -2.07 -12.30 -9.36
CA ILE L 24 -3.04 -12.48 -8.30
C ILE L 24 -4.20 -11.50 -8.48
N GLY L 25 -4.06 -10.54 -9.39
CA GLY L 25 -5.17 -9.67 -9.69
C GLY L 25 -6.19 -10.31 -10.62
N THR L 26 -5.74 -11.21 -11.48
CA THR L 26 -6.65 -11.85 -12.43
C THR L 26 -7.53 -12.86 -11.75
N VAL L 27 -6.95 -13.75 -10.94
CA VAL L 27 -7.73 -14.84 -10.36
C VAL L 27 -8.64 -14.32 -9.26
N PHE L 28 -8.29 -13.21 -8.65
CA PHE L 28 -9.25 -12.60 -7.74
C PHE L 28 -10.10 -11.57 -8.47
N GLY L 29 -9.87 -11.40 -9.76
CA GLY L 29 -10.83 -10.70 -10.60
C GLY L 29 -11.66 -11.67 -11.43
N SER L 30 -11.54 -12.96 -11.16
CA SER L 30 -12.34 -13.94 -11.90
C SER L 30 -13.22 -14.73 -10.95
N MET L 31 -13.24 -14.35 -9.69
CA MET L 31 -14.23 -14.91 -8.78
C MET L 31 -15.24 -13.82 -8.39
N ILE L 32 -14.94 -12.57 -8.71
CA ILE L 32 -15.99 -11.56 -8.70
C ILE L 32 -17.03 -11.87 -9.78
N ILE L 33 -16.63 -12.51 -10.87
CA ILE L 33 -17.56 -12.73 -11.98
C ILE L 33 -18.08 -14.16 -11.99
N GLY L 34 -17.44 -15.06 -11.26
CA GLY L 34 -17.95 -16.41 -11.20
C GLY L 34 -18.86 -16.62 -10.01
N TYR L 35 -18.85 -15.68 -9.08
CA TYR L 35 -19.86 -15.67 -8.02
C TYR L 35 -21.07 -14.84 -8.45
N ALA L 36 -20.85 -13.87 -9.35
CA ALA L 36 -21.97 -13.06 -9.84
C ALA L 36 -22.95 -13.88 -10.67
N ARG L 37 -22.45 -14.77 -11.51
CA ARG L 37 -23.31 -15.56 -12.38
C ARG L 37 -24.05 -16.63 -11.59
N ASN L 38 -23.33 -17.40 -10.79
CA ASN L 38 -23.94 -18.50 -10.09
C ASN L 38 -23.52 -18.40 -8.63
N PRO L 39 -24.36 -17.94 -7.77
CA PRO L 39 -24.04 -17.95 -6.34
C PRO L 39 -23.99 -19.34 -5.72
N SER L 40 -22.84 -19.99 -5.90
CA SER L 40 -22.46 -21.21 -5.19
C SER L 40 -21.00 -21.14 -4.75
N LEU L 41 -20.59 -20.06 -4.07
CA LEU L 41 -19.17 -19.86 -3.78
C LEU L 41 -18.68 -20.79 -2.67
N LYS L 42 -19.59 -21.21 -1.77
CA LYS L 42 -19.21 -21.90 -0.54
C LYS L 42 -18.65 -23.29 -0.81
N GLN L 43 -18.96 -23.85 -1.97
CA GLN L 43 -18.35 -25.06 -2.51
C GLN L 43 -17.03 -24.67 -3.15
N GLN L 44 -16.59 -25.46 -4.15
CA GLN L 44 -15.32 -25.29 -4.85
C GLN L 44 -15.01 -23.87 -5.32
N LEU L 45 -16.02 -23.00 -5.44
CA LEU L 45 -15.84 -21.76 -6.19
C LEU L 45 -15.10 -20.69 -5.39
N PHE L 46 -14.76 -20.94 -4.12
CA PHE L 46 -13.83 -20.06 -3.42
C PHE L 46 -12.51 -20.75 -3.17
N SER L 47 -12.56 -22.07 -2.94
CA SER L 47 -11.34 -22.80 -2.66
C SER L 47 -10.55 -23.06 -3.93
N TYR L 48 -11.08 -22.65 -5.07
CA TYR L 48 -10.31 -22.73 -6.30
C TYR L 48 -9.63 -21.40 -6.60
N ALA L 49 -9.82 -20.41 -5.74
CA ALA L 49 -9.10 -19.15 -5.92
C ALA L 49 -7.93 -19.05 -4.93
N ILE L 50 -8.11 -19.56 -3.72
CA ILE L 50 -7.03 -19.63 -2.74
C ILE L 50 -6.00 -20.69 -3.16
N LEU L 51 -6.48 -21.83 -3.65
CA LEU L 51 -5.60 -22.79 -4.31
C LEU L 51 -5.02 -22.20 -5.59
N GLY L 52 -5.72 -21.25 -6.21
CA GLY L 52 -5.12 -20.47 -7.25
C GLY L 52 -4.11 -19.48 -6.71
N PHE L 53 -4.32 -19.02 -5.48
CA PHE L 53 -3.42 -18.02 -4.90
C PHE L 53 -2.19 -18.66 -4.28
N ALA L 54 -2.34 -19.85 -3.70
CA ALA L 54 -1.19 -20.54 -3.13
C ALA L 54 -0.20 -20.93 -4.22
N LEU L 55 -0.71 -21.44 -5.34
CA LEU L 55 0.19 -21.89 -6.40
C LEU L 55 0.56 -20.77 -7.34
N SER L 56 0.24 -19.53 -6.97
CA SER L 56 0.75 -18.39 -7.74
C SER L 56 1.51 -17.40 -6.87
N GLU L 57 1.27 -17.43 -5.56
CA GLU L 57 2.15 -16.68 -4.66
C GLU L 57 3.24 -17.59 -4.10
N ALA L 58 3.31 -18.82 -4.59
CA ALA L 58 4.52 -19.60 -4.42
C ALA L 58 5.66 -19.05 -5.26
N MET L 59 5.34 -18.26 -6.29
CA MET L 59 6.35 -17.83 -7.25
C MET L 59 6.68 -16.35 -7.10
N GLY L 60 5.99 -15.66 -6.21
CA GLY L 60 6.35 -14.28 -5.94
C GLY L 60 7.54 -14.16 -5.02
N LEU L 61 7.49 -14.84 -3.88
CA LEU L 61 8.61 -14.81 -2.94
C LEU L 61 9.67 -15.84 -3.30
N PHE L 62 9.44 -16.59 -4.37
CA PHE L 62 10.38 -17.60 -4.82
C PHE L 62 11.60 -16.93 -5.40
N CYS L 63 11.39 -15.79 -6.05
CA CYS L 63 12.48 -15.10 -6.72
C CYS L 63 13.21 -14.15 -5.79
N LEU L 64 12.48 -13.57 -4.81
CA LEU L 64 13.14 -12.69 -3.84
C LEU L 64 14.00 -13.48 -2.87
N MET L 65 13.76 -14.78 -2.76
CA MET L 65 14.66 -15.65 -2.02
C MET L 65 16.01 -15.76 -2.73
N VAL L 66 16.00 -15.69 -4.06
CA VAL L 66 17.24 -15.72 -4.82
C VAL L 66 17.95 -14.37 -4.72
N ALA L 67 17.18 -13.28 -4.71
CA ALA L 67 17.77 -11.95 -4.58
C ALA L 67 18.34 -11.72 -3.19
N PHE L 68 17.91 -12.50 -2.20
CA PHE L 68 18.58 -12.50 -0.92
C PHE L 68 19.84 -13.36 -0.97
N LEU L 69 19.76 -14.53 -1.60
CA LEU L 69 20.91 -15.45 -1.60
C LEU L 69 22.01 -14.99 -2.54
N ILE L 70 21.75 -13.95 -3.34
CA ILE L 70 22.83 -13.31 -4.09
C ILE L 70 23.39 -12.14 -3.30
N LEU L 71 22.67 -11.68 -2.28
CA LEU L 71 23.14 -10.54 -1.52
C LEU L 71 24.04 -10.97 -0.37
N PHE L 72 23.62 -11.94 0.41
CA PHE L 72 24.41 -12.39 1.55
C PHE L 72 24.75 -13.88 1.44
N ILE M 1 31.92 4.28 -6.14
CA ILE M 1 31.85 3.16 -7.08
C ILE M 1 30.55 2.40 -6.92
N ASP M 2 30.22 2.00 -5.69
CA ASP M 2 28.94 1.35 -5.46
C ASP M 2 27.84 2.36 -5.20
N THR M 3 28.20 3.66 -5.21
CA THR M 3 27.23 4.73 -5.03
C THR M 3 26.21 4.75 -6.17
N ALA M 4 26.66 4.48 -7.39
CA ALA M 4 25.73 4.22 -8.48
C ALA M 4 25.05 2.87 -8.29
N ALA M 5 25.78 1.89 -7.76
CA ALA M 5 25.20 0.56 -7.56
C ALA M 5 24.20 0.57 -6.42
N LYS M 6 24.32 1.54 -5.51
CA LYS M 6 23.22 1.84 -4.59
C LYS M 6 21.99 2.31 -5.37
N PHE M 7 22.20 2.99 -6.50
CA PHE M 7 21.07 3.62 -7.16
C PHE M 7 20.33 2.66 -8.07
N ILE M 8 21.02 1.99 -8.98
CA ILE M 8 20.34 1.21 -10.00
C ILE M 8 19.75 -0.06 -9.42
N GLY M 9 20.40 -0.63 -8.40
CA GLY M 9 19.79 -1.74 -7.68
C GLY M 9 18.54 -1.33 -6.96
N ALA M 10 18.47 -0.06 -6.56
CA ALA M 10 17.19 0.51 -6.15
C ALA M 10 16.39 0.97 -7.37
N GLY M 11 17.06 1.41 -8.42
CA GLY M 11 16.35 1.91 -9.59
C GLY M 11 15.73 0.81 -10.42
N ALA M 12 16.25 -0.41 -10.29
CA ALA M 12 15.62 -1.54 -10.97
C ALA M 12 14.60 -2.22 -10.08
N ALA M 13 14.72 -2.02 -8.77
CA ALA M 13 13.83 -2.73 -7.85
C ALA M 13 12.42 -2.16 -7.90
N THR M 14 12.27 -0.94 -8.39
CA THR M 14 10.99 -0.25 -8.30
C THR M 14 10.03 -0.70 -9.40
N VAL M 15 10.54 -1.29 -10.47
CA VAL M 15 9.68 -1.59 -11.61
C VAL M 15 9.03 -2.96 -11.43
N GLY M 16 9.35 -3.63 -10.33
CA GLY M 16 8.61 -4.84 -10.00
C GLY M 16 7.24 -4.56 -9.42
N VAL M 17 6.92 -3.28 -9.18
CA VAL M 17 5.59 -2.94 -8.72
C VAL M 17 4.65 -2.83 -9.91
N ALA M 18 5.22 -2.77 -11.13
CA ALA M 18 4.47 -2.44 -12.33
C ALA M 18 3.51 -3.55 -12.73
N GLY M 19 3.70 -4.75 -12.18
CA GLY M 19 2.63 -5.72 -12.20
C GLY M 19 1.39 -5.21 -11.49
N SER M 20 1.52 -4.91 -10.20
CA SER M 20 0.35 -4.63 -9.37
C SER M 20 -0.27 -3.28 -9.67
N GLY M 21 0.41 -2.45 -10.46
CA GLY M 21 -0.25 -1.29 -11.03
C GLY M 21 -1.30 -1.67 -12.06
N ALA M 22 -1.14 -2.85 -12.66
CA ALA M 22 -2.15 -3.34 -13.59
C ALA M 22 -3.01 -4.42 -12.95
N GLY M 23 -2.49 -5.09 -11.93
CA GLY M 23 -3.23 -6.19 -11.32
C GLY M 23 -4.46 -5.76 -10.56
N ILE M 24 -4.46 -4.53 -10.06
CA ILE M 24 -5.69 -4.00 -9.48
C ILE M 24 -6.54 -3.37 -10.57
N GLY M 25 -5.96 -3.14 -11.75
CA GLY M 25 -6.76 -2.67 -12.86
C GLY M 25 -7.67 -3.75 -13.40
N THR M 26 -7.25 -5.00 -13.26
CA THR M 26 -8.13 -6.11 -13.58
C THR M 26 -9.31 -6.15 -12.65
N VAL M 27 -9.05 -6.10 -11.34
CA VAL M 27 -10.05 -6.50 -10.36
C VAL M 27 -11.11 -5.41 -10.17
N PHE M 28 -10.83 -4.20 -10.68
CA PHE M 28 -11.88 -3.18 -10.66
C PHE M 28 -12.60 -3.10 -11.99
N GLY M 29 -11.89 -3.36 -13.10
CA GLY M 29 -12.60 -3.54 -14.35
C GLY M 29 -13.41 -4.82 -14.39
N SER M 30 -12.99 -5.83 -13.64
CA SER M 30 -13.72 -7.09 -13.66
C SER M 30 -14.83 -7.11 -12.64
N MET M 31 -15.03 -6.01 -11.93
CA MET M 31 -16.10 -5.99 -10.95
C MET M 31 -17.36 -5.39 -11.53
N ILE M 32 -17.19 -4.37 -12.38
CA ILE M 32 -18.34 -3.69 -12.99
C ILE M 32 -19.08 -4.62 -13.96
N ILE M 33 -18.35 -5.53 -14.62
CA ILE M 33 -19.04 -6.53 -15.44
C ILE M 33 -19.46 -7.72 -14.60
N GLY M 34 -19.07 -7.76 -13.34
CA GLY M 34 -19.72 -8.67 -12.42
C GLY M 34 -20.89 -8.02 -11.73
N TYR M 35 -21.04 -6.71 -11.92
CA TYR M 35 -22.08 -5.97 -11.21
C TYR M 35 -23.24 -5.64 -12.13
N ALA M 36 -22.95 -5.30 -13.39
CA ALA M 36 -24.00 -4.95 -14.33
C ALA M 36 -24.86 -6.15 -14.68
N ARG M 37 -24.31 -7.35 -14.54
CA ARG M 37 -25.11 -8.55 -14.69
C ARG M 37 -26.06 -8.71 -13.51
N ASN M 38 -25.58 -8.47 -12.30
CA ASN M 38 -26.30 -8.85 -11.10
C ASN M 38 -26.20 -7.75 -10.07
N PRO M 39 -27.17 -6.80 -10.01
CA PRO M 39 -27.08 -5.68 -9.05
C PRO M 39 -27.40 -6.05 -7.60
N SER M 40 -26.45 -6.74 -6.97
CA SER M 40 -26.50 -7.08 -5.55
C SER M 40 -25.19 -6.67 -4.88
N LEU M 41 -24.80 -5.40 -5.04
CA LEU M 41 -23.45 -4.95 -4.70
C LEU M 41 -23.18 -5.01 -3.21
N LYS M 42 -24.22 -4.90 -2.37
CA LYS M 42 -24.01 -4.85 -0.93
C LYS M 42 -23.70 -6.22 -0.36
N GLN M 43 -23.88 -7.26 -1.18
CA GLN M 43 -23.47 -8.60 -0.84
C GLN M 43 -21.98 -8.78 -1.06
N GLN M 44 -21.55 -10.05 -1.11
CA GLN M 44 -20.14 -10.39 -1.02
C GLN M 44 -19.37 -10.08 -2.30
N LEU M 45 -20.02 -9.50 -3.31
CA LEU M 45 -19.30 -9.15 -4.53
C LEU M 45 -18.37 -7.97 -4.31
N PHE M 46 -18.81 -6.96 -3.55
CA PHE M 46 -17.91 -5.86 -3.27
C PHE M 46 -16.87 -6.23 -2.22
N SER M 47 -17.18 -7.20 -1.38
CA SER M 47 -16.22 -7.66 -0.37
C SER M 47 -15.09 -8.47 -1.02
N TYR M 48 -15.30 -8.95 -2.25
CA TYR M 48 -14.22 -9.61 -2.95
C TYR M 48 -13.47 -8.63 -3.84
N ALA M 49 -13.88 -7.37 -3.83
CA ALA M 49 -13.09 -6.37 -4.53
C ALA M 49 -11.95 -5.87 -3.66
N ILE M 50 -12.18 -5.78 -2.36
CA ILE M 50 -11.20 -5.18 -1.45
C ILE M 50 -10.17 -6.22 -1.02
N LEU M 51 -10.62 -7.45 -0.73
CA LEU M 51 -9.69 -8.52 -0.40
C LEU M 51 -8.82 -8.87 -1.61
N GLY M 52 -9.37 -8.77 -2.81
CA GLY M 52 -8.55 -8.86 -4.00
C GLY M 52 -7.65 -7.66 -4.17
N PHE M 53 -8.10 -6.49 -3.72
CA PHE M 53 -7.24 -5.31 -3.75
C PHE M 53 -6.13 -5.41 -2.71
N ALA M 54 -6.48 -5.84 -1.50
CA ALA M 54 -5.51 -5.87 -0.40
C ALA M 54 -4.47 -6.96 -0.61
N LEU M 55 -4.88 -8.10 -1.16
CA LEU M 55 -3.93 -9.17 -1.41
C LEU M 55 -3.04 -8.85 -2.61
N SER M 56 -3.48 -7.91 -3.45
CA SER M 56 -2.63 -7.48 -4.55
C SER M 56 -1.70 -6.36 -4.12
N GLU M 57 -2.15 -5.48 -3.21
CA GLU M 57 -1.27 -4.44 -2.70
C GLU M 57 -0.33 -5.00 -1.65
N ALA M 58 -0.66 -6.16 -1.07
CA ALA M 58 0.28 -6.87 -0.21
C ALA M 58 1.47 -7.35 -1.01
N MET M 59 1.24 -7.82 -2.24
CA MET M 59 2.34 -8.11 -3.14
C MET M 59 2.73 -6.87 -3.94
N GLY M 60 2.13 -5.73 -3.64
CA GLY M 60 2.51 -4.51 -4.34
C GLY M 60 3.60 -3.74 -3.62
N LEU M 61 3.39 -3.43 -2.34
CA LEU M 61 4.24 -2.47 -1.65
C LEU M 61 5.56 -3.08 -1.22
N PHE M 62 5.58 -4.39 -0.95
CA PHE M 62 6.78 -5.00 -0.40
C PHE M 62 7.81 -5.29 -1.48
N CYS M 63 7.49 -4.96 -2.73
CA CYS M 63 8.53 -4.85 -3.73
C CYS M 63 9.29 -3.53 -3.56
N LEU M 64 8.65 -2.53 -2.98
CA LEU M 64 9.38 -1.30 -2.64
C LEU M 64 10.12 -1.44 -1.32
N MET M 65 9.87 -2.53 -0.59
CA MET M 65 10.64 -2.82 0.61
C MET M 65 12.10 -3.10 0.28
N VAL M 66 12.34 -3.81 -0.82
CA VAL M 66 13.72 -4.13 -1.20
C VAL M 66 14.37 -2.92 -1.86
N ALA M 67 13.57 -1.92 -2.22
CA ALA M 67 14.13 -0.70 -2.80
C ALA M 67 14.87 0.13 -1.76
N PHE M 68 14.27 0.33 -0.58
CA PHE M 68 14.89 1.18 0.42
C PHE M 68 16.08 0.51 1.09
N LEU M 69 16.03 -0.82 1.25
CA LEU M 69 17.11 -1.53 1.91
C LEU M 69 18.39 -1.48 1.11
N ILE M 70 18.27 -1.45 -0.21
CA ILE M 70 19.44 -1.24 -1.05
C ILE M 70 19.94 0.19 -0.91
N LEU M 71 19.02 1.14 -0.76
CA LEU M 71 19.43 2.51 -0.45
C LEU M 71 19.99 2.61 0.97
N PHE M 72 19.14 2.36 1.97
CA PHE M 72 19.53 2.56 3.35
C PHE M 72 20.00 1.25 4.00
N ILE N 1 30.29 11.45 -12.37
CA ILE N 1 29.87 10.24 -11.68
C ILE N 1 28.64 10.55 -10.82
N ASP N 2 28.50 11.81 -10.41
CA ASP N 2 27.33 12.18 -9.60
C ASP N 2 26.09 12.29 -10.47
N THR N 3 26.16 13.07 -11.55
CA THR N 3 25.02 13.22 -12.44
C THR N 3 24.87 11.99 -13.32
N ALA N 4 25.93 11.18 -13.42
CA ALA N 4 25.82 9.89 -14.08
C ALA N 4 24.97 8.92 -13.29
N ALA N 5 25.13 8.90 -11.97
CA ALA N 5 24.45 7.90 -11.16
C ALA N 5 22.99 8.28 -10.95
N LYS N 6 22.69 9.57 -10.91
CA LYS N 6 21.36 10.03 -10.53
C LYS N 6 20.34 9.73 -11.61
N PHE N 7 20.70 9.97 -12.87
CA PHE N 7 19.69 10.02 -13.93
C PHE N 7 19.25 8.61 -14.36
N ILE N 8 20.14 7.63 -14.27
CA ILE N 8 19.76 6.28 -14.72
C ILE N 8 19.14 5.50 -13.57
N GLY N 9 19.06 6.11 -12.40
CA GLY N 9 18.13 5.62 -11.40
C GLY N 9 16.77 6.28 -11.50
N ALA N 10 16.71 7.40 -12.22
CA ALA N 10 15.45 8.15 -12.34
C ALA N 10 14.65 7.68 -13.54
N GLY N 11 15.31 7.42 -14.66
CA GLY N 11 14.59 6.93 -15.83
C GLY N 11 14.13 5.50 -15.66
N ALA N 12 14.89 4.70 -14.93
CA ALA N 12 14.53 3.29 -14.75
C ALA N 12 13.47 3.12 -13.67
N ALA N 13 13.06 4.22 -13.04
CA ALA N 13 11.96 4.16 -12.08
C ALA N 13 10.65 4.57 -12.73
N THR N 14 10.72 5.33 -13.82
CA THR N 14 9.53 5.88 -14.44
C THR N 14 8.90 4.85 -15.39
N VAL N 15 9.52 3.68 -15.50
CA VAL N 15 8.97 2.57 -16.27
C VAL N 15 7.78 2.02 -15.50
N GLY N 16 7.84 2.08 -14.17
CA GLY N 16 6.79 1.49 -13.35
C GLY N 16 5.51 2.30 -13.33
N VAL N 17 5.58 3.57 -13.76
CA VAL N 17 4.39 4.43 -13.70
C VAL N 17 3.57 4.32 -14.97
N ALA N 18 4.12 3.70 -16.01
CA ALA N 18 3.30 3.30 -17.14
C ALA N 18 3.00 1.81 -17.01
N GLY N 19 3.42 1.21 -15.89
CA GLY N 19 3.01 -0.13 -15.58
C GLY N 19 1.60 -0.20 -15.01
N SER N 20 1.01 0.97 -14.71
CA SER N 20 -0.38 1.00 -14.29
C SER N 20 -1.27 1.57 -15.38
N GLY N 21 -0.71 1.91 -16.53
CA GLY N 21 -1.55 2.26 -17.66
C GLY N 21 -2.27 1.05 -18.23
N ALA N 22 -1.66 -0.12 -18.11
CA ALA N 22 -2.27 -1.34 -18.63
C ALA N 22 -3.42 -1.81 -17.75
N GLY N 23 -3.54 -1.24 -16.55
CA GLY N 23 -4.69 -1.56 -15.72
C GLY N 23 -5.91 -0.72 -16.07
N ILE N 24 -5.70 0.57 -16.36
CA ILE N 24 -6.84 1.43 -16.68
C ILE N 24 -7.28 1.21 -18.12
N GLY N 25 -6.48 0.49 -18.90
CA GLY N 25 -7.01 -0.08 -20.11
C GLY N 25 -8.13 -1.05 -19.80
N THR N 26 -7.97 -1.84 -18.74
CA THR N 26 -9.02 -2.75 -18.36
C THR N 26 -10.12 -2.03 -17.61
N VAL N 27 -9.78 -1.03 -16.79
CA VAL N 27 -10.78 -0.35 -15.98
C VAL N 27 -11.71 0.48 -16.87
N PHE N 28 -11.14 1.31 -17.74
CA PHE N 28 -11.96 2.13 -18.60
C PHE N 28 -12.53 1.31 -19.75
N GLY N 29 -11.88 0.19 -20.06
CA GLY N 29 -12.33 -0.63 -21.18
C GLY N 29 -13.42 -1.60 -20.81
N SER N 30 -13.38 -2.15 -19.60
CA SER N 30 -14.41 -3.12 -19.22
C SER N 30 -15.67 -2.43 -18.73
N MET N 31 -15.72 -1.10 -18.83
CA MET N 31 -16.99 -0.43 -18.63
C MET N 31 -17.89 -0.63 -19.83
N ILE N 32 -17.28 -0.87 -20.99
CA ILE N 32 -18.01 -1.01 -22.25
C ILE N 32 -18.90 -2.25 -22.22
N ILE N 33 -18.34 -3.38 -21.79
CA ILE N 33 -19.07 -4.64 -21.83
C ILE N 33 -20.09 -4.69 -20.70
N GLY N 34 -19.93 -3.85 -19.70
CA GLY N 34 -20.95 -3.78 -18.66
C GLY N 34 -22.11 -2.88 -19.05
N TYR N 35 -21.81 -1.80 -19.76
CA TYR N 35 -22.82 -0.79 -20.08
C TYR N 35 -23.79 -1.31 -21.13
N ALA N 36 -23.34 -2.24 -21.97
CA ALA N 36 -24.19 -2.74 -23.05
C ALA N 36 -25.19 -3.79 -22.56
N ARG N 37 -24.86 -4.51 -21.48
CA ARG N 37 -25.83 -5.43 -20.95
C ARG N 37 -26.94 -4.67 -20.23
N ASN N 38 -26.59 -3.62 -19.49
CA ASN N 38 -27.55 -2.92 -18.66
C ASN N 38 -27.27 -1.42 -18.74
N PRO N 39 -28.22 -0.63 -19.20
CA PRO N 39 -28.03 0.84 -19.12
C PRO N 39 -28.62 1.50 -17.87
N SER N 40 -28.06 1.16 -16.72
CA SER N 40 -28.26 1.92 -15.50
C SER N 40 -27.06 2.81 -15.24
N LEU N 41 -26.98 3.92 -15.99
CA LEU N 41 -25.71 4.57 -16.28
C LEU N 41 -25.21 5.42 -15.12
N LYS N 42 -26.03 6.37 -14.64
CA LYS N 42 -25.58 7.26 -13.58
C LYS N 42 -25.72 6.63 -12.20
N GLN N 43 -25.82 5.30 -12.12
CA GLN N 43 -25.81 4.51 -10.90
C GLN N 43 -24.35 4.37 -10.48
N GLN N 44 -24.04 3.41 -9.60
CA GLN N 44 -22.67 3.18 -9.18
C GLN N 44 -21.78 2.63 -10.30
N LEU N 45 -22.36 2.34 -11.47
CA LEU N 45 -21.64 1.77 -12.60
C LEU N 45 -20.51 2.68 -13.08
N PHE N 46 -20.82 3.94 -13.43
CA PHE N 46 -19.75 4.86 -13.80
C PHE N 46 -18.93 5.27 -12.58
N SER N 47 -19.54 5.23 -11.40
CA SER N 47 -18.82 5.66 -10.20
C SER N 47 -17.90 4.56 -9.68
N TYR N 48 -18.20 3.29 -9.97
CA TYR N 48 -17.23 2.24 -9.66
C TYR N 48 -16.01 2.34 -10.55
N ALA N 49 -16.16 2.94 -11.74
CA ALA N 49 -15.02 3.19 -12.60
C ALA N 49 -14.07 4.21 -11.98
N ILE N 50 -14.62 5.23 -11.33
CA ILE N 50 -13.78 6.24 -10.65
C ILE N 50 -13.06 5.61 -9.47
N LEU N 51 -13.70 4.65 -8.79
CA LEU N 51 -12.98 3.88 -7.78
C LEU N 51 -11.93 2.97 -8.41
N GLY N 52 -12.10 2.64 -9.69
CA GLY N 52 -11.03 1.96 -10.40
C GLY N 52 -10.01 2.91 -11.00
N PHE N 53 -10.49 4.02 -11.57
CA PHE N 53 -9.63 4.90 -12.36
C PHE N 53 -8.62 5.64 -11.49
N ALA N 54 -9.02 6.05 -10.29
CA ALA N 54 -8.14 6.86 -9.46
C ALA N 54 -7.42 6.01 -8.42
N LEU N 55 -7.80 4.74 -8.27
CA LEU N 55 -7.01 3.85 -7.43
C LEU N 55 -5.91 3.18 -8.22
N SER N 56 -6.15 2.93 -9.51
CA SER N 56 -5.10 2.37 -10.35
C SER N 56 -4.10 3.44 -10.76
N GLU N 57 -4.55 4.68 -10.89
CA GLU N 57 -3.62 5.80 -11.05
C GLU N 57 -2.86 6.06 -9.74
N ALA N 58 -3.42 5.62 -8.61
CA ALA N 58 -2.77 5.81 -7.32
C ALA N 58 -1.58 4.88 -7.16
N MET N 59 -1.46 3.86 -8.00
CA MET N 59 -0.21 3.14 -8.10
C MET N 59 0.63 3.71 -9.24
N GLY N 60 0.00 4.48 -10.13
CA GLY N 60 0.76 5.15 -11.17
C GLY N 60 1.53 6.35 -10.64
N LEU N 61 0.86 7.22 -9.87
CA LEU N 61 1.55 8.35 -9.25
C LEU N 61 2.20 7.95 -7.94
N PHE N 62 2.23 6.66 -7.62
CA PHE N 62 3.01 6.16 -6.50
C PHE N 62 4.50 6.35 -6.76
N CYS N 63 5.02 5.73 -7.81
CA CYS N 63 6.47 5.63 -7.99
C CYS N 63 7.05 6.94 -8.50
N LEU N 64 6.21 7.85 -8.98
CA LEU N 64 6.72 9.07 -9.61
C LEU N 64 7.34 10.02 -8.60
N MET N 65 6.89 9.97 -7.34
CA MET N 65 7.59 10.69 -6.29
C MET N 65 8.91 10.00 -5.94
N VAL N 66 8.93 8.66 -6.03
CA VAL N 66 10.13 7.88 -5.69
C VAL N 66 11.22 8.11 -6.73
N ALA N 67 10.83 8.38 -7.97
CA ALA N 67 11.80 8.81 -8.98
C ALA N 67 12.35 10.17 -8.63
N PHE N 68 11.49 11.11 -8.23
CA PHE N 68 11.97 12.43 -7.85
C PHE N 68 12.55 12.41 -6.43
N LEU N 69 12.39 11.30 -5.71
CA LEU N 69 13.07 11.12 -4.43
C LEU N 69 14.55 10.83 -4.67
N ILE N 70 14.89 10.30 -5.85
CA ILE N 70 16.26 9.96 -6.19
C ILE N 70 16.76 10.88 -7.32
N LEU N 71 15.95 11.87 -7.70
CA LEU N 71 16.53 12.96 -8.48
C LEU N 71 17.46 13.80 -7.60
N PHE N 72 17.07 14.01 -6.35
CA PHE N 72 17.82 14.87 -5.44
C PHE N 72 18.65 14.07 -4.45
N ILE O 1 31.46 11.02 -19.13
CA ILE O 1 30.69 10.14 -18.26
C ILE O 1 29.26 10.68 -18.19
N ASP O 2 29.09 11.96 -18.56
CA ASP O 2 27.74 12.52 -18.65
C ASP O 2 27.03 11.97 -19.86
N THR O 3 27.77 11.73 -20.94
CA THR O 3 27.16 11.23 -22.18
C THR O 3 26.72 9.78 -22.02
N ALA O 4 27.42 9.02 -21.17
CA ALA O 4 27.11 7.61 -21.01
C ALA O 4 25.88 7.40 -20.15
N ALA O 5 25.38 8.48 -19.53
CA ALA O 5 24.20 8.35 -18.69
C ALA O 5 22.95 8.86 -19.38
N LYS O 6 23.10 9.87 -20.24
CA LYS O 6 21.92 10.48 -20.87
C LYS O 6 21.27 9.54 -21.87
N PHE O 7 22.05 8.63 -22.46
CA PHE O 7 21.53 7.83 -23.57
C PHE O 7 20.94 6.52 -23.08
N ILE O 8 21.47 6.00 -21.97
CA ILE O 8 20.85 4.84 -21.35
C ILE O 8 19.60 5.25 -20.58
N GLY O 9 19.56 6.50 -20.12
CA GLY O 9 18.44 6.94 -19.31
C GLY O 9 17.14 7.04 -20.09
N ALA O 10 17.18 7.71 -21.25
CA ALA O 10 15.96 7.90 -22.05
C ALA O 10 15.51 6.59 -22.67
N GLY O 11 16.45 5.73 -23.06
CA GLY O 11 16.08 4.44 -23.61
C GLY O 11 15.49 3.52 -22.56
N ALA O 12 15.91 3.68 -21.31
CA ALA O 12 15.22 3.01 -20.23
C ALA O 12 13.85 3.62 -20.02
N ALA O 13 13.71 4.93 -20.24
CA ALA O 13 12.45 5.60 -19.94
C ALA O 13 11.42 5.39 -21.03
N THR O 14 11.79 4.71 -22.11
CA THR O 14 10.87 4.50 -23.22
C THR O 14 10.10 3.20 -23.05
N VAL O 15 10.60 2.32 -22.17
CA VAL O 15 10.12 0.95 -21.96
C VAL O 15 8.66 0.92 -21.54
N GLY O 16 8.23 1.94 -20.80
CA GLY O 16 6.93 1.87 -20.15
C GLY O 16 5.77 2.00 -21.12
N VAL O 17 6.01 2.64 -22.27
CA VAL O 17 4.91 2.96 -23.21
C VAL O 17 4.38 1.67 -23.85
N ALA O 18 5.18 0.61 -23.82
CA ALA O 18 4.72 -0.74 -24.10
C ALA O 18 3.58 -1.17 -23.19
N GLY O 19 3.57 -0.69 -21.95
CA GLY O 19 2.42 -0.91 -21.10
C GLY O 19 1.17 -0.22 -21.60
N SER O 20 1.34 0.92 -22.29
CA SER O 20 0.18 1.69 -22.72
C SER O 20 -0.52 1.04 -23.89
N GLY O 21 0.25 0.57 -24.88
CA GLY O 21 -0.36 -0.09 -26.03
C GLY O 21 -1.01 -1.41 -25.67
N ALA O 22 -0.52 -2.05 -24.61
CA ALA O 22 -1.02 -3.37 -24.24
C ALA O 22 -2.32 -3.25 -23.46
N GLY O 23 -2.70 -2.04 -23.08
CA GLY O 23 -4.04 -1.84 -22.57
C GLY O 23 -4.94 -1.16 -23.58
N ILE O 24 -4.34 -0.42 -24.52
CA ILE O 24 -5.13 0.37 -25.46
C ILE O 24 -5.70 -0.52 -26.56
N GLY O 25 -5.16 -1.73 -26.69
CA GLY O 25 -5.81 -2.70 -27.55
C GLY O 25 -7.04 -3.28 -26.91
N THR O 26 -7.12 -3.23 -25.58
CA THR O 26 -8.28 -3.76 -24.90
C THR O 26 -9.46 -2.81 -25.01
N VAL O 27 -9.20 -1.51 -25.09
CA VAL O 27 -10.28 -0.54 -25.04
C VAL O 27 -10.95 -0.42 -26.40
N PHE O 28 -10.37 -0.99 -27.44
CA PHE O 28 -11.14 -1.18 -28.67
C PHE O 28 -11.52 -2.64 -28.82
N GLY O 29 -10.84 -3.52 -28.10
CA GLY O 29 -11.21 -4.92 -28.13
C GLY O 29 -12.36 -5.22 -27.18
N SER O 30 -12.79 -4.21 -26.44
CA SER O 30 -14.03 -4.34 -25.70
C SER O 30 -15.17 -3.65 -26.44
N MET O 31 -14.83 -2.76 -27.38
CA MET O 31 -15.89 -2.07 -28.12
C MET O 31 -16.31 -2.87 -29.34
N ILE O 32 -15.43 -3.74 -29.84
CA ILE O 32 -15.82 -4.72 -30.86
C ILE O 32 -16.87 -5.67 -30.30
N ILE O 33 -16.63 -6.22 -29.11
CA ILE O 33 -17.62 -7.08 -28.47
C ILE O 33 -18.73 -6.24 -27.86
N GLY O 34 -18.53 -4.93 -27.74
CA GLY O 34 -19.59 -4.08 -27.22
C GLY O 34 -20.69 -3.84 -28.22
N TYR O 35 -20.31 -3.37 -29.42
CA TYR O 35 -21.29 -3.06 -30.45
C TYR O 35 -21.88 -4.32 -31.06
N ALA O 36 -21.17 -5.44 -30.98
CA ALA O 36 -21.67 -6.67 -31.58
C ALA O 36 -22.68 -7.37 -30.69
N ARG O 37 -22.93 -6.83 -29.50
CA ARG O 37 -24.02 -7.37 -28.68
C ARG O 37 -25.28 -6.51 -28.81
N ASN O 38 -25.10 -5.19 -28.86
CA ASN O 38 -26.18 -4.24 -28.80
C ASN O 38 -25.77 -3.05 -29.67
N PRO O 39 -26.34 -2.89 -30.85
CA PRO O 39 -25.93 -1.77 -31.73
C PRO O 39 -26.31 -0.39 -31.19
N SER O 40 -25.50 0.07 -30.23
CA SER O 40 -25.62 1.37 -29.58
C SER O 40 -24.37 2.20 -29.87
N LEU O 41 -23.98 2.25 -31.14
CA LEU O 41 -22.72 2.86 -31.56
C LEU O 41 -22.75 4.37 -31.44
N LYS O 42 -23.73 5.03 -32.08
CA LYS O 42 -23.74 6.48 -32.20
C LYS O 42 -24.01 7.17 -30.87
N GLN O 43 -24.59 6.44 -29.91
CA GLN O 43 -24.73 6.88 -28.54
C GLN O 43 -23.45 6.61 -27.77
N GLN O 44 -23.54 6.63 -26.42
CA GLN O 44 -22.40 6.92 -25.55
C GLN O 44 -21.26 5.91 -25.62
N LEU O 45 -21.44 4.79 -26.32
CA LEU O 45 -20.44 3.71 -26.28
C LEU O 45 -19.18 4.09 -27.01
N PHE O 46 -19.31 4.61 -28.24
CA PHE O 46 -18.13 4.92 -29.04
C PHE O 46 -17.36 6.10 -28.46
N SER O 47 -18.06 7.02 -27.79
CA SER O 47 -17.40 8.18 -27.22
C SER O 47 -16.54 7.79 -26.03
N TYR O 48 -16.88 6.68 -25.37
CA TYR O 48 -16.05 6.16 -24.29
C TYR O 48 -14.71 5.65 -24.82
N ALA O 49 -14.73 5.07 -26.02
CA ALA O 49 -13.46 4.64 -26.62
C ALA O 49 -12.64 5.83 -27.06
N ILE O 50 -13.30 6.94 -27.38
CA ILE O 50 -12.58 8.18 -27.66
C ILE O 50 -11.97 8.71 -26.39
N LEU O 51 -12.69 8.59 -25.26
CA LEU O 51 -12.08 8.90 -23.97
C LEU O 51 -11.06 7.83 -23.60
N GLY O 52 -11.32 6.57 -23.99
CA GLY O 52 -10.45 5.48 -23.58
C GLY O 52 -9.09 5.51 -24.26
N PHE O 53 -9.06 5.95 -25.52
CA PHE O 53 -7.77 6.16 -26.17
C PHE O 53 -7.09 7.40 -25.63
N ALA O 54 -7.86 8.43 -25.29
CA ALA O 54 -7.27 9.69 -24.85
C ALA O 54 -6.71 9.57 -23.44
N LEU O 55 -7.32 8.74 -22.60
CA LEU O 55 -6.87 8.66 -21.21
C LEU O 55 -5.59 7.88 -21.07
N SER O 56 -5.58 6.62 -21.55
CA SER O 56 -4.45 5.73 -21.28
C SER O 56 -3.21 6.14 -22.06
N GLU O 57 -3.40 6.90 -23.13
CA GLU O 57 -2.23 7.43 -23.84
C GLU O 57 -1.60 8.57 -23.06
N ALA O 58 -2.39 9.25 -22.24
CA ALA O 58 -1.84 10.28 -21.36
C ALA O 58 -1.01 9.68 -20.25
N MET O 59 -1.33 8.45 -19.83
CA MET O 59 -0.40 7.71 -18.99
C MET O 59 0.84 7.29 -19.77
N GLY O 60 0.70 7.17 -21.08
CA GLY O 60 1.82 6.71 -21.89
C GLY O 60 2.71 7.83 -22.38
N LEU O 61 2.10 8.89 -22.93
CA LEU O 61 2.90 9.88 -23.65
C LEU O 61 3.67 10.79 -22.70
N PHE O 62 3.27 10.86 -21.44
CA PHE O 62 4.05 11.60 -20.46
C PHE O 62 5.38 10.91 -20.18
N CYS O 63 5.40 9.57 -20.28
CA CYS O 63 6.63 8.82 -20.03
C CYS O 63 7.67 9.08 -21.11
N LEU O 64 7.20 9.41 -22.31
CA LEU O 64 8.11 9.83 -23.37
C LEU O 64 8.69 11.20 -23.06
N MET O 65 7.91 12.08 -22.44
CA MET O 65 8.39 13.40 -22.05
C MET O 65 9.43 13.29 -20.92
N VAL O 66 9.34 12.22 -20.13
CA VAL O 66 10.37 11.93 -19.14
C VAL O 66 11.69 11.60 -19.82
N ALA O 67 11.63 10.95 -20.99
CA ALA O 67 12.84 10.58 -21.70
C ALA O 67 13.53 11.80 -22.30
N PHE O 68 12.78 12.86 -22.59
CA PHE O 68 13.36 14.01 -23.26
C PHE O 68 14.23 14.84 -22.31
N LEU O 69 13.81 14.99 -21.06
CA LEU O 69 14.56 15.81 -20.11
C LEU O 69 15.83 15.10 -19.66
N ILE O 70 15.84 13.76 -19.74
CA ILE O 70 17.09 13.03 -19.57
C ILE O 70 18.00 13.28 -20.78
N LEU O 71 17.42 13.28 -21.98
CA LEU O 71 18.20 13.59 -23.16
C LEU O 71 18.57 15.07 -23.22
N PHE O 72 17.67 15.94 -22.77
CA PHE O 72 17.96 17.37 -22.68
C PHE O 72 17.97 17.87 -21.24
N ILE P 1 34.10 4.46 -25.90
CA ILE P 1 33.22 4.71 -24.77
C ILE P 1 32.12 5.71 -25.15
N ASP P 2 32.49 6.68 -26.00
CA ASP P 2 31.49 7.61 -26.51
C ASP P 2 30.56 6.93 -27.50
N THR P 3 31.08 5.96 -28.26
CA THR P 3 30.24 5.17 -29.15
C THR P 3 29.44 4.13 -28.39
N ALA P 4 29.88 3.79 -27.17
CA ALA P 4 29.21 2.75 -26.40
C ALA P 4 27.86 3.21 -25.90
N ALA P 5 27.72 4.51 -25.63
CA ALA P 5 26.45 5.06 -25.14
C ALA P 5 25.38 5.03 -26.22
N LYS P 6 25.81 5.07 -27.49
CA LYS P 6 24.88 4.89 -28.60
C LYS P 6 24.25 3.51 -28.59
N PHE P 7 25.05 2.49 -28.24
CA PHE P 7 24.61 1.11 -28.41
C PHE P 7 23.70 0.68 -27.28
N ILE P 8 23.92 1.23 -26.09
CA ILE P 8 23.24 0.72 -24.90
C ILE P 8 21.80 1.21 -24.84
N GLY P 9 21.51 2.32 -25.53
CA GLY P 9 20.22 2.96 -25.34
C GLY P 9 19.13 2.37 -26.21
N ALA P 10 19.46 2.05 -27.46
CA ALA P 10 18.44 1.63 -28.42
C ALA P 10 17.95 0.22 -28.12
N GLY P 11 18.84 -0.64 -27.63
CA GLY P 11 18.41 -1.97 -27.23
C GLY P 11 17.52 -1.95 -26.01
N ALA P 12 17.65 -0.91 -25.19
CA ALA P 12 16.73 -0.71 -24.09
C ALA P 12 15.41 -0.14 -24.59
N ALA P 13 15.46 0.82 -25.52
CA ALA P 13 14.24 1.44 -26.02
C ALA P 13 13.57 0.56 -27.07
N THR P 14 14.22 -0.55 -27.43
CA THR P 14 13.65 -1.53 -28.36
C THR P 14 12.41 -2.18 -27.76
N VAL P 15 12.39 -2.35 -26.44
CA VAL P 15 11.46 -3.24 -25.77
C VAL P 15 10.14 -2.52 -25.56
N GLY P 16 10.09 -1.23 -25.89
CA GLY P 16 8.83 -0.51 -25.78
C GLY P 16 7.83 -0.85 -26.88
N VAL P 17 8.21 -1.75 -27.78
CA VAL P 17 7.29 -2.23 -28.81
C VAL P 17 6.82 -3.64 -28.48
N ALA P 18 7.34 -4.24 -27.41
CA ALA P 18 6.95 -5.58 -27.00
C ALA P 18 5.52 -5.63 -26.52
N GLY P 19 5.13 -4.64 -25.73
CA GLY P 19 3.75 -4.58 -25.28
C GLY P 19 2.81 -4.14 -26.39
N SER P 20 3.27 -3.21 -27.24
CA SER P 20 2.48 -2.83 -28.40
C SER P 20 2.42 -3.95 -29.42
N GLY P 21 3.35 -4.91 -29.34
CA GLY P 21 3.20 -6.13 -30.09
C GLY P 21 2.04 -6.98 -29.60
N ALA P 22 1.90 -7.11 -28.28
CA ALA P 22 0.74 -7.84 -27.76
C ALA P 22 -0.49 -6.94 -27.71
N GLY P 23 -0.30 -5.64 -27.91
CA GLY P 23 -1.44 -4.73 -27.88
C GLY P 23 -2.24 -4.77 -29.17
N ILE P 24 -1.74 -5.48 -30.18
CA ILE P 24 -2.51 -5.72 -31.39
C ILE P 24 -2.95 -7.16 -31.46
N GLY P 25 -2.45 -7.99 -30.55
CA GLY P 25 -2.84 -9.38 -30.55
C GLY P 25 -4.19 -9.62 -29.92
N THR P 26 -4.65 -8.65 -29.14
CA THR P 26 -5.93 -8.84 -28.45
C THR P 26 -7.07 -8.20 -29.23
N VAL P 27 -6.75 -7.21 -30.07
CA VAL P 27 -7.79 -6.58 -30.88
C VAL P 27 -8.22 -7.52 -32.00
N PHE P 28 -7.40 -8.54 -32.30
CA PHE P 28 -7.85 -9.60 -33.19
C PHE P 28 -8.40 -10.77 -32.40
N GLY P 29 -8.12 -10.83 -31.10
CA GLY P 29 -8.73 -11.83 -30.25
C GLY P 29 -10.14 -11.46 -29.86
N SER P 30 -10.54 -10.23 -30.16
CA SER P 30 -11.92 -9.84 -29.95
C SER P 30 -12.78 -10.19 -31.15
N MET P 31 -12.27 -9.93 -32.35
CA MET P 31 -13.11 -9.99 -33.55
C MET P 31 -13.40 -11.42 -33.94
N ILE P 32 -12.61 -12.36 -33.43
CA ILE P 32 -13.01 -13.76 -33.46
C ILE P 32 -14.25 -13.96 -32.63
N ILE P 33 -14.21 -13.58 -31.36
CA ILE P 33 -15.32 -13.83 -30.45
C ILE P 33 -16.38 -12.76 -30.59
N GLY P 34 -16.10 -11.71 -31.36
CA GLY P 34 -17.12 -10.71 -31.63
C GLY P 34 -18.00 -11.09 -32.79
N TYR P 35 -17.39 -11.51 -33.90
CA TYR P 35 -18.14 -11.85 -35.10
C TYR P 35 -18.96 -13.13 -34.90
N ALA P 36 -18.48 -14.02 -34.03
CA ALA P 36 -19.11 -15.33 -33.90
C ALA P 36 -20.44 -15.26 -33.17
N ARG P 37 -20.84 -14.08 -32.71
CA ARG P 37 -22.23 -13.87 -32.31
C ARG P 37 -23.05 -13.29 -33.44
N ASN P 38 -22.58 -12.18 -34.02
CA ASN P 38 -23.40 -11.32 -34.86
C ASN P 38 -22.75 -11.19 -36.23
N PRO P 39 -23.13 -12.01 -37.20
CA PRO P 39 -22.56 -11.87 -38.56
C PRO P 39 -23.04 -10.61 -39.28
N SER P 40 -22.38 -9.51 -38.93
CA SER P 40 -22.51 -8.22 -39.57
C SER P 40 -21.13 -7.75 -40.00
N LEU P 41 -20.42 -8.63 -40.71
CA LEU P 41 -18.97 -8.59 -40.80
C LEU P 41 -18.46 -7.41 -41.60
N LYS P 42 -18.85 -7.31 -42.88
CA LYS P 42 -18.32 -6.31 -43.81
C LYS P 42 -18.65 -4.88 -43.40
N GLN P 43 -19.63 -4.71 -42.52
CA GLN P 43 -19.94 -3.42 -41.91
C GLN P 43 -18.97 -3.14 -40.76
N GLN P 44 -19.33 -2.21 -39.88
CA GLN P 44 -18.34 -1.53 -39.03
C GLN P 44 -17.76 -2.41 -37.93
N LEU P 45 -17.99 -3.73 -37.96
CA LEU P 45 -17.24 -4.63 -37.11
C LEU P 45 -15.78 -4.70 -37.55
N PHE P 46 -15.54 -4.98 -38.84
CA PHE P 46 -14.16 -5.11 -39.31
C PHE P 46 -13.52 -3.75 -39.49
N SER P 47 -14.32 -2.73 -39.82
CA SER P 47 -13.76 -1.41 -40.13
C SER P 47 -13.22 -0.75 -38.86
N TYR P 48 -13.70 -1.15 -37.70
CA TYR P 48 -13.15 -0.63 -36.46
C TYR P 48 -11.88 -1.34 -36.05
N ALA P 49 -11.78 -2.64 -36.35
CA ALA P 49 -10.57 -3.38 -35.98
C ALA P 49 -9.39 -2.98 -36.85
N ILE P 50 -9.65 -2.37 -38.01
CA ILE P 50 -8.59 -1.80 -38.81
C ILE P 50 -8.00 -0.59 -38.10
N LEU P 51 -8.86 0.26 -37.54
CA LEU P 51 -8.42 1.50 -36.92
C LEU P 51 -7.64 1.23 -35.64
N GLY P 52 -8.04 0.21 -34.89
CA GLY P 52 -7.34 -0.09 -33.65
C GLY P 52 -5.95 -0.62 -33.88
N PHE P 53 -5.72 -1.25 -35.03
CA PHE P 53 -4.39 -1.78 -35.33
C PHE P 53 -3.43 -0.66 -35.69
N ALA P 54 -3.79 0.16 -36.68
CA ALA P 54 -2.87 1.16 -37.23
C ALA P 54 -2.59 2.27 -36.24
N LEU P 55 -3.48 2.49 -35.29
CA LEU P 55 -3.22 3.45 -34.23
C LEU P 55 -2.22 2.89 -33.24
N SER P 56 -2.38 1.62 -32.84
CA SER P 56 -1.56 1.06 -31.78
C SER P 56 -0.16 0.72 -32.27
N GLU P 57 -0.04 0.25 -33.52
CA GLU P 57 1.28 -0.09 -34.03
C GLU P 57 2.07 1.17 -34.36
N ALA P 58 1.38 2.27 -34.62
CA ALA P 58 2.06 3.55 -34.83
C ALA P 58 2.71 4.02 -33.54
N MET P 59 2.06 3.78 -32.40
CA MET P 59 2.67 4.14 -31.12
C MET P 59 3.77 3.16 -30.76
N GLY P 60 3.75 1.98 -31.34
CA GLY P 60 4.92 1.12 -31.28
C GLY P 60 5.99 1.56 -32.26
N LEU P 61 5.58 2.07 -33.42
CA LEU P 61 6.55 2.46 -34.44
C LEU P 61 7.26 3.74 -34.06
N PHE P 62 6.60 4.64 -33.33
CA PHE P 62 7.28 5.83 -32.83
C PHE P 62 8.27 5.47 -31.74
N CYS P 63 8.04 4.36 -31.04
CA CYS P 63 9.03 3.87 -30.09
C CYS P 63 10.26 3.34 -30.81
N LEU P 64 10.10 2.89 -32.05
CA LEU P 64 11.26 2.50 -32.84
C LEU P 64 11.91 3.71 -33.48
N MET P 65 11.16 4.81 -33.63
CA MET P 65 11.74 6.02 -34.20
C MET P 65 12.74 6.66 -33.25
N VAL P 66 12.47 6.59 -31.95
CA VAL P 66 13.42 7.13 -30.99
C VAL P 66 14.62 6.21 -30.84
N ALA P 67 14.47 4.94 -31.25
CA ALA P 67 15.61 4.02 -31.23
C ALA P 67 16.64 4.41 -32.27
N PHE P 68 16.21 5.07 -33.34
CA PHE P 68 17.15 5.49 -34.37
C PHE P 68 17.90 6.74 -33.96
N LEU P 69 17.23 7.65 -33.23
CA LEU P 69 17.89 8.89 -32.82
C LEU P 69 18.91 8.62 -31.72
N ILE P 70 18.64 7.64 -30.86
CA ILE P 70 19.67 7.16 -29.94
C ILE P 70 20.77 6.46 -30.74
N LEU P 71 20.41 5.78 -31.81
CA LEU P 71 21.42 5.18 -32.67
C LEU P 71 22.16 6.23 -33.47
N PHE P 72 21.45 7.26 -33.91
CA PHE P 72 22.08 8.32 -34.71
C PHE P 72 21.82 9.69 -34.10
N ILE Q 1 36.34 -2.94 -24.35
CA ILE Q 1 35.30 -1.96 -24.08
C ILE Q 1 34.46 -1.80 -25.34
N ASP Q 2 35.09 -2.02 -26.49
CA ASP Q 2 34.36 -1.91 -27.75
C ASP Q 2 33.48 -3.15 -27.99
N THR Q 3 33.81 -4.26 -27.34
CA THR Q 3 33.02 -5.47 -27.51
C THR Q 3 31.82 -5.47 -26.56
N ALA Q 4 31.89 -4.71 -25.47
CA ALA Q 4 30.89 -4.83 -24.42
C ALA Q 4 29.59 -4.15 -24.80
N ALA Q 5 29.67 -3.11 -25.64
CA ALA Q 5 28.46 -2.43 -26.09
C ALA Q 5 27.75 -3.23 -27.17
N LYS Q 6 28.41 -4.24 -27.73
CA LYS Q 6 27.76 -5.11 -28.71
C LYS Q 6 26.76 -6.03 -28.06
N PHE Q 7 27.02 -6.44 -26.81
CA PHE Q 7 26.25 -7.53 -26.24
C PHE Q 7 25.10 -7.03 -25.40
N ILE Q 8 25.22 -5.84 -24.82
CA ILE Q 8 24.06 -5.21 -24.19
C ILE Q 8 23.00 -4.89 -25.24
N GLY Q 9 23.43 -4.38 -26.40
CA GLY Q 9 22.51 -4.20 -27.50
C GLY Q 9 22.02 -5.51 -28.08
N ALA Q 10 22.77 -6.59 -27.85
CA ALA Q 10 22.29 -7.92 -28.23
C ALA Q 10 21.31 -8.46 -27.21
N GLY Q 11 21.62 -8.28 -25.92
CA GLY Q 11 20.78 -8.87 -24.90
C GLY Q 11 19.49 -8.10 -24.67
N ALA Q 12 19.56 -6.77 -24.69
CA ALA Q 12 18.40 -5.98 -24.33
C ALA Q 12 17.39 -5.87 -25.47
N ALA Q 13 17.86 -6.02 -26.71
CA ALA Q 13 16.94 -5.89 -27.83
C ALA Q 13 16.16 -7.17 -28.05
N THR Q 14 16.70 -8.30 -27.60
CA THR Q 14 16.07 -9.59 -27.86
C THR Q 14 14.89 -9.79 -26.92
N VAL Q 15 14.85 -9.00 -25.83
CA VAL Q 15 13.81 -9.00 -24.81
C VAL Q 15 12.42 -8.77 -25.40
N GLY Q 16 12.35 -7.92 -26.42
CA GLY Q 16 11.05 -7.45 -26.89
C GLY Q 16 10.31 -8.49 -27.72
N VAL Q 17 10.96 -9.62 -28.01
CA VAL Q 17 10.31 -10.69 -28.76
C VAL Q 17 9.41 -11.49 -27.83
N ALA Q 18 9.49 -11.22 -26.53
CA ALA Q 18 8.64 -11.88 -25.55
C ALA Q 18 7.21 -11.39 -25.67
N GLY Q 19 7.04 -10.10 -26.00
CA GLY Q 19 5.72 -9.51 -25.99
C GLY Q 19 4.81 -10.06 -27.06
N SER Q 20 5.33 -10.23 -28.29
CA SER Q 20 4.49 -10.73 -29.37
C SER Q 20 4.27 -12.22 -29.25
N GLY Q 21 5.12 -12.91 -28.49
CA GLY Q 21 4.84 -14.28 -28.16
C GLY Q 21 3.68 -14.42 -27.19
N ALA Q 22 3.42 -13.36 -26.43
CA ALA Q 22 2.25 -13.36 -25.55
C ALA Q 22 0.99 -13.07 -26.33
N GLY Q 23 1.12 -12.41 -27.48
CA GLY Q 23 -0.05 -11.99 -28.22
C GLY Q 23 -0.70 -13.12 -29.00
N ILE Q 24 0.11 -14.06 -29.50
CA ILE Q 24 -0.43 -15.13 -30.32
C ILE Q 24 -1.00 -16.23 -29.45
N GLY Q 25 -0.85 -16.11 -28.14
CA GLY Q 25 -1.60 -16.97 -27.25
C GLY Q 25 -3.02 -16.49 -27.08
N THR Q 26 -3.23 -15.18 -27.25
CA THR Q 26 -4.57 -14.62 -27.18
C THR Q 26 -5.40 -15.03 -28.39
N VAL Q 27 -4.84 -14.85 -29.59
CA VAL Q 27 -5.64 -15.02 -30.80
C VAL Q 27 -5.91 -16.50 -31.05
N PHE Q 28 -5.02 -17.37 -30.60
CA PHE Q 28 -5.28 -18.79 -30.72
C PHE Q 28 -6.07 -19.28 -29.53
N GLY Q 29 -6.09 -18.49 -28.46
CA GLY Q 29 -7.01 -18.79 -27.39
C GLY Q 29 -8.42 -18.37 -27.74
N SER Q 30 -8.55 -17.32 -28.56
CA SER Q 30 -9.86 -16.76 -28.82
C SER Q 30 -10.57 -17.52 -29.94
N MET Q 31 -9.81 -18.23 -30.77
CA MET Q 31 -10.41 -19.04 -31.82
C MET Q 31 -11.03 -20.29 -31.24
N ILE Q 32 -10.61 -20.70 -30.05
CA ILE Q 32 -11.22 -21.87 -29.43
C ILE Q 32 -12.58 -21.51 -28.88
N ILE Q 33 -12.74 -20.28 -28.40
CA ILE Q 33 -14.00 -19.91 -27.77
C ILE Q 33 -14.97 -19.36 -28.80
N GLY Q 34 -14.46 -18.79 -29.90
CA GLY Q 34 -15.34 -18.33 -30.94
C GLY Q 34 -15.98 -19.48 -31.71
N TYR Q 35 -15.25 -20.59 -31.85
CA TYR Q 35 -15.79 -21.74 -32.55
C TYR Q 35 -16.88 -22.42 -31.74
N ALA Q 36 -16.81 -22.33 -30.41
CA ALA Q 36 -17.74 -23.10 -29.58
C ALA Q 36 -19.12 -22.47 -29.55
N ARG Q 37 -19.27 -21.25 -30.08
CA ARG Q 37 -20.60 -20.71 -30.34
C ARG Q 37 -21.16 -21.27 -31.64
N ASN Q 38 -20.49 -20.98 -32.74
CA ASN Q 38 -21.07 -20.99 -34.07
C ASN Q 38 -20.14 -21.80 -34.97
N PRO Q 39 -20.35 -23.10 -35.12
CA PRO Q 39 -19.48 -23.90 -36.02
C PRO Q 39 -19.66 -23.55 -37.49
N SER Q 40 -19.12 -22.40 -37.86
CA SER Q 40 -18.88 -21.95 -39.21
C SER Q 40 -17.39 -21.76 -39.40
N LEU Q 41 -16.64 -22.77 -38.97
CA LEU Q 41 -15.25 -22.58 -38.60
C LEU Q 41 -14.34 -22.45 -39.81
N LYS Q 42 -14.57 -23.26 -40.84
CA LYS Q 42 -13.65 -23.28 -41.98
C LYS Q 42 -13.81 -22.03 -42.85
N GLN Q 43 -14.84 -21.24 -42.59
CA GLN Q 43 -15.00 -19.90 -43.15
C GLN Q 43 -14.16 -18.91 -42.37
N GLN Q 44 -14.47 -17.62 -42.48
CA GLN Q 44 -13.58 -16.56 -42.00
C GLN Q 44 -13.40 -16.52 -40.48
N LEU Q 45 -13.97 -17.47 -39.74
CA LEU Q 45 -13.64 -17.62 -38.32
C LEU Q 45 -12.17 -18.01 -38.13
N PHE Q 46 -11.76 -19.12 -38.72
CA PHE Q 46 -10.38 -19.56 -38.60
C PHE Q 46 -9.45 -18.69 -39.44
N SER Q 47 -9.96 -18.13 -40.52
CA SER Q 47 -9.10 -17.34 -41.41
C SER Q 47 -8.72 -16.01 -40.79
N TYR Q 48 -9.52 -15.52 -39.85
CA TYR Q 48 -9.15 -14.30 -39.14
C TYR Q 48 -8.06 -14.55 -38.11
N ALA Q 49 -7.93 -15.80 -37.66
CA ALA Q 49 -6.81 -16.13 -36.78
C ALA Q 49 -5.49 -16.06 -37.53
N ILE Q 50 -5.45 -16.63 -38.74
CA ILE Q 50 -4.21 -16.60 -39.53
C ILE Q 50 -3.99 -15.21 -40.12
N LEU Q 51 -5.06 -14.42 -40.20
CA LEU Q 51 -4.88 -12.98 -40.36
C LEU Q 51 -4.15 -12.39 -39.18
N GLY Q 52 -4.59 -12.71 -37.96
CA GLY Q 52 -4.06 -12.01 -36.80
C GLY Q 52 -2.71 -12.53 -36.37
N PHE Q 53 -2.51 -13.84 -36.49
CA PHE Q 53 -1.25 -14.45 -36.12
C PHE Q 53 -0.09 -13.95 -36.98
N ALA Q 54 -0.32 -13.72 -38.26
CA ALA Q 54 0.76 -13.22 -39.10
C ALA Q 54 1.04 -11.75 -38.81
N LEU Q 55 0.06 -11.04 -38.26
CA LEU Q 55 0.23 -9.61 -38.09
C LEU Q 55 0.90 -9.29 -36.77
N SER Q 56 0.73 -10.15 -35.77
CA SER Q 56 1.39 -9.93 -34.50
C SER Q 56 2.85 -10.37 -34.55
N GLU Q 57 3.11 -11.49 -35.22
CA GLU Q 57 4.48 -12.00 -35.36
C GLU Q 57 5.31 -11.08 -36.24
N ALA Q 58 4.66 -10.32 -37.13
CA ALA Q 58 5.36 -9.35 -37.96
C ALA Q 58 5.90 -8.21 -37.11
N MET Q 59 5.21 -7.89 -36.03
CA MET Q 59 5.74 -6.89 -35.10
C MET Q 59 6.90 -7.46 -34.29
N GLY Q 60 6.78 -8.72 -33.86
CA GLY Q 60 7.82 -9.29 -33.03
C GLY Q 60 9.10 -9.56 -33.80
N LEU Q 61 8.96 -9.94 -35.07
CA LEU Q 61 10.13 -10.05 -35.91
C LEU Q 61 10.72 -8.68 -36.21
N PHE Q 62 9.87 -7.65 -36.27
CA PHE Q 62 10.36 -6.29 -36.47
C PHE Q 62 11.14 -5.81 -35.26
N CYS Q 63 10.80 -6.35 -34.09
CA CYS Q 63 11.63 -6.14 -32.91
C CYS Q 63 12.95 -6.88 -33.03
N LEU Q 64 12.91 -8.11 -33.54
CA LEU Q 64 14.10 -8.93 -33.57
C LEU Q 64 15.04 -8.52 -34.69
N MET Q 65 14.55 -7.73 -35.64
CA MET Q 65 15.38 -7.34 -36.78
C MET Q 65 16.43 -6.31 -36.40
N VAL Q 66 16.18 -5.53 -35.35
CA VAL Q 66 17.19 -4.56 -34.93
C VAL Q 66 18.31 -5.24 -34.17
N ALA Q 67 18.06 -6.47 -33.70
CA ALA Q 67 19.10 -7.21 -32.99
C ALA Q 67 20.20 -7.64 -33.95
N PHE Q 68 19.87 -7.81 -35.23
CA PHE Q 68 20.89 -8.17 -36.20
C PHE Q 68 21.51 -6.94 -36.84
N LEU Q 69 20.83 -5.80 -36.76
CA LEU Q 69 21.44 -4.57 -37.26
C LEU Q 69 22.42 -3.99 -36.25
N ILE Q 70 22.00 -3.90 -34.99
CA ILE Q 70 22.80 -3.17 -34.00
C ILE Q 70 23.96 -4.03 -33.52
N LEU Q 71 23.87 -5.35 -33.69
CA LEU Q 71 25.02 -6.18 -33.35
C LEU Q 71 26.05 -6.10 -34.47
N PHE Q 72 25.59 -5.88 -35.69
CA PHE Q 72 26.48 -5.86 -36.83
C PHE Q 72 26.39 -4.55 -37.59
N UNK R 1 -11.12 -14.95 -21.93
CA UNK R 1 -10.41 -14.36 -23.05
C UNK R 1 -10.62 -12.85 -23.09
N UNK R 2 -11.62 -12.37 -22.38
CA UNK R 2 -11.89 -10.95 -22.32
C UNK R 2 -10.88 -10.28 -21.41
N UNK R 3 -10.47 -11.02 -20.38
CA UNK R 3 -9.59 -10.49 -19.36
C UNK R 3 -8.15 -10.93 -19.58
N UNK R 4 -7.92 -11.56 -20.72
CA UNK R 4 -6.61 -12.10 -21.03
C UNK R 4 -5.70 -11.08 -21.68
N UNK R 5 -6.30 -10.13 -22.39
CA UNK R 5 -5.54 -9.19 -23.19
C UNK R 5 -4.81 -8.22 -22.30
N UNK R 6 -5.43 -7.87 -21.19
CA UNK R 6 -4.77 -7.05 -20.18
C UNK R 6 -3.72 -7.90 -19.50
N UNK R 7 -4.01 -9.19 -19.35
CA UNK R 7 -3.07 -10.15 -18.76
C UNK R 7 -1.93 -10.39 -19.75
N UNK R 8 -2.25 -10.29 -21.03
CA UNK R 8 -1.24 -10.36 -22.09
C UNK R 8 -0.42 -9.07 -22.03
N UNK R 9 -1.11 -7.97 -21.70
CA UNK R 9 -0.48 -6.66 -21.55
C UNK R 9 0.13 -6.52 -20.18
N UNK R 10 -0.09 -7.52 -19.34
CA UNK R 10 0.54 -7.59 -18.05
C UNK R 10 1.89 -8.25 -18.16
N UNK R 11 2.03 -9.18 -19.11
CA UNK R 11 3.33 -9.71 -19.47
C UNK R 11 3.72 -9.19 -20.86
N UNK R 12 3.26 -7.97 -21.15
CA UNK R 12 3.83 -7.13 -22.20
C UNK R 12 4.44 -5.91 -21.51
N UNK R 13 3.93 -5.62 -20.31
CA UNK R 13 4.47 -4.60 -19.42
C UNK R 13 5.54 -5.19 -18.50
N UNK R 14 5.53 -6.52 -18.40
CA UNK R 14 6.54 -7.25 -17.67
C UNK R 14 7.63 -7.69 -18.60
N UNK R 15 7.24 -8.00 -19.84
CA UNK R 15 8.18 -8.38 -20.89
C UNK R 15 9.11 -7.23 -21.20
N UNK R 16 8.52 -6.06 -21.42
CA UNK R 16 9.25 -4.85 -21.74
C UNK R 16 10.07 -4.28 -20.58
N UNK R 17 9.77 -4.72 -19.38
CA UNK R 17 10.28 -4.13 -18.15
C UNK R 17 11.79 -4.29 -17.96
N UNK R 18 12.29 -5.49 -18.18
CA UNK R 18 13.67 -5.82 -17.85
C UNK R 18 14.70 -5.23 -18.81
N UNK R 19 14.23 -4.67 -19.92
CA UNK R 19 15.11 -4.11 -20.95
C UNK R 19 15.81 -2.84 -20.49
N UNK R 20 15.07 -1.97 -19.79
CA UNK R 20 15.62 -0.74 -19.27
C UNK R 20 16.55 -1.05 -18.10
N UNK R 21 16.30 -2.17 -17.43
CA UNK R 21 17.22 -2.72 -16.45
C UNK R 21 18.40 -3.36 -17.14
N UNK R 22 18.13 -4.01 -18.28
CA UNK R 22 19.20 -4.58 -19.11
C UNK R 22 20.03 -3.45 -19.71
N UNK R 23 19.38 -2.32 -19.94
CA UNK R 23 20.07 -1.09 -20.26
C UNK R 23 20.87 -0.64 -19.04
N UNK R 24 20.22 -0.67 -17.88
CA UNK R 24 20.85 -0.21 -16.65
C UNK R 24 21.98 -1.13 -16.18
N UNK R 25 21.81 -2.45 -16.29
CA UNK R 25 22.80 -3.38 -15.77
C UNK R 25 24.03 -3.41 -16.66
N UNK R 26 23.89 -2.91 -17.88
CA UNK R 26 25.04 -2.73 -18.75
C UNK R 26 25.59 -1.32 -18.62
N UNK R 27 24.78 -0.40 -18.10
CA UNK R 27 25.15 1.02 -18.03
C UNK R 27 26.31 1.22 -17.07
N UNK R 28 26.17 0.65 -15.88
CA UNK R 28 27.23 0.66 -14.90
C UNK R 28 28.34 -0.28 -15.35
N UNK R 29 27.99 -1.30 -16.12
CA UNK R 29 29.00 -2.18 -16.70
C UNK R 29 29.77 -1.43 -17.79
N UNK R 30 29.08 -0.59 -18.55
CA UNK R 30 29.77 0.26 -19.53
C UNK R 30 30.56 1.34 -18.81
N UNK R 31 30.07 1.77 -17.66
CA UNK R 31 30.74 2.78 -16.87
C UNK R 31 32.00 2.21 -16.22
N UNK R 32 31.90 1.00 -15.68
CA UNK R 32 33.03 0.37 -14.99
C UNK R 32 34.07 -0.11 -15.98
N UNK R 33 33.65 -0.32 -17.22
CA UNK R 33 34.57 -0.58 -18.31
C UNK R 33 35.38 0.69 -18.58
N UNK R 34 34.71 1.83 -18.49
CA UNK R 34 35.35 3.12 -18.68
C UNK R 34 36.00 3.58 -17.37
N UNK R 35 35.65 2.94 -16.27
CA UNK R 35 36.27 3.23 -14.99
C UNK R 35 37.38 2.23 -14.71
N UNK R 36 37.89 1.60 -15.76
CA UNK R 36 38.96 0.63 -15.62
C UNK R 36 40.26 1.15 -16.24
N UNK R 37 40.14 2.07 -17.20
CA UNK R 37 41.31 2.61 -17.90
C UNK R 37 41.15 4.08 -18.27
N UNK R 38 39.98 4.45 -18.78
CA UNK R 38 39.71 5.82 -19.21
C UNK R 38 39.62 6.78 -18.03
N UNK R 39 39.24 6.26 -16.86
CA UNK R 39 39.09 7.09 -15.67
C UNK R 39 40.42 7.28 -14.94
N UNK R 40 40.85 6.23 -14.25
CA UNK R 40 42.06 6.21 -13.41
C UNK R 40 42.09 7.34 -12.37
N UNK R 41 41.34 7.16 -11.30
CA UNK R 41 41.26 8.17 -10.25
C UNK R 41 41.84 7.66 -8.94
N UNK R 42 42.46 8.56 -8.17
CA UNK R 42 43.04 8.21 -6.88
C UNK R 42 43.14 9.44 -5.98
#